data_7OVB
#
_entry.id   7OVB
#
_cell.length_a   1.00
_cell.length_b   1.00
_cell.length_c   1.00
_cell.angle_alpha   90.00
_cell.angle_beta   90.00
_cell.angle_gamma   90.00
#
_symmetry.space_group_name_H-M   'P 1'
#
loop_
_entity.id
_entity.type
_entity.pdbx_description
1 polymer 'IcmO (DotL)'
2 polymer 'IcmP (DotM)'
3 polymer 'IcmJ (DotN)'
4 polymer DotZ
5 polymer DotY
6 non-polymer 'ZINC ION'
#
loop_
_entity_poly.entity_id
_entity_poly.type
_entity_poly.pdbx_seq_one_letter_code
_entity_poly.pdbx_strand_id
1 'polypeptide(L)'
;MMRGIDSRHELDPTLLLRDTRTFTQRLADFFADPTNISIVLISLAAVSYYFSEAATFLLIMGGIFFLYSYTRKQKLPFRL
PQISRAKDYNDLKPGINKPNIARGITFFGNDRKTGEELWFANDDMRTHALIFGSTGSGKTETLVSLSYNALVQGSGFIYV
DGKGDNSLYAKVFSMVRSMGREDDLLLINFMTGARDIVGPQEKRLSNTLNPFCQGSSSMLTQLVVSLMGSSGQSSDGDMW
KGRAIAFVEALMRLLVYMRDEGAILLDANTIRNYFDLQRLESIVIDKVFPRDDQESVNIETIPKLVTDPLRNYLNTLPGY
NKEKKGKQVSQVLEQHGFITMQLVRSFSSLADTYGHIIRTNLAEVDFKDVVLNRRILVVLLPALEKSPDELSNLGKIIVS
SLKAMMAAGLGEEVEGDYRDVILRKPTNAPTPYMCILDEYGYYAVQGFAVVPAQARSLGFSAIFAGQDLPAFQKASKEEA
ASIGANTNIKICMKLEDPTETWDFFTKTAGEAYVTKVDSFQTKETSIANSYMDTKSSSFEKRARVDLLDLKEQTEGEAHI
FFKSKIVRARMFYANPKPVKQLKINQFLKVEPPPDDYLMKLQKQLASFQSILESGDLSINKAVENEEITLISKALKESTI
VEPIERGVAALIAFHGQNEPEPVEDIVEEEVEGALTIFSKLRIDPNAPPILVADKEVFSEPLLPINETRNQMITIERLAG
AKDKYAGTVANELIKDFQIATSYPPEERDVIDVQELTGIIRDLSAKISAEREKANKKAAEELT
;
A
2 'polypeptide(L)'
;MYIEMAQQQQQSGSDNSMAPVWIVILLFITAYFVWALAHQYIVSFVFTINIWQARLVNLFLNNQLLANQIYLMQTLDPNT
VNWDQMVTVMRAVGDYMRYPVICILVVLAFVLYNSNVTLKYRKTYDMKSLRAQEQFNWPAIMPIVKEDLVSQDVNKGPWA
MALTPMEFARKYNLLRKDDALLDNPVPGEEMTAGIRRGDAKRVFTMQLGPYWDGFERCSPQAYALSAVFMARMNRDRDAA
NNILKVLDKTFVDGKPDFSVARPVMKKYQNSELVQEVVAKHAYVLTVIASLLEAAREDGVVPSSEFLWLKPVDRRLWYML
NCVGRQTPYSEVAGPFAHWKAEKEMGRRSLVPMIDEAIRALEIAVKEVRLTPRQMEELEP
;
B
3 'polypeptide(L)'
;MADNQQRCELKLIASPGSWRLYSARKIDERFKSYEQKIFQRDRYTCQFCGFQARLYQDIVNLDGDYTNNRLSNLVTACCF
CAQCFFVESVGVGGYGGGTLIYLPELTQAELNSLCHVLFCAITNDTGYKSSAQNIYRSFKFRSQIVEEKFGEGTSDPAIF
GQLMIDSGVNSEEIREKLFKNIRLLPSRAKFRKQIEKWAASALEEIAD
;
C
4 'polypeptide(L)'
;MDEIKKDDELSQWLSTYGTITAERILGRYNISLPQDEILEAINIPSSFYRHLLQIPLKNVLNGIVIQQASDYHVYAQKLL
IDYLLSGESSKEPDSQGAGTRESLEDERQRLVQLGDEFHKLELEQDNLIASSQASLMKISIDWNTKLETTLSKLNSLYKN
TNSKIKKNAIRKALIKAFIHCDLVKDQSQKNKYQLIDKLNQTLAVSVGAELKESILTNLSELFQILEALNTKLDEFTDRT
NHLSQQAKSFRTQFYEVILRIIELIKLLPEYKIDPAQDAINREPLYFDRTIGER
;
D
5 'polypeptide(L)'
;MPKYTLPTRDALLKAMQVGETSIEAAEYMATRFEQILTKAKLLPECNDMLEKIKEYAQFVKFKLLSSAQVWSGQERPTSD
YQNTQENKAEFLASHLEGLPSGLKLEVAIGDDAKILRGFSSNGKMVEGDQLKTMDGLLEGWLAKNSLAISGGAVVKIDNT
GNQTKVDPQEIRQLINDSEKGVAKYFADKGVGMEVAQRTYQEPKALETKREEIRQEIESGAEAPTTQSIR
;
E
#
loop_
_chem_comp.id
_chem_comp.type
_chem_comp.name
_chem_comp.formula
ZN non-polymer 'ZINC ION' 'Zn 2'
#
# COMPACT_ATOMS: atom_id res chain seq x y z
N GLY A 104 30.14 -49.48 5.70
CA GLY A 104 29.84 -48.33 6.53
C GLY A 104 29.22 -47.20 5.74
N ILE A 105 29.01 -46.06 6.40
CA ILE A 105 28.40 -44.89 5.77
C ILE A 105 29.35 -43.70 5.72
N THR A 106 30.10 -43.46 6.79
CA THR A 106 30.88 -42.26 6.94
C THR A 106 32.37 -42.57 6.87
N PHE A 107 33.06 -41.88 5.96
CA PHE A 107 34.48 -42.06 5.70
C PHE A 107 35.29 -41.12 6.57
N PHE A 108 36.27 -41.65 7.29
CA PHE A 108 37.30 -40.82 7.90
C PHE A 108 38.63 -40.93 7.19
N GLY A 109 39.23 -42.11 7.09
CA GLY A 109 40.50 -42.08 6.40
C GLY A 109 41.15 -43.43 6.32
N ASN A 110 42.37 -43.39 5.81
CA ASN A 110 43.17 -44.55 5.46
C ASN A 110 44.22 -44.76 6.53
N ASP A 111 44.37 -46.01 6.96
CA ASP A 111 45.45 -46.36 7.89
C ASP A 111 46.80 -45.92 7.36
N ARG A 112 47.57 -45.24 8.22
CA ARG A 112 48.87 -44.74 7.80
C ARG A 112 49.86 -45.87 7.57
N LYS A 113 49.70 -46.99 8.27
CA LYS A 113 50.66 -48.08 8.18
C LYS A 113 50.44 -48.91 6.92
N THR A 114 49.26 -49.48 6.77
CA THR A 114 49.00 -50.50 5.76
C THR A 114 48.39 -49.95 4.49
N GLY A 115 47.30 -49.19 4.58
CA GLY A 115 46.66 -48.67 3.39
C GLY A 115 45.27 -49.21 3.13
N GLU A 116 44.51 -49.47 4.20
CA GLU A 116 43.13 -49.88 4.08
C GLU A 116 42.24 -48.93 4.88
N GLU A 117 41.23 -48.38 4.21
CA GLU A 117 40.53 -47.24 4.76
C GLU A 117 39.68 -47.63 5.95
N LEU A 118 39.43 -46.66 6.81
CA LEU A 118 38.59 -46.84 7.99
C LEU A 118 37.37 -45.95 7.84
N TRP A 119 36.22 -46.58 7.58
CA TRP A 119 34.94 -45.90 7.63
C TRP A 119 34.41 -45.91 9.06
N PHE A 120 33.21 -45.38 9.23
CA PHE A 120 32.44 -45.62 10.43
C PHE A 120 30.98 -45.82 10.06
N ALA A 121 30.21 -46.34 11.00
CA ALA A 121 28.80 -46.63 10.77
C ALA A 121 27.92 -45.74 11.63
N ASN A 122 26.63 -45.74 11.30
CA ASN A 122 25.68 -44.83 11.93
C ASN A 122 25.57 -45.06 13.44
N ASP A 123 25.52 -46.32 13.88
CA ASP A 123 25.31 -46.58 15.29
C ASP A 123 26.41 -45.98 16.16
N ASP A 124 27.68 -46.16 15.79
CA ASP A 124 28.74 -45.48 16.54
C ASP A 124 28.69 -43.98 16.34
N MET A 125 28.69 -43.53 15.09
CA MET A 125 28.78 -42.10 14.84
C MET A 125 27.65 -41.33 15.53
N ARG A 126 26.52 -41.98 15.79
CA ARG A 126 25.52 -41.31 16.61
C ARG A 126 26.07 -41.00 17.99
N THR A 127 26.88 -41.87 18.55
CA THR A 127 27.64 -41.48 19.73
C THR A 127 28.65 -40.43 19.33
N HIS A 128 28.82 -39.43 20.18
CA HIS A 128 29.58 -38.25 19.80
C HIS A 128 31.05 -38.56 19.61
N ALA A 129 31.75 -37.67 18.93
CA ALA A 129 33.20 -37.77 18.79
C ALA A 129 33.87 -36.62 19.53
N LEU A 130 35.19 -36.68 19.63
CA LEU A 130 35.93 -35.74 20.47
C LEU A 130 37.37 -35.69 20.00
N ILE A 131 37.82 -34.53 19.54
CA ILE A 131 39.13 -34.39 18.91
C ILE A 131 40.03 -33.48 19.74
N PHE A 132 41.30 -33.86 19.86
CA PHE A 132 42.27 -33.10 20.62
C PHE A 132 43.46 -32.83 19.72
N GLY A 133 43.84 -31.56 19.58
CA GLY A 133 44.98 -31.22 18.75
C GLY A 133 45.31 -29.74 18.82
N SER A 134 46.58 -29.43 18.64
CA SER A 134 47.04 -28.06 18.67
C SER A 134 46.53 -27.29 17.46
N THR A 135 46.71 -25.97 17.49
CA THR A 135 46.22 -25.10 16.42
C THR A 135 47.13 -25.09 15.21
N GLY A 136 48.36 -25.57 15.31
CA GLY A 136 49.23 -25.64 14.16
C GLY A 136 49.19 -27.02 13.52
N SER A 137 48.29 -27.87 14.02
CA SER A 137 48.17 -29.23 13.56
C SER A 137 47.27 -29.38 12.35
N GLY A 138 46.47 -28.37 12.04
CA GLY A 138 45.53 -28.46 10.93
C GLY A 138 44.24 -29.14 11.32
N LYS A 139 43.61 -28.65 12.39
CA LYS A 139 42.39 -29.28 12.87
C LYS A 139 41.15 -28.69 12.22
N THR A 140 41.24 -27.51 11.62
CA THR A 140 40.05 -26.90 11.04
C THR A 140 39.65 -27.57 9.74
N GLU A 141 40.62 -28.00 8.93
CA GLU A 141 40.26 -28.76 7.73
C GLU A 141 39.57 -30.07 8.07
N THR A 142 39.89 -30.65 9.23
CA THR A 142 39.25 -31.88 9.66
C THR A 142 37.84 -31.65 10.16
N LEU A 143 37.56 -30.46 10.67
CA LEU A 143 36.17 -30.14 10.93
C LEU A 143 35.43 -29.95 9.61
N VAL A 144 36.13 -29.52 8.56
CA VAL A 144 35.45 -29.36 7.28
C VAL A 144 35.43 -30.67 6.50
N SER A 145 36.56 -31.35 6.39
CA SER A 145 36.56 -32.56 5.58
C SER A 145 35.52 -33.56 6.08
N LEU A 146 35.35 -33.66 7.40
CA LEU A 146 34.35 -34.57 7.96
C LEU A 146 32.98 -33.94 7.98
N SER A 147 32.86 -32.71 7.48
CA SER A 147 31.53 -32.18 7.22
C SER A 147 31.11 -32.46 5.78
N TYR A 148 32.06 -32.84 4.94
CA TYR A 148 31.67 -33.37 3.65
C TYR A 148 31.01 -34.72 3.83
N ASN A 149 31.67 -35.56 4.60
CA ASN A 149 31.20 -36.91 4.86
C ASN A 149 29.74 -36.93 5.26
N ALA A 150 29.24 -35.83 5.79
CA ALA A 150 27.83 -35.73 6.15
C ALA A 150 27.06 -34.78 5.27
N LEU A 151 27.68 -34.22 4.25
CA LEU A 151 26.90 -33.47 3.27
C LEU A 151 26.63 -34.30 2.04
N VAL A 152 27.48 -35.29 1.75
CA VAL A 152 27.32 -36.11 0.56
C VAL A 152 26.08 -36.98 0.63
N GLN A 153 25.32 -36.93 1.71
CA GLN A 153 24.12 -37.74 1.82
C GLN A 153 22.95 -36.97 2.40
N GLY A 154 22.91 -35.67 2.19
CA GLY A 154 21.74 -34.93 2.65
C GLY A 154 21.62 -34.84 4.15
N SER A 155 22.49 -34.07 4.78
CA SER A 155 22.49 -33.94 6.23
C SER A 155 23.25 -32.68 6.62
N GLY A 156 22.57 -31.75 7.27
CA GLY A 156 23.16 -30.46 7.51
C GLY A 156 24.01 -30.37 8.75
N PHE A 157 25.32 -30.38 8.61
CA PHE A 157 26.17 -30.16 9.77
C PHE A 157 26.03 -28.74 10.26
N ILE A 158 26.10 -28.55 11.57
CA ILE A 158 26.31 -27.24 12.16
C ILE A 158 27.75 -27.14 12.62
N TYR A 159 28.37 -26.03 12.31
CA TYR A 159 29.79 -25.81 12.42
C TYR A 159 29.93 -24.55 13.26
N VAL A 160 30.58 -24.63 14.40
CA VAL A 160 30.70 -23.48 15.29
C VAL A 160 32.20 -23.28 15.53
N ASP A 161 32.70 -22.10 15.18
CA ASP A 161 34.11 -21.79 15.26
C ASP A 161 34.34 -20.52 16.06
N GLY A 162 35.10 -20.65 17.13
CA GLY A 162 35.59 -19.54 17.92
C GLY A 162 37.10 -19.53 17.91
N LYS A 163 37.70 -19.95 16.80
CA LYS A 163 39.11 -19.71 16.53
C LYS A 163 39.35 -18.37 15.85
N GLY A 164 38.29 -17.58 15.66
CA GLY A 164 38.40 -16.34 14.93
C GLY A 164 38.80 -16.48 13.48
N ASP A 165 38.20 -17.42 12.75
CA ASP A 165 38.51 -17.65 11.34
C ASP A 165 37.47 -16.94 10.48
N ASN A 166 37.94 -16.11 9.57
CA ASN A 166 37.09 -15.47 8.58
C ASN A 166 37.16 -16.16 7.24
N SER A 167 38.25 -16.88 6.98
CA SER A 167 38.42 -17.61 5.74
C SER A 167 37.97 -19.05 5.87
N LEU A 168 36.91 -19.28 6.64
CA LEU A 168 36.24 -20.57 6.61
C LEU A 168 34.97 -20.55 5.80
N TYR A 169 34.14 -19.53 5.96
CA TYR A 169 32.91 -19.51 5.20
C TYR A 169 33.17 -19.43 3.71
N ALA A 170 34.38 -19.07 3.31
CA ALA A 170 34.74 -19.24 1.93
C ALA A 170 34.99 -20.71 1.62
N LYS A 171 35.56 -21.46 2.55
CA LYS A 171 35.71 -22.88 2.29
C LYS A 171 34.36 -23.56 2.15
N VAL A 172 33.47 -23.39 3.14
CA VAL A 172 32.24 -24.15 3.13
C VAL A 172 31.35 -23.78 1.95
N PHE A 173 31.16 -22.49 1.68
CA PHE A 173 30.32 -22.12 0.56
C PHE A 173 30.93 -22.56 -0.77
N SER A 174 32.20 -22.94 -0.77
CA SER A 174 32.74 -23.62 -1.93
C SER A 174 32.64 -25.13 -1.77
N MET A 175 32.12 -25.58 -0.63
CA MET A 175 31.84 -27.00 -0.49
C MET A 175 30.36 -27.28 -0.73
N VAL A 176 29.49 -26.53 -0.07
CA VAL A 176 28.06 -26.68 -0.32
C VAL A 176 27.77 -26.53 -1.80
N ARG A 177 28.01 -25.34 -2.35
CA ARG A 177 27.72 -25.07 -3.75
C ARG A 177 28.11 -26.22 -4.65
N SER A 178 29.09 -27.02 -4.23
CA SER A 178 29.44 -28.18 -5.03
C SER A 178 28.43 -29.30 -4.89
N MET A 179 27.60 -29.29 -3.85
CA MET A 179 26.52 -30.27 -3.72
C MET A 179 25.15 -29.67 -3.92
N GLY A 180 25.05 -28.62 -4.73
CA GLY A 180 23.77 -28.23 -5.28
C GLY A 180 22.87 -27.57 -4.27
N ARG A 181 22.95 -28.02 -3.03
CA ARG A 181 22.05 -27.54 -2.00
C ARG A 181 22.58 -26.25 -1.38
N GLU A 182 22.91 -25.34 -2.29
CA GLU A 182 23.31 -23.98 -1.96
C GLU A 182 22.17 -23.20 -1.35
N ASP A 183 20.93 -23.68 -1.47
CA ASP A 183 19.82 -23.07 -0.77
C ASP A 183 19.75 -23.50 0.68
N ASP A 184 20.45 -24.56 1.04
CA ASP A 184 20.44 -25.06 2.40
C ASP A 184 21.61 -24.47 3.19
N LEU A 185 21.65 -23.15 3.34
CA LEU A 185 22.76 -22.58 4.08
C LEU A 185 22.38 -21.28 4.74
N LEU A 186 22.66 -21.17 6.03
CA LEU A 186 22.44 -19.97 6.79
C LEU A 186 23.74 -19.62 7.48
N LEU A 187 24.02 -18.34 7.64
CA LEU A 187 25.28 -17.92 8.22
C LEU A 187 25.03 -16.76 9.15
N ILE A 188 25.34 -16.95 10.44
CA ILE A 188 25.31 -15.89 11.43
C ILE A 188 26.74 -15.63 11.85
N ASN A 189 27.18 -14.40 11.71
CA ASN A 189 28.58 -14.06 11.91
C ASN A 189 28.66 -13.03 13.02
N PHE A 190 29.39 -13.38 14.07
CA PHE A 190 29.61 -12.55 15.24
C PHE A 190 30.97 -11.85 15.27
N MET A 191 31.96 -12.33 14.52
CA MET A 191 33.24 -11.63 14.52
C MET A 191 33.20 -10.34 13.73
N THR A 192 32.02 -9.83 13.43
CA THR A 192 31.93 -8.55 12.76
C THR A 192 31.80 -7.46 13.82
N GLY A 193 31.44 -6.26 13.37
CA GLY A 193 31.58 -5.09 14.20
C GLY A 193 30.71 -5.10 15.44
N ALA A 194 30.96 -4.09 16.27
CA ALA A 194 30.21 -3.87 17.50
C ALA A 194 29.39 -2.59 17.34
N ARG A 195 28.08 -2.75 17.28
CA ARG A 195 27.12 -1.66 17.10
C ARG A 195 27.47 -0.78 15.91
N ASP A 196 28.22 -1.31 14.95
CA ASP A 196 28.50 -0.61 13.71
C ASP A 196 27.36 -0.71 12.73
N ILE A 197 26.31 -1.44 13.09
CA ILE A 197 25.16 -1.64 12.22
C ILE A 197 23.99 -0.86 12.80
N VAL A 198 23.52 0.11 12.04
CA VAL A 198 22.35 0.89 12.37
C VAL A 198 21.57 1.11 11.10
N GLY A 199 20.24 0.99 11.16
CA GLY A 199 19.39 1.24 10.02
C GLY A 199 19.79 0.45 8.79
N PRO A 200 19.81 1.09 7.65
CA PRO A 200 20.22 0.42 6.42
C PRO A 200 21.64 -0.09 6.46
N GLN A 201 22.04 -0.77 5.40
CA GLN A 201 23.35 -1.38 5.31
C GLN A 201 23.77 -1.44 3.86
N GLU A 202 25.08 -1.32 3.63
CA GLU A 202 25.60 -1.29 2.27
C GLU A 202 25.46 -2.65 1.62
N LYS A 203 25.54 -3.71 2.42
CA LYS A 203 25.49 -5.09 1.95
C LYS A 203 25.09 -5.96 3.12
N ARG A 204 24.25 -6.95 2.87
CA ARG A 204 23.83 -7.80 3.98
C ARG A 204 25.02 -8.58 4.48
N LEU A 205 25.13 -8.74 5.79
CA LEU A 205 26.34 -9.27 6.41
C LEU A 205 26.16 -10.60 7.10
N SER A 206 25.02 -10.86 7.71
CA SER A 206 24.83 -12.08 8.49
C SER A 206 23.35 -12.35 8.65
N ASN A 207 23.01 -13.61 8.88
CA ASN A 207 21.62 -13.99 9.09
C ASN A 207 21.22 -13.68 10.53
N THR A 208 19.93 -13.70 10.80
CA THR A 208 19.45 -13.31 12.10
C THR A 208 19.03 -14.53 12.90
N LEU A 209 19.52 -14.62 14.12
CA LEU A 209 19.26 -15.74 15.02
C LEU A 209 18.55 -15.18 16.24
N ASN A 210 17.46 -15.80 16.66
CA ASN A 210 16.71 -15.29 17.80
C ASN A 210 15.92 -16.41 18.46
N PRO A 211 16.50 -17.13 19.41
CA PRO A 211 15.82 -18.28 20.01
C PRO A 211 14.70 -17.91 20.98
N PHE A 212 14.29 -16.65 21.03
CA PHE A 212 13.33 -16.25 22.03
C PHE A 212 11.96 -15.91 21.45
N CYS A 213 11.75 -16.03 20.15
CA CYS A 213 10.47 -15.57 19.62
C CYS A 213 9.37 -16.63 19.73
N GLN A 214 9.54 -17.76 19.08
CA GLN A 214 8.57 -18.85 19.14
C GLN A 214 8.77 -19.57 20.48
N GLY A 215 7.84 -19.31 21.39
CA GLY A 215 8.04 -19.73 22.77
C GLY A 215 7.26 -20.95 23.19
N SER A 216 7.99 -21.97 23.62
CA SER A 216 7.42 -23.18 24.18
C SER A 216 7.71 -23.34 25.67
N SER A 217 8.10 -22.27 26.34
CA SER A 217 8.43 -22.29 27.76
C SER A 217 9.44 -23.38 28.07
N SER A 218 10.33 -23.64 27.12
CA SER A 218 11.58 -24.34 27.38
C SER A 218 12.74 -23.37 27.48
N MET A 219 12.53 -22.09 27.19
CA MET A 219 13.60 -21.12 27.31
C MET A 219 14.09 -21.01 28.74
N LEU A 220 13.20 -21.18 29.71
CA LEU A 220 13.64 -21.36 31.09
C LEU A 220 14.74 -22.41 31.15
N THR A 221 14.58 -23.49 30.39
CA THR A 221 15.65 -24.47 30.33
C THR A 221 16.88 -23.90 29.64
N GLN A 222 16.72 -22.89 28.77
CA GLN A 222 17.91 -22.34 28.12
C GLN A 222 18.38 -21.07 28.81
N LEU A 223 17.46 -20.21 29.26
CA LEU A 223 17.89 -18.99 29.92
C LEU A 223 18.63 -19.30 31.20
N VAL A 224 18.19 -20.32 31.93
CA VAL A 224 18.92 -20.75 33.11
C VAL A 224 20.28 -21.33 32.73
N VAL A 225 20.41 -21.92 31.53
CA VAL A 225 21.71 -22.47 31.15
C VAL A 225 22.57 -21.47 30.37
N SER A 226 21.95 -20.53 29.63
CA SER A 226 22.71 -19.37 29.16
C SER A 226 23.23 -18.54 30.32
N LEU A 227 22.65 -18.73 31.50
CA LEU A 227 23.22 -18.22 32.75
C LEU A 227 24.59 -18.84 33.02
N MET A 228 24.71 -20.16 32.82
CA MET A 228 25.96 -20.86 33.04
C MET A 228 25.89 -22.28 32.50
N MET A 239 19.95 -17.95 49.40
CA MET A 239 20.69 -18.58 48.31
C MET A 239 20.95 -17.59 47.19
N TRP A 240 22.02 -17.83 46.43
CA TRP A 240 22.26 -16.97 45.27
C TRP A 240 21.90 -17.66 43.96
N LYS A 241 22.55 -18.78 43.63
CA LYS A 241 22.23 -19.43 42.36
C LYS A 241 20.77 -19.83 42.32
N GLY A 242 20.25 -20.34 43.43
CA GLY A 242 18.85 -20.72 43.48
C GLY A 242 17.89 -19.56 43.30
N ARG A 243 18.13 -18.45 44.00
CA ARG A 243 17.26 -17.30 43.84
C ARG A 243 17.38 -16.73 42.43
N ALA A 244 18.50 -17.00 41.76
CA ALA A 244 18.62 -16.61 40.36
C ALA A 244 17.67 -17.39 39.47
N ILE A 245 17.63 -18.72 39.63
CA ILE A 245 16.70 -19.52 38.84
C ILE A 245 15.27 -19.15 39.19
N ALA A 246 15.01 -18.85 40.45
CA ALA A 246 13.65 -18.50 40.85
C ALA A 246 13.18 -17.21 40.18
N PHE A 247 14.02 -16.18 40.13
CA PHE A 247 13.59 -14.89 39.59
C PHE A 247 13.25 -15.02 38.12
N VAL A 248 14.18 -15.56 37.33
CA VAL A 248 13.99 -15.61 35.91
C VAL A 248 12.78 -16.43 35.52
N GLU A 249 12.61 -17.60 36.12
CA GLU A 249 11.59 -18.53 35.69
C GLU A 249 10.22 -17.87 35.70
N ALA A 250 9.99 -16.99 36.67
CA ALA A 250 8.68 -16.38 36.81
C ALA A 250 8.44 -15.31 35.75
N LEU A 251 9.49 -14.55 35.40
CA LEU A 251 9.32 -13.57 34.33
C LEU A 251 8.98 -14.24 33.01
N MET A 252 9.67 -15.34 32.70
CA MET A 252 9.42 -15.99 31.43
C MET A 252 7.95 -16.32 31.24
N ARG A 253 7.33 -16.94 32.25
CA ARG A 253 5.89 -17.18 32.18
C ARG A 253 5.14 -15.87 32.05
N LEU A 254 5.57 -14.83 32.76
CA LEU A 254 4.95 -13.53 32.58
C LEU A 254 5.17 -13.01 31.17
N LEU A 255 6.34 -13.27 30.59
CA LEU A 255 6.64 -12.74 29.27
C LEU A 255 6.25 -13.70 28.15
N VAL A 256 6.64 -14.97 28.22
CA VAL A 256 6.26 -15.85 27.13
C VAL A 256 4.75 -15.91 27.01
N TYR A 257 4.03 -15.90 28.13
CA TYR A 257 2.59 -15.68 28.04
C TYR A 257 2.27 -14.38 27.35
N MET A 258 2.85 -13.28 27.81
CA MET A 258 2.41 -12.00 27.29
C MET A 258 2.71 -11.89 25.80
N ARG A 259 3.68 -12.66 25.31
CA ARG A 259 3.97 -12.65 23.88
C ARG A 259 2.88 -13.29 23.04
N ASP A 260 2.12 -14.23 23.60
CA ASP A 260 1.14 -14.94 22.80
C ASP A 260 0.06 -14.00 22.29
N GLU A 261 -0.12 -12.85 22.95
CA GLU A 261 -1.16 -11.90 22.55
C GLU A 261 -0.73 -10.45 22.57
N GLY A 262 0.27 -10.06 23.37
CA GLY A 262 0.68 -8.68 23.43
C GLY A 262 1.65 -8.32 22.33
N ALA A 263 1.73 -7.02 22.04
CA ALA A 263 2.58 -6.53 20.95
C ALA A 263 4.02 -6.45 21.45
N ILE A 264 4.49 -7.60 21.95
CA ILE A 264 5.80 -7.71 22.56
C ILE A 264 6.60 -8.79 21.87
N LEU A 265 7.67 -8.39 21.20
CA LEU A 265 8.55 -9.34 20.53
C LEU A 265 9.76 -9.61 21.40
N LEU A 266 9.83 -10.83 21.89
CA LEU A 266 10.90 -11.24 22.78
C LEU A 266 12.20 -11.14 21.99
N ASP A 267 13.30 -10.90 22.69
CA ASP A 267 14.61 -10.78 22.08
C ASP A 267 15.62 -10.75 23.20
N ALA A 268 16.85 -10.38 22.89
CA ALA A 268 17.80 -10.16 23.96
C ALA A 268 17.65 -8.77 24.56
N ASN A 269 16.58 -8.05 24.20
CA ASN A 269 16.36 -6.73 24.80
C ASN A 269 15.12 -6.68 25.67
N THR A 270 13.96 -7.06 25.14
CA THR A 270 12.76 -6.88 25.93
C THR A 270 12.78 -7.73 27.21
N ILE A 271 13.54 -8.83 27.22
CA ILE A 271 13.85 -9.45 28.50
C ILE A 271 14.90 -8.65 29.25
N ARG A 272 15.94 -8.19 28.56
CA ARG A 272 16.98 -7.42 29.23
C ARG A 272 16.42 -6.13 29.81
N ASN A 273 15.35 -5.60 29.24
CA ASN A 273 14.78 -4.35 29.75
C ASN A 273 14.05 -4.57 31.06
N TYR A 274 13.66 -5.80 31.36
CA TYR A 274 12.89 -6.04 32.58
C TYR A 274 13.74 -6.55 33.73
N PHE A 275 15.05 -6.67 33.55
CA PHE A 275 15.86 -7.03 34.70
C PHE A 275 15.95 -5.94 35.74
N ASP A 276 15.50 -4.72 35.47
CA ASP A 276 15.39 -3.74 36.54
C ASP A 276 14.21 -4.12 37.43
N LEU A 277 14.08 -3.42 38.54
CA LEU A 277 13.11 -3.86 39.54
C LEU A 277 11.78 -3.13 39.48
N GLN A 278 11.79 -1.82 39.24
CA GLN A 278 10.55 -1.06 39.37
C GLN A 278 9.56 -1.37 38.24
N ARG A 279 10.06 -1.56 37.02
CA ARG A 279 9.18 -1.99 35.93
C ARG A 279 8.69 -3.41 36.16
N LEU A 280 9.56 -4.27 36.70
CA LEU A 280 9.10 -5.53 37.25
C LEU A 280 8.08 -5.33 38.35
N GLU A 281 8.40 -4.47 39.33
CA GLU A 281 7.51 -4.24 40.45
C GLU A 281 6.19 -3.61 39.98
N SER A 282 6.25 -2.66 39.05
CA SER A 282 5.01 -2.06 38.55
C SER A 282 4.09 -3.12 37.98
N ILE A 283 4.65 -4.24 37.53
CA ILE A 283 3.81 -5.39 37.19
C ILE A 283 3.14 -5.93 38.45
N VAL A 284 3.84 -5.87 39.58
CA VAL A 284 3.40 -6.52 40.81
C VAL A 284 2.37 -5.69 41.55
N ILE A 285 2.74 -4.49 42.00
CA ILE A 285 1.87 -3.74 42.90
C ILE A 285 0.85 -2.92 42.13
N ASP A 286 1.27 -2.28 41.05
CA ASP A 286 0.31 -1.56 40.23
C ASP A 286 -0.42 -2.47 39.27
N LYS A 287 0.07 -3.69 39.05
CA LYS A 287 -0.56 -4.67 38.18
C LYS A 287 -0.84 -4.08 36.79
N VAL A 288 0.12 -3.32 36.27
CA VAL A 288 0.04 -2.74 34.95
C VAL A 288 1.31 -3.10 34.20
N PHE A 289 1.23 -3.15 32.87
CA PHE A 289 2.30 -3.65 32.04
C PHE A 289 2.92 -2.55 31.18
N PRO A 290 4.06 -2.00 31.58
CA PRO A 290 4.79 -1.06 30.72
C PRO A 290 5.79 -1.79 29.83
N ARG A 291 6.08 -1.17 28.69
CA ARG A 291 7.13 -1.66 27.81
C ARG A 291 7.96 -0.48 27.31
N ASP A 292 8.82 -0.77 26.34
CA ASP A 292 9.69 0.22 25.72
C ASP A 292 8.98 0.95 24.59
N ASP A 293 7.84 1.54 24.95
CA ASP A 293 7.01 2.34 24.06
C ASP A 293 5.96 3.07 24.90
N GLN A 294 5.30 4.06 24.30
CA GLN A 294 4.19 4.73 24.94
C GLN A 294 2.97 3.83 24.91
N GLU A 295 2.58 3.27 26.05
CA GLU A 295 1.62 2.18 26.05
C GLU A 295 1.07 1.96 27.44
N SER A 296 -0.07 1.26 27.53
CA SER A 296 -0.69 0.90 28.79
C SER A 296 -1.28 -0.52 28.64
N VAL A 297 -0.63 -1.50 29.26
CA VAL A 297 -1.09 -2.90 29.18
C VAL A 297 -1.45 -3.40 30.56
N ASN A 298 -2.46 -4.26 30.63
CA ASN A 298 -3.06 -4.70 31.88
C ASN A 298 -2.90 -6.21 32.06
N ILE A 299 -2.61 -6.62 33.28
CA ILE A 299 -2.46 -8.03 33.63
C ILE A 299 -3.58 -8.52 34.54
N GLU A 300 -4.64 -7.73 34.70
CA GLU A 300 -5.72 -8.10 35.60
C GLU A 300 -6.53 -9.29 35.10
N THR A 301 -6.85 -9.34 33.82
CA THR A 301 -7.65 -10.42 33.26
C THR A 301 -6.88 -11.72 33.11
N ILE A 302 -5.56 -11.65 33.12
CA ILE A 302 -4.72 -12.84 32.92
C ILE A 302 -4.85 -13.75 34.15
N PRO A 303 -4.91 -15.07 33.98
CA PRO A 303 -5.03 -15.95 35.14
C PRO A 303 -3.87 -15.77 36.09
N LYS A 304 -4.14 -16.07 37.35
CA LYS A 304 -3.17 -15.84 38.40
C LYS A 304 -2.13 -16.93 38.49
N LEU A 305 -2.20 -17.94 37.61
CA LEU A 305 -1.12 -18.91 37.58
C LEU A 305 0.19 -18.28 37.12
N VAL A 306 0.15 -17.06 36.57
CA VAL A 306 1.35 -16.44 36.03
C VAL A 306 1.89 -15.28 36.86
N THR A 307 1.04 -14.42 37.40
CA THR A 307 1.54 -13.30 38.17
C THR A 307 2.09 -13.72 39.52
N ASP A 308 1.55 -14.78 40.09
CA ASP A 308 1.83 -15.20 41.45
C ASP A 308 3.32 -15.48 41.72
N PRO A 309 4.02 -16.26 40.88
CA PRO A 309 5.41 -16.59 41.24
C PRO A 309 6.29 -15.37 41.41
N LEU A 310 6.12 -14.35 40.57
CA LEU A 310 6.91 -13.14 40.75
C LEU A 310 6.42 -12.33 41.94
N ARG A 311 5.09 -12.24 42.11
CA ARG A 311 4.54 -11.51 43.25
C ARG A 311 5.15 -11.99 44.56
N ASN A 312 5.36 -13.30 44.67
CA ASN A 312 5.89 -13.86 45.90
C ASN A 312 7.42 -13.87 45.89
N TYR A 313 8.04 -13.51 44.77
CA TYR A 313 9.50 -13.46 44.74
C TYR A 313 10.06 -12.31 45.56
N LEU A 314 9.73 -11.06 45.20
CA LEU A 314 10.18 -9.94 46.03
C LEU A 314 9.91 -10.18 47.50
N ASN A 315 8.84 -10.90 47.83
CA ASN A 315 8.52 -11.19 49.20
C ASN A 315 9.56 -12.07 49.85
N THR A 316 10.28 -12.88 49.07
CA THR A 316 11.35 -13.69 49.66
C THR A 316 12.68 -12.96 49.67
N LEU A 317 12.70 -11.70 49.26
CA LEU A 317 13.88 -10.87 49.45
C LEU A 317 13.93 -10.34 50.88
N PRO A 318 15.11 -9.95 51.36
CA PRO A 318 15.25 -9.51 52.76
C PRO A 318 14.34 -8.37 53.18
N GLY A 319 13.97 -7.49 52.26
CA GLY A 319 13.14 -6.35 52.63
C GLY A 319 12.02 -6.01 51.68
N TYR A 320 10.93 -5.47 52.20
CA TYR A 320 9.86 -4.96 51.35
C TYR A 320 9.16 -3.79 52.05
N ASN A 321 8.90 -2.73 51.28
CA ASN A 321 8.05 -1.62 51.69
C ASN A 321 6.78 -1.63 50.85
N LYS A 322 5.66 -1.96 51.49
CA LYS A 322 4.46 -2.35 50.76
C LYS A 322 3.91 -1.23 49.88
N GLU A 323 4.03 0.02 50.32
CA GLU A 323 3.40 1.09 49.56
C GLU A 323 4.26 1.51 48.37
N LYS A 324 5.43 2.06 48.64
CA LYS A 324 6.24 2.75 47.63
C LYS A 324 7.54 2.02 47.38
N LYS A 325 8.18 2.40 46.28
CA LYS A 325 9.39 1.75 45.85
C LYS A 325 10.64 2.52 46.24
N GLY A 326 10.51 3.81 46.54
CA GLY A 326 11.69 4.60 46.88
C GLY A 326 12.43 4.09 48.10
N LYS A 327 11.71 3.45 49.02
CA LYS A 327 12.32 2.92 50.23
C LYS A 327 12.83 1.50 50.03
N GLN A 328 12.02 0.64 49.43
CA GLN A 328 12.30 -0.79 49.46
C GLN A 328 13.42 -1.20 48.51
N VAL A 329 13.72 -0.40 47.50
CA VAL A 329 14.82 -0.75 46.61
C VAL A 329 16.12 -0.86 47.41
N SER A 330 16.42 0.14 48.25
CA SER A 330 17.62 0.07 49.09
C SER A 330 17.52 -1.06 50.09
N GLN A 331 16.30 -1.52 50.38
CA GLN A 331 16.14 -2.71 51.21
C GLN A 331 16.52 -3.97 50.46
N VAL A 332 16.57 -3.91 49.12
CA VAL A 332 16.71 -5.09 48.29
C VAL A 332 17.81 -4.95 47.23
N LEU A 333 18.16 -3.72 46.88
CA LEU A 333 19.13 -3.53 45.79
C LEU A 333 20.49 -4.12 46.14
N GLU A 334 20.72 -4.41 47.42
CA GLU A 334 21.91 -5.17 47.80
C GLU A 334 21.81 -6.60 47.31
N GLN A 335 20.64 -7.22 47.41
CA GLN A 335 20.53 -8.62 47.05
C GLN A 335 19.98 -8.79 45.64
N HIS A 336 19.21 -7.81 45.16
CA HIS A 336 18.79 -7.83 43.77
C HIS A 336 19.99 -7.86 42.83
N GLY A 337 20.98 -7.02 43.08
CA GLY A 337 22.16 -6.99 42.24
C GLY A 337 22.95 -8.28 42.30
N PHE A 338 23.16 -8.81 43.51
CA PHE A 338 24.02 -9.97 43.64
C PHE A 338 23.37 -11.25 43.10
N ILE A 339 22.08 -11.19 42.74
CA ILE A 339 21.43 -12.37 42.19
C ILE A 339 21.15 -12.27 40.70
N THR A 340 20.83 -11.08 40.20
CA THR A 340 20.58 -10.89 38.78
C THR A 340 21.85 -10.56 38.00
N MET A 341 23.00 -10.54 38.67
CA MET A 341 24.19 -9.94 38.08
C MET A 341 24.70 -10.72 36.87
N GLN A 342 24.81 -12.05 36.98
CA GLN A 342 25.41 -12.79 35.88
C GLN A 342 24.55 -12.72 34.63
N LEU A 343 23.24 -12.60 34.80
CA LEU A 343 22.36 -12.58 33.65
C LEU A 343 22.32 -11.22 32.99
N VAL A 344 22.15 -10.14 33.77
CA VAL A 344 22.05 -8.82 33.14
C VAL A 344 23.37 -8.41 32.52
N ARG A 345 24.49 -8.97 32.99
CA ARG A 345 25.74 -8.80 32.24
C ARG A 345 25.77 -9.72 31.03
N SER A 346 25.21 -10.93 31.16
CA SER A 346 25.10 -11.81 30.01
C SER A 346 24.22 -11.19 28.94
N PHE A 347 23.09 -10.62 29.34
CA PHE A 347 22.20 -9.98 28.37
C PHE A 347 22.79 -8.68 27.85
N SER A 348 23.67 -8.04 28.62
CA SER A 348 24.22 -6.76 28.19
C SER A 348 25.03 -6.90 26.91
N SER A 349 25.92 -7.89 26.85
CA SER A 349 26.74 -8.07 25.65
C SER A 349 25.88 -8.43 24.46
N LEU A 350 24.89 -9.30 24.67
CA LEU A 350 24.23 -9.94 23.55
C LEU A 350 23.33 -8.99 22.79
N ALA A 351 22.87 -7.91 23.40
CA ALA A 351 21.81 -7.11 22.80
C ALA A 351 22.31 -5.83 22.15
N ASP A 352 23.57 -5.45 22.36
CA ASP A 352 24.11 -4.21 21.85
C ASP A 352 25.37 -4.38 21.02
N THR A 353 26.16 -5.42 21.27
CA THR A 353 27.29 -5.76 20.42
C THR A 353 26.85 -6.44 19.13
N TYR A 354 25.61 -6.91 19.09
CA TYR A 354 25.07 -7.61 17.93
C TYR A 354 23.61 -7.19 17.76
N GLY A 355 23.38 -6.11 17.04
CA GLY A 355 22.03 -5.65 16.86
C GLY A 355 21.51 -6.02 15.49
N HIS A 356 22.38 -6.57 14.67
CA HIS A 356 21.99 -7.08 13.36
C HIS A 356 21.87 -8.59 13.35
N ILE A 357 21.83 -9.21 14.52
CA ILE A 357 21.57 -10.63 14.64
C ILE A 357 20.32 -10.93 15.43
N ILE A 358 20.12 -10.30 16.59
CA ILE A 358 19.17 -10.76 17.58
C ILE A 358 17.98 -9.83 17.70
N ARG A 359 18.03 -8.67 17.08
CA ARG A 359 16.90 -7.76 17.17
C ARG A 359 15.82 -8.07 16.15
N THR A 360 15.76 -9.30 15.66
CA THR A 360 14.76 -9.65 14.66
C THR A 360 13.53 -10.27 15.31
N ASN A 361 12.57 -10.64 14.47
CA ASN A 361 11.32 -11.26 14.88
C ASN A 361 11.18 -12.67 14.33
N LEU A 362 11.46 -12.86 13.05
CA LEU A 362 11.35 -14.17 12.40
C LEU A 362 12.77 -14.62 12.08
N ALA A 363 13.32 -15.44 12.95
CA ALA A 363 14.69 -15.88 12.75
C ALA A 363 14.79 -16.64 11.46
N GLU A 364 15.72 -16.25 10.60
CA GLU A 364 16.02 -17.12 9.49
C GLU A 364 16.53 -18.45 9.98
N VAL A 365 17.31 -18.46 11.06
CA VAL A 365 17.85 -19.70 11.60
C VAL A 365 17.22 -19.94 12.97
N ASP A 366 16.34 -20.93 13.05
CA ASP A 366 15.79 -21.37 14.33
C ASP A 366 15.99 -22.87 14.42
N PHE A 367 16.57 -23.30 15.53
CA PHE A 367 17.23 -24.59 15.53
C PHE A 367 16.30 -25.76 15.46
N LYS A 368 15.00 -25.58 15.71
CA LYS A 368 14.12 -26.72 15.48
C LYS A 368 14.12 -27.09 14.01
N ASP A 369 14.08 -26.09 13.15
CA ASP A 369 14.24 -26.33 11.72
C ASP A 369 15.59 -26.92 11.38
N VAL A 370 16.65 -26.28 11.83
CA VAL A 370 17.96 -26.52 11.25
C VAL A 370 18.41 -27.95 11.48
N VAL A 371 17.80 -28.65 12.42
CA VAL A 371 18.03 -30.08 12.52
C VAL A 371 16.93 -30.89 11.86
N LEU A 372 15.67 -30.57 12.13
CA LEU A 372 14.56 -31.39 11.65
C LEU A 372 14.42 -31.40 10.15
N ASN A 373 15.27 -30.69 9.43
CA ASN A 373 15.15 -30.59 7.99
C ASN A 373 16.49 -30.79 7.29
N ARG A 374 17.56 -30.97 8.03
CA ARG A 374 18.90 -31.12 7.49
C ARG A 374 19.27 -29.91 6.63
N ARG A 375 19.30 -28.76 7.29
CA ARG A 375 19.88 -27.54 6.77
C ARG A 375 21.23 -27.32 7.42
N ILE A 376 22.04 -26.47 6.81
CA ILE A 376 23.40 -26.21 7.27
C ILE A 376 23.44 -24.86 7.95
N LEU A 377 24.34 -24.69 8.90
CA LEU A 377 24.47 -23.43 9.62
C LEU A 377 25.89 -23.31 10.10
N VAL A 378 26.73 -22.60 9.35
CA VAL A 378 28.06 -22.29 9.80
C VAL A 378 27.93 -21.03 10.61
N VAL A 379 28.43 -21.03 11.84
CA VAL A 379 28.42 -19.83 12.68
C VAL A 379 29.85 -19.59 13.14
N LEU A 380 30.26 -18.34 13.19
CA LEU A 380 31.62 -18.01 13.60
C LEU A 380 31.56 -17.04 14.77
N LEU A 381 32.30 -17.32 15.76
CA LEU A 381 32.45 -16.61 17.01
C LEU A 381 33.76 -15.84 17.01
N PRO A 382 33.81 -14.73 17.73
CA PRO A 382 34.94 -13.80 17.58
C PRO A 382 36.30 -14.43 17.82
N ALA A 383 36.53 -14.87 19.04
CA ALA A 383 37.78 -15.52 19.42
C ALA A 383 37.62 -15.96 20.86
N LEU A 384 38.43 -16.92 21.27
CA LEU A 384 38.19 -17.52 22.56
C LEU A 384 39.40 -17.57 23.47
N GLU A 385 40.58 -17.22 22.98
CA GLU A 385 41.68 -16.89 23.88
C GLU A 385 41.85 -15.39 24.08
N LYS A 386 40.86 -14.59 23.66
CA LYS A 386 40.87 -13.15 23.89
C LYS A 386 39.52 -12.80 24.52
N SER A 387 39.55 -12.34 25.76
CA SER A 387 38.39 -11.91 26.51
C SER A 387 37.25 -12.93 26.45
N PRO A 388 37.42 -14.14 26.93
CA PRO A 388 36.31 -15.10 26.92
C PRO A 388 35.16 -14.71 27.84
N ASP A 389 35.31 -13.60 28.57
CA ASP A 389 34.26 -13.17 29.47
C ASP A 389 32.96 -12.93 28.72
N GLU A 390 33.04 -12.54 27.47
CA GLU A 390 31.87 -12.28 26.65
C GLU A 390 31.97 -12.91 25.27
N LEU A 391 33.01 -13.71 25.02
CA LEU A 391 33.08 -14.48 23.79
C LEU A 391 32.96 -15.97 24.05
N SER A 392 33.14 -16.37 25.32
CA SER A 392 32.63 -17.65 25.77
C SER A 392 31.18 -17.55 26.19
N ASN A 393 30.59 -16.36 26.09
CA ASN A 393 29.16 -16.25 26.31
C ASN A 393 28.40 -16.20 25.00
N LEU A 394 29.10 -15.93 23.89
CA LEU A 394 28.45 -15.85 22.60
C LEU A 394 28.35 -17.21 21.93
N GLY A 395 29.26 -18.12 22.26
CA GLY A 395 29.16 -19.48 21.75
C GLY A 395 28.34 -20.38 22.64
N LYS A 396 27.68 -19.79 23.63
CA LYS A 396 26.80 -20.54 24.50
C LYS A 396 25.35 -20.22 24.24
N ILE A 397 25.06 -19.16 23.50
CA ILE A 397 23.69 -18.94 23.05
C ILE A 397 23.35 -19.93 21.95
N ILE A 398 24.36 -20.62 21.42
CA ILE A 398 24.12 -21.70 20.47
C ILE A 398 23.85 -23.01 21.20
N VAL A 399 24.86 -23.56 21.85
CA VAL A 399 24.73 -24.88 22.46
C VAL A 399 23.67 -24.85 23.55
N SER A 400 23.32 -23.67 24.07
CA SER A 400 22.11 -23.59 24.87
C SER A 400 20.89 -23.92 24.04
N SER A 401 20.71 -23.23 22.91
CA SER A 401 19.50 -23.43 22.14
C SER A 401 19.50 -24.79 21.45
N LEU A 402 20.63 -25.20 20.90
CA LEU A 402 20.69 -26.49 20.23
C LEU A 402 20.63 -27.64 21.23
N LYS A 403 20.53 -27.32 22.51
CA LYS A 403 20.24 -28.35 23.50
C LYS A 403 18.85 -28.18 24.08
N ALA A 404 18.49 -26.97 24.50
CA ALA A 404 17.20 -26.78 25.13
C ALA A 404 16.07 -26.65 24.13
N MET A 405 16.34 -26.82 22.86
CA MET A 405 15.29 -27.02 21.87
C MET A 405 15.33 -28.43 21.30
N MET A 406 16.12 -29.31 21.90
CA MET A 406 16.19 -30.73 21.57
C MET A 406 15.75 -31.61 22.71
N ALA A 407 15.91 -31.13 23.94
CA ALA A 407 15.54 -31.96 25.08
C ALA A 407 14.06 -31.84 25.38
N ALA A 408 13.52 -30.62 25.36
CA ALA A 408 12.22 -30.35 25.95
C ALA A 408 11.31 -29.49 25.09
N GLY A 409 11.75 -29.04 23.94
CA GLY A 409 10.91 -28.18 23.14
C GLY A 409 10.44 -28.83 21.87
N LEU A 410 10.90 -30.06 21.62
CA LEU A 410 10.57 -30.77 20.39
C LEU A 410 9.07 -31.03 20.36
N GLY A 411 8.38 -30.44 19.39
CA GLY A 411 6.97 -30.70 19.20
C GLY A 411 6.74 -32.12 18.71
N ARG A 424 2.74 -40.21 15.87
CA ARG A 424 2.75 -40.44 17.32
C ARG A 424 4.08 -41.02 17.77
N LYS A 425 4.91 -41.39 16.81
CA LYS A 425 6.24 -41.93 17.08
C LYS A 425 7.13 -41.75 15.86
N PRO A 426 7.84 -40.64 15.75
CA PRO A 426 8.77 -40.47 14.64
C PRO A 426 9.86 -41.51 14.61
N THR A 427 10.21 -41.93 13.41
CA THR A 427 11.16 -43.02 13.25
C THR A 427 12.58 -42.54 13.48
N ASN A 428 13.49 -43.50 13.58
CA ASN A 428 14.90 -43.17 13.67
C ASN A 428 15.41 -42.69 12.32
N ALA A 429 16.18 -41.61 12.34
CA ALA A 429 16.67 -41.05 11.10
C ALA A 429 17.73 -41.97 10.50
N PRO A 430 17.91 -41.96 9.18
CA PRO A 430 18.99 -42.69 8.54
C PRO A 430 20.21 -41.85 8.21
N THR A 431 20.22 -40.58 8.63
CA THR A 431 21.33 -39.68 8.39
C THR A 431 21.80 -39.08 9.70
N PRO A 432 23.04 -39.31 10.12
CA PRO A 432 23.55 -38.58 11.27
C PRO A 432 23.70 -37.12 10.87
N TYR A 433 23.22 -36.25 11.73
CA TYR A 433 23.32 -34.80 11.56
C TYR A 433 24.41 -34.30 12.48
N MET A 434 25.64 -34.25 11.99
CA MET A 434 26.80 -34.04 12.84
C MET A 434 27.02 -32.55 13.05
N CYS A 435 26.77 -32.09 14.27
CA CYS A 435 27.05 -30.69 14.62
C CYS A 435 28.45 -30.67 15.18
N ILE A 436 29.32 -29.85 14.60
CA ILE A 436 30.74 -29.83 14.96
C ILE A 436 31.00 -28.59 15.79
N LEU A 437 31.51 -28.75 16.99
CA LEU A 437 31.75 -27.63 17.88
C LEU A 437 33.24 -27.51 18.18
N ASP A 438 33.80 -26.33 17.94
CA ASP A 438 35.26 -26.25 17.77
C ASP A 438 35.99 -26.00 19.08
N GLU A 439 35.43 -25.20 19.96
CA GLU A 439 36.04 -25.03 21.27
C GLU A 439 34.92 -25.17 22.30
N TYR A 440 34.62 -26.42 22.67
CA TYR A 440 33.64 -26.62 23.71
C TYR A 440 34.23 -26.41 25.08
N GLY A 441 35.49 -26.00 25.15
CA GLY A 441 36.05 -25.60 26.42
C GLY A 441 35.42 -24.33 26.97
N TYR A 442 35.15 -23.37 26.09
CA TYR A 442 34.81 -22.04 26.58
C TYR A 442 33.33 -21.88 26.85
N TYR A 443 32.46 -22.18 25.89
CA TYR A 443 31.04 -22.29 26.16
C TYR A 443 30.76 -23.70 26.66
N ALA A 444 29.72 -23.83 27.49
CA ALA A 444 29.20 -25.14 27.86
C ALA A 444 27.99 -24.95 28.74
N VAL A 445 26.99 -25.81 28.55
CA VAL A 445 25.81 -25.81 29.38
C VAL A 445 25.72 -27.17 30.06
N GLN A 446 25.00 -27.22 31.17
CA GLN A 446 25.09 -28.38 32.05
C GLN A 446 24.70 -29.65 31.30
N GLY A 447 25.67 -30.51 31.05
CA GLY A 447 25.39 -31.81 30.49
C GLY A 447 24.79 -31.78 29.10
N PHE A 448 25.60 -31.45 28.09
CA PHE A 448 25.16 -31.46 26.71
C PHE A 448 25.43 -32.77 26.00
N ALA A 449 26.47 -33.49 26.40
CA ALA A 449 26.85 -34.68 25.66
C ALA A 449 25.81 -35.78 25.72
N VAL A 450 24.95 -35.77 26.73
CA VAL A 450 23.83 -36.70 26.75
C VAL A 450 22.62 -36.06 26.10
N VAL A 451 21.92 -36.84 25.28
CA VAL A 451 20.82 -36.33 24.47
C VAL A 451 19.59 -37.14 24.84
N PRO A 452 18.46 -36.51 25.13
CA PRO A 452 17.35 -37.23 25.78
C PRO A 452 16.70 -38.28 24.92
N ALA A 453 15.76 -39.02 25.52
CA ALA A 453 15.09 -40.10 24.81
C ALA A 453 14.13 -39.59 23.75
N GLN A 454 13.69 -38.35 23.84
CA GLN A 454 12.86 -37.81 22.78
C GLN A 454 13.59 -37.79 21.45
N ALA A 455 14.59 -36.92 21.34
CA ALA A 455 15.14 -36.54 20.05
C ALA A 455 15.99 -37.64 19.42
N ARG A 456 15.92 -38.86 19.92
CA ARG A 456 16.66 -39.93 19.27
C ARG A 456 16.28 -40.07 17.82
N SER A 457 15.09 -39.63 17.45
CA SER A 457 14.64 -39.65 16.06
C SER A 457 15.48 -38.78 15.15
N LEU A 458 16.09 -37.73 15.69
CA LEU A 458 16.84 -36.77 14.90
C LEU A 458 18.12 -37.34 14.33
N GLY A 459 18.53 -38.53 14.77
CA GLY A 459 19.75 -39.12 14.30
C GLY A 459 20.93 -38.24 14.60
N PHE A 460 20.98 -37.70 15.81
CA PHE A 460 21.87 -36.61 16.16
C PHE A 460 23.25 -37.10 16.60
N SER A 461 24.21 -36.20 16.54
CA SER A 461 25.55 -36.47 17.04
C SER A 461 26.19 -35.12 17.36
N ALA A 462 27.45 -35.14 17.74
CA ALA A 462 28.23 -33.92 17.93
C ALA A 462 29.69 -34.31 17.86
N ILE A 463 30.52 -33.37 17.44
CA ILE A 463 31.96 -33.58 17.38
C ILE A 463 32.60 -32.45 18.17
N PHE A 464 32.83 -32.67 19.45
CA PHE A 464 33.43 -31.63 20.26
C PHE A 464 34.89 -31.49 19.92
N ALA A 465 35.37 -30.25 19.96
CA ALA A 465 36.76 -29.99 19.60
C ALA A 465 37.38 -29.08 20.63
N GLY A 466 38.70 -29.21 20.78
CA GLY A 466 39.42 -28.40 21.75
C GLY A 466 40.89 -28.33 21.41
N GLN A 467 41.52 -27.26 21.90
CA GLN A 467 42.93 -27.01 21.63
C GLN A 467 43.80 -28.08 22.28
N ASP A 468 43.53 -28.40 23.55
CA ASP A 468 44.39 -29.29 24.31
C ASP A 468 43.58 -29.93 25.43
N LEU A 469 43.79 -31.23 25.62
CA LEU A 469 43.18 -31.93 26.75
C LEU A 469 43.56 -31.32 28.08
N PRO A 470 44.85 -31.09 28.39
CA PRO A 470 45.16 -30.38 29.64
C PRO A 470 44.48 -29.04 29.71
N ALA A 471 44.32 -28.35 28.58
CA ALA A 471 43.51 -27.14 28.59
C ALA A 471 42.03 -27.46 28.60
N PHE A 472 41.66 -28.64 28.08
CA PHE A 472 40.24 -28.96 27.97
C PHE A 472 39.59 -29.05 29.34
N GLN A 473 40.25 -29.72 30.29
CA GLN A 473 39.88 -29.58 31.69
C GLN A 473 40.07 -28.16 32.19
N LYS A 474 41.20 -27.53 31.86
CA LYS A 474 41.51 -26.21 32.38
C LYS A 474 40.45 -25.19 31.98
N ALA A 475 39.72 -25.45 30.90
CA ALA A 475 38.75 -24.49 30.39
C ALA A 475 37.65 -24.17 31.39
N SER A 476 37.06 -25.18 32.02
CA SER A 476 36.00 -24.97 33.00
C SER A 476 35.96 -26.13 33.98
N LYS A 477 34.96 -26.08 34.87
CA LYS A 477 34.86 -27.00 35.99
C LYS A 477 34.05 -28.23 35.60
N GLU A 478 34.54 -29.40 35.97
CA GLU A 478 33.77 -30.64 36.05
C GLU A 478 33.05 -30.99 34.73
N GLU A 479 33.68 -30.72 33.60
CA GLU A 479 33.02 -30.87 32.32
C GLU A 479 33.69 -31.87 31.40
N ALA A 480 35.02 -31.93 31.36
CA ALA A 480 35.70 -32.81 30.42
C ALA A 480 35.45 -34.27 30.72
N ALA A 481 35.02 -34.62 31.93
CA ALA A 481 34.61 -35.98 32.20
C ALA A 481 33.27 -36.28 31.54
N SER A 482 32.31 -35.36 31.67
CA SER A 482 31.01 -35.52 31.03
C SER A 482 31.19 -35.83 29.55
N ILE A 483 32.01 -35.04 28.86
CA ILE A 483 32.33 -35.35 27.49
C ILE A 483 33.22 -36.58 27.39
N GLY A 484 34.08 -36.80 28.39
CA GLY A 484 34.93 -37.98 28.37
C GLY A 484 34.17 -39.25 28.69
N ALA A 485 33.01 -39.12 29.32
CA ALA A 485 32.19 -40.27 29.69
C ALA A 485 31.08 -40.56 28.69
N ASN A 486 30.78 -39.61 27.80
CA ASN A 486 29.65 -39.78 26.89
C ASN A 486 30.05 -40.02 25.45
N THR A 487 31.33 -39.94 25.12
CA THR A 487 31.77 -40.11 23.74
C THR A 487 32.47 -41.44 23.57
N ASN A 488 31.94 -42.28 22.70
CA ASN A 488 32.62 -43.54 22.40
C ASN A 488 33.87 -43.28 21.57
N ILE A 489 33.86 -42.21 20.79
CA ILE A 489 35.02 -41.84 20.00
C ILE A 489 35.83 -40.81 20.75
N LYS A 490 37.15 -40.97 20.76
CA LYS A 490 38.05 -39.97 21.26
C LYS A 490 39.18 -39.80 20.26
N ILE A 491 39.54 -38.56 19.95
CA ILE A 491 40.49 -38.26 18.90
C ILE A 491 41.58 -37.33 19.42
N CYS A 492 42.83 -37.73 19.23
CA CYS A 492 43.98 -36.86 19.42
C CYS A 492 44.57 -36.54 18.06
N MET A 493 44.93 -35.28 17.85
CA MET A 493 45.48 -34.83 16.58
C MET A 493 46.95 -34.51 16.76
N LYS A 494 47.66 -35.39 17.46
CA LYS A 494 49.08 -35.20 17.71
C LYS A 494 49.80 -35.06 16.38
N LEU A 495 50.77 -34.15 16.33
CA LEU A 495 51.41 -33.77 15.09
C LEU A 495 52.09 -34.96 14.41
N GLY A 556 50.31 -38.55 8.38
CA GLY A 556 49.90 -38.74 9.76
C GLY A 556 49.39 -37.48 10.43
N GLU A 557 48.08 -37.27 10.40
CA GLU A 557 47.47 -36.11 11.04
C GLU A 557 46.96 -36.41 12.43
N ALA A 558 46.61 -37.67 12.72
CA ALA A 558 46.06 -38.02 14.02
C ALA A 558 46.10 -39.52 14.19
N HIS A 559 45.58 -39.97 15.33
CA HIS A 559 45.22 -41.36 15.55
C HIS A 559 43.87 -41.39 16.25
N ILE A 560 43.17 -42.51 16.14
CA ILE A 560 41.84 -42.63 16.70
C ILE A 560 41.86 -43.54 17.92
N PHE A 561 41.25 -43.07 19.00
CA PHE A 561 41.32 -43.68 20.32
C PHE A 561 40.03 -44.48 20.49
N PHE A 562 40.01 -45.67 19.91
CA PHE A 562 38.82 -46.50 19.91
C PHE A 562 38.86 -47.42 21.14
N LYS A 563 37.69 -47.97 21.49
CA LYS A 563 37.61 -48.80 22.69
C LYS A 563 38.44 -50.07 22.55
N SER A 564 38.45 -50.67 21.36
CA SER A 564 39.11 -51.96 21.15
C SER A 564 40.55 -51.80 20.70
N LYS A 565 40.76 -51.20 19.55
CA LYS A 565 42.09 -51.06 18.98
C LYS A 565 42.34 -49.60 18.64
N ILE A 566 43.60 -49.19 18.74
CA ILE A 566 44.01 -47.83 18.40
C ILE A 566 44.52 -47.82 16.98
N VAL A 567 44.05 -46.86 16.17
CA VAL A 567 44.43 -46.81 14.77
C VAL A 567 45.07 -45.47 14.49
N ARG A 568 46.22 -45.50 13.83
CA ARG A 568 46.91 -44.30 13.37
C ARG A 568 46.65 -44.17 11.87
N ALA A 569 46.21 -43.00 11.45
CA ALA A 569 45.76 -42.82 10.09
C ALA A 569 45.66 -41.35 9.76
N ARG A 570 46.04 -41.01 8.54
CA ARG A 570 45.71 -39.69 8.02
C ARG A 570 44.20 -39.55 7.95
N MET A 571 43.69 -38.39 8.31
CA MET A 571 42.27 -38.24 8.11
C MET A 571 41.99 -37.75 6.70
N PHE A 572 40.71 -37.58 6.42
CA PHE A 572 40.25 -37.17 5.10
C PHE A 572 40.72 -35.75 4.82
N TYR A 573 40.93 -35.44 3.55
CA TYR A 573 41.33 -34.09 3.17
C TYR A 573 40.47 -33.63 2.00
N ALA A 574 39.48 -32.80 2.29
CA ALA A 574 38.61 -32.23 1.29
C ALA A 574 39.04 -30.80 1.05
N ASN A 575 39.39 -30.49 -0.20
CA ASN A 575 40.02 -29.22 -0.53
C ASN A 575 39.14 -28.44 -1.46
N PRO A 576 38.07 -27.81 -0.97
CA PRO A 576 37.16 -27.11 -1.86
C PRO A 576 37.86 -25.98 -2.57
N LYS A 577 37.80 -26.02 -3.90
CA LYS A 577 38.32 -24.92 -4.69
C LYS A 577 37.54 -23.66 -4.35
N PRO A 578 38.20 -22.54 -4.12
CA PRO A 578 37.50 -21.36 -3.61
C PRO A 578 36.56 -20.77 -4.63
N VAL A 579 35.60 -20.03 -4.13
CA VAL A 579 34.53 -19.47 -4.93
C VAL A 579 34.80 -18.01 -5.25
N LYS A 580 34.39 -17.61 -6.46
CA LYS A 580 34.62 -16.25 -6.91
C LYS A 580 33.77 -15.25 -6.14
N GLN A 581 32.49 -15.55 -5.93
CA GLN A 581 31.61 -14.66 -5.18
C GLN A 581 30.80 -15.42 -4.15
N LEU A 582 30.79 -14.90 -2.93
CA LEU A 582 30.27 -15.61 -1.75
C LEU A 582 29.03 -14.90 -1.24
N LYS A 583 27.88 -15.35 -1.70
CA LYS A 583 26.63 -14.68 -1.37
C LYS A 583 25.96 -15.43 -0.23
N ILE A 584 25.58 -14.72 0.81
CA ILE A 584 24.78 -15.31 1.87
C ILE A 584 23.33 -14.94 1.63
N ASN A 585 22.51 -15.95 1.40
CA ASN A 585 21.21 -15.76 0.75
C ASN A 585 20.22 -15.14 1.70
N GLN A 586 19.75 -13.96 1.34
CA GLN A 586 18.83 -13.23 2.17
C GLN A 586 17.45 -13.85 2.07
N PHE A 587 16.59 -13.49 3.01
CA PHE A 587 15.22 -13.98 3.10
C PHE A 587 14.30 -12.78 3.22
N LEU A 588 13.05 -13.04 3.55
CA LEU A 588 12.09 -12.01 3.93
C LEU A 588 11.61 -12.23 5.35
N LYS A 589 10.69 -11.39 5.78
CA LYS A 589 10.03 -11.53 7.07
C LYS A 589 8.53 -11.44 6.81
N VAL A 590 7.93 -12.56 6.44
CA VAL A 590 6.50 -12.63 6.21
C VAL A 590 5.82 -12.75 7.55
N GLU A 591 4.51 -12.69 7.57
CA GLU A 591 3.76 -12.84 8.80
C GLU A 591 2.46 -13.57 8.52
N PRO A 592 2.02 -14.41 9.46
CA PRO A 592 0.60 -14.68 9.55
C PRO A 592 -0.16 -13.39 9.74
N PRO A 593 -1.26 -13.19 9.03
CA PRO A 593 -1.88 -11.89 8.99
C PRO A 593 -2.35 -11.45 10.36
N PRO A 594 -2.55 -10.15 10.58
CA PRO A 594 -2.91 -9.68 11.92
C PRO A 594 -4.27 -10.21 12.37
N ASP A 595 -4.36 -10.47 13.67
CA ASP A 595 -5.61 -10.95 14.25
C ASP A 595 -6.66 -9.86 14.42
N ASP A 596 -6.29 -8.59 14.24
CA ASP A 596 -7.29 -7.54 14.14
C ASP A 596 -8.06 -7.59 12.83
N TYR A 597 -7.64 -8.46 11.94
CA TYR A 597 -8.22 -8.55 10.61
C TYR A 597 -8.83 -9.90 10.31
N LEU A 598 -8.27 -10.99 10.84
CA LEU A 598 -8.94 -12.26 10.61
C LEU A 598 -10.17 -12.41 11.47
N MET A 599 -10.11 -12.03 12.74
CA MET A 599 -11.30 -12.18 13.57
C MET A 599 -12.45 -11.39 13.00
N LYS A 600 -12.16 -10.32 12.26
CA LYS A 600 -13.20 -9.66 11.48
C LYS A 600 -13.59 -10.48 10.27
N LEU A 601 -12.61 -11.06 9.58
CA LEU A 601 -12.93 -11.82 8.38
C LEU A 601 -13.74 -13.06 8.71
N GLN A 602 -13.39 -13.76 9.78
CA GLN A 602 -14.22 -14.88 10.19
C GLN A 602 -15.54 -14.39 10.76
N LYS A 603 -15.66 -13.07 10.98
CA LYS A 603 -16.89 -12.52 11.51
C LYS A 603 -17.86 -12.13 10.42
N GLN A 604 -17.38 -11.49 9.37
CA GLN A 604 -18.27 -11.14 8.27
C GLN A 604 -18.69 -12.38 7.50
N LEU A 605 -17.76 -13.30 7.26
CA LEU A 605 -18.11 -14.51 6.54
C LEU A 605 -19.23 -15.25 7.26
N ALA A 606 -19.23 -15.22 8.59
CA ALA A 606 -20.35 -15.83 9.30
C ALA A 606 -21.66 -15.15 8.96
N SER A 607 -21.73 -13.83 9.10
CA SER A 607 -22.96 -13.13 8.82
C SER A 607 -23.33 -13.21 7.34
N PHE A 608 -22.36 -13.11 6.45
CA PHE A 608 -22.66 -13.31 5.04
C PHE A 608 -22.96 -14.76 4.70
N GLN A 609 -22.55 -15.70 5.54
CA GLN A 609 -22.94 -17.08 5.28
C GLN A 609 -24.39 -17.33 5.64
N SER A 610 -24.84 -16.77 6.77
CA SER A 610 -26.23 -16.97 7.16
C SER A 610 -27.19 -16.37 6.16
N ILE A 611 -26.86 -15.20 5.61
CA ILE A 611 -27.72 -14.59 4.61
C ILE A 611 -27.87 -15.51 3.41
N LEU A 612 -26.76 -15.99 2.88
CA LEU A 612 -26.74 -16.70 1.62
C LEU A 612 -27.45 -18.04 1.69
N GLU A 613 -27.76 -18.52 2.88
CA GLU A 613 -28.42 -19.80 3.00
C GLU A 613 -29.93 -19.62 3.13
N SER A 614 -30.34 -18.62 3.89
CA SER A 614 -31.76 -18.39 4.15
C SER A 614 -32.55 -18.19 2.87
N GLY A 615 -31.92 -17.70 1.81
CA GLY A 615 -32.57 -17.54 0.53
C GLY A 615 -33.15 -16.16 0.26
N ASP A 616 -33.25 -15.31 1.28
CA ASP A 616 -33.74 -13.94 1.10
C ASP A 616 -32.55 -12.99 0.95
N LEU A 617 -31.79 -13.24 -0.12
CA LEU A 617 -30.47 -12.66 -0.26
C LEU A 617 -30.40 -11.40 -1.10
N SER A 618 -31.27 -11.21 -2.07
CA SER A 618 -31.20 -10.00 -2.87
C SER A 618 -31.72 -8.82 -2.07
N ILE A 619 -31.21 -7.65 -2.36
CA ILE A 619 -31.68 -6.45 -1.70
C ILE A 619 -33.11 -6.16 -2.17
N ASN A 620 -33.92 -5.59 -1.28
CA ASN A 620 -35.32 -5.35 -1.61
C ASN A 620 -35.83 -3.97 -1.25
N LYS A 621 -35.31 -3.33 -0.21
CA LYS A 621 -35.96 -2.15 0.33
C LYS A 621 -35.83 -0.97 -0.61
N ALA A 622 -36.88 -0.16 -0.66
CA ALA A 622 -36.95 0.98 -1.57
C ALA A 622 -36.53 2.23 -0.82
N VAL A 623 -35.55 2.94 -1.36
CA VAL A 623 -35.17 4.26 -0.88
C VAL A 623 -35.25 5.22 -2.04
N GLU A 624 -35.63 6.46 -1.77
CA GLU A 624 -35.80 7.47 -2.80
C GLU A 624 -35.00 8.71 -2.47
N ASN A 625 -34.10 9.07 -3.38
CA ASN A 625 -33.37 10.32 -3.35
C ASN A 625 -34.00 11.31 -4.31
N GLU A 626 -33.78 12.60 -4.04
CA GLU A 626 -34.27 13.64 -4.92
C GLU A 626 -33.30 13.91 -6.04
N GLU A 627 -32.12 13.29 -6.04
CA GLU A 627 -31.13 13.52 -7.08
C GLU A 627 -30.92 12.30 -7.95
N ILE A 628 -31.04 11.10 -7.39
CA ILE A 628 -31.03 9.93 -8.24
C ILE A 628 -32.26 9.94 -9.12
N THR A 629 -33.39 10.43 -8.59
CA THR A 629 -34.58 10.56 -9.40
C THR A 629 -34.40 11.59 -10.49
N LEU A 630 -33.73 12.70 -10.19
CA LEU A 630 -33.65 13.78 -11.16
C LEU A 630 -32.48 13.60 -12.12
N ILE A 631 -31.62 12.62 -11.86
CA ILE A 631 -30.58 12.31 -12.83
C ILE A 631 -30.97 11.09 -13.64
N SER A 632 -31.96 10.33 -13.20
CA SER A 632 -32.50 9.26 -14.03
C SER A 632 -33.63 9.76 -14.89
N LYS A 633 -34.45 10.68 -14.36
CA LYS A 633 -35.51 11.26 -15.17
C LYS A 633 -34.96 11.96 -16.40
N ALA A 634 -33.75 12.50 -16.31
CA ALA A 634 -33.11 13.06 -17.50
C ALA A 634 -32.59 11.96 -18.42
N LEU A 635 -31.90 10.96 -17.86
CA LEU A 635 -31.35 9.91 -18.71
C LEU A 635 -32.43 9.08 -19.38
N LYS A 636 -33.66 9.16 -18.91
CA LYS A 636 -34.71 8.38 -19.57
C LYS A 636 -35.47 9.20 -20.58
N GLU A 637 -35.56 10.53 -20.39
CA GLU A 637 -36.29 11.34 -21.35
C GLU A 637 -35.43 11.67 -22.58
N SER A 638 -34.12 11.86 -22.39
CA SER A 638 -33.26 12.25 -23.49
C SER A 638 -33.16 11.14 -24.53
N THR A 639 -32.97 11.54 -25.77
CA THR A 639 -33.07 10.60 -26.88
C THR A 639 -31.76 10.42 -27.64
N ILE A 640 -30.65 10.97 -27.16
CA ILE A 640 -29.40 10.87 -27.89
C ILE A 640 -28.71 9.56 -27.54
N VAL A 641 -28.41 8.75 -28.55
CA VAL A 641 -28.04 7.36 -28.30
C VAL A 641 -26.65 7.22 -27.67
N GLU A 642 -25.65 7.96 -28.16
CA GLU A 642 -24.27 7.69 -27.71
C GLU A 642 -24.15 7.97 -26.22
N PRO A 643 -23.74 6.99 -25.43
CA PRO A 643 -23.93 7.09 -23.99
C PRO A 643 -23.29 8.30 -23.36
N ILE A 644 -22.10 8.72 -23.80
CA ILE A 644 -21.47 9.86 -23.17
C ILE A 644 -22.23 11.12 -23.47
N GLU A 645 -22.45 11.40 -24.75
CA GLU A 645 -23.23 12.57 -25.13
C GLU A 645 -24.58 12.58 -24.42
N ARG A 646 -25.19 11.42 -24.27
CA ARG A 646 -26.38 11.34 -23.46
C ARG A 646 -26.12 11.78 -22.04
N GLY A 647 -25.01 11.34 -21.46
CA GLY A 647 -24.74 11.68 -20.08
C GLY A 647 -24.65 13.17 -19.85
N VAL A 648 -23.86 13.87 -20.66
CA VAL A 648 -23.65 15.29 -20.42
C VAL A 648 -24.92 16.08 -20.64
N ALA A 649 -25.82 15.60 -21.49
CA ALA A 649 -27.11 16.26 -21.62
C ALA A 649 -27.94 16.07 -20.37
N ALA A 650 -27.80 14.95 -19.68
CA ALA A 650 -28.47 14.81 -18.40
C ALA A 650 -27.95 15.82 -17.40
N LEU A 651 -26.63 15.99 -17.35
CA LEU A 651 -26.04 16.93 -16.40
C LEU A 651 -26.39 18.36 -16.75
N ILE A 652 -26.55 18.67 -18.04
CA ILE A 652 -26.98 20.00 -18.44
C ILE A 652 -28.38 20.27 -17.93
N ALA A 653 -29.30 19.35 -18.19
CA ALA A 653 -30.69 19.59 -17.81
C ALA A 653 -30.85 19.56 -16.30
N PHE A 654 -30.11 18.69 -15.61
CA PHE A 654 -30.21 18.69 -14.17
C PHE A 654 -29.67 19.99 -13.59
N HIS A 655 -28.53 20.46 -14.08
CA HIS A 655 -28.02 21.70 -13.54
C HIS A 655 -28.97 22.86 -13.79
N GLY A 656 -29.43 23.02 -15.03
CA GLY A 656 -30.40 24.06 -15.31
C GLY A 656 -31.66 23.90 -14.51
N GLN A 657 -31.94 22.68 -14.05
CA GLN A 657 -33.03 22.47 -13.13
C GLN A 657 -32.77 23.06 -11.77
N ASN A 658 -31.53 23.03 -11.29
CA ASN A 658 -31.18 23.62 -10.02
C ASN A 658 -29.67 23.77 -9.89
N ARG B 122 41.78 -51.12 -0.79
CA ARG B 122 41.20 -49.82 -0.50
C ARG B 122 42.23 -48.73 -0.73
N LYS B 123 41.76 -47.59 -1.23
CA LYS B 123 42.67 -46.59 -1.77
C LYS B 123 42.17 -45.21 -1.36
N THR B 124 43.08 -44.24 -1.37
CA THR B 124 42.75 -42.91 -0.89
C THR B 124 41.74 -42.24 -1.80
N TYR B 125 40.99 -41.32 -1.23
CA TYR B 125 39.85 -40.70 -1.88
C TYR B 125 39.99 -39.19 -1.87
N ASP B 126 39.09 -38.52 -2.56
CA ASP B 126 39.15 -37.08 -2.69
C ASP B 126 37.73 -36.53 -2.65
N MET B 127 37.61 -35.22 -2.80
CA MET B 127 36.28 -34.60 -2.80
C MET B 127 35.46 -35.08 -3.98
N LYS B 128 36.08 -35.21 -5.15
CA LYS B 128 35.32 -35.59 -6.34
C LYS B 128 34.99 -37.08 -6.33
N SER B 129 35.99 -37.93 -6.17
CA SER B 129 35.76 -39.36 -6.29
C SER B 129 34.84 -39.87 -5.19
N LEU B 130 34.79 -39.21 -4.04
CA LEU B 130 33.76 -39.56 -3.06
C LEU B 130 32.38 -39.28 -3.61
N ARG B 131 32.21 -38.15 -4.29
CA ARG B 131 30.89 -37.80 -4.82
C ARG B 131 30.42 -38.83 -5.82
N ALA B 132 31.34 -39.58 -6.42
CA ALA B 132 30.95 -40.64 -7.33
C ALA B 132 30.83 -42.00 -6.65
N GLN B 133 31.69 -42.29 -5.68
CA GLN B 133 31.67 -43.59 -5.02
C GLN B 133 30.42 -43.82 -4.18
N GLU B 134 29.96 -42.80 -3.48
CA GLU B 134 28.78 -42.93 -2.65
C GLU B 134 27.61 -42.12 -3.16
N GLN B 135 27.33 -42.17 -4.47
CA GLN B 135 26.09 -41.58 -4.95
C GLN B 135 25.08 -42.65 -5.31
N PHE B 136 25.51 -43.90 -5.36
CA PHE B 136 24.55 -44.99 -5.39
C PHE B 136 23.74 -45.07 -4.10
N ASN B 137 24.42 -45.39 -3.00
CA ASN B 137 23.73 -45.73 -1.77
C ASN B 137 22.84 -44.61 -1.29
N TRP B 138 23.13 -43.38 -1.66
CA TRP B 138 22.32 -42.22 -1.26
C TRP B 138 21.90 -41.51 -2.54
N PRO B 139 20.80 -41.90 -3.15
CA PRO B 139 20.51 -41.43 -4.50
C PRO B 139 20.03 -40.01 -4.55
N ALA B 140 19.71 -39.37 -3.43
CA ALA B 140 19.28 -37.99 -3.52
C ALA B 140 20.38 -37.05 -3.98
N ILE B 141 21.57 -37.57 -4.30
CA ILE B 141 22.65 -36.77 -4.87
C ILE B 141 23.04 -37.27 -6.25
N MET B 142 22.25 -38.12 -6.86
CA MET B 142 22.53 -38.47 -8.24
C MET B 142 22.43 -37.25 -9.16
N PRO B 143 21.39 -36.41 -9.07
CA PRO B 143 21.24 -35.37 -10.07
C PRO B 143 22.34 -34.34 -10.06
N ILE B 144 23.40 -34.54 -9.29
CA ILE B 144 24.50 -33.59 -9.28
C ILE B 144 25.83 -34.23 -9.64
N VAL B 145 26.03 -35.51 -9.34
CA VAL B 145 27.34 -36.12 -9.45
C VAL B 145 27.98 -35.97 -10.83
N LYS B 146 27.18 -35.83 -11.88
CA LYS B 146 27.75 -35.69 -13.20
C LYS B 146 28.03 -34.24 -13.58
N GLU B 147 27.87 -33.32 -12.65
CA GLU B 147 28.12 -31.92 -12.97
C GLU B 147 29.36 -31.42 -12.23
N ASP B 148 29.75 -30.18 -12.54
CA ASP B 148 30.79 -29.45 -11.80
C ASP B 148 30.26 -28.03 -11.70
N LEU B 149 29.44 -27.78 -10.69
CA LEU B 149 28.74 -26.52 -10.56
C LEU B 149 29.67 -25.37 -10.22
N VAL B 150 30.81 -25.65 -9.60
CA VAL B 150 31.58 -24.59 -8.95
C VAL B 150 31.96 -23.51 -9.93
N SER B 151 32.48 -23.90 -11.09
CA SER B 151 32.86 -22.92 -12.09
C SER B 151 31.66 -22.21 -12.67
N GLN B 152 30.48 -22.80 -12.60
CA GLN B 152 29.31 -22.08 -13.10
C GLN B 152 28.96 -20.96 -12.13
N ASP B 153 28.07 -20.08 -12.56
CA ASP B 153 27.84 -18.82 -11.88
C ASP B 153 26.46 -18.79 -11.23
N VAL B 154 26.40 -18.23 -10.05
CA VAL B 154 25.12 -18.05 -9.39
C VAL B 154 24.36 -17.02 -10.22
N ASN B 155 23.03 -17.00 -10.06
CA ASN B 155 22.10 -16.12 -10.76
C ASN B 155 21.97 -16.42 -12.25
N LYS B 156 22.64 -17.45 -12.75
CA LYS B 156 22.57 -17.82 -14.16
C LYS B 156 22.55 -19.32 -14.32
N GLY B 157 21.60 -19.81 -15.11
CA GLY B 157 21.48 -21.22 -15.42
C GLY B 157 20.35 -21.87 -14.66
N PRO B 158 20.31 -23.20 -14.69
CA PRO B 158 19.37 -23.90 -13.81
C PRO B 158 19.78 -23.88 -12.36
N TRP B 159 21.04 -24.23 -12.04
CA TRP B 159 21.49 -24.32 -10.66
C TRP B 159 21.91 -22.94 -10.19
N ALA B 160 20.94 -22.08 -9.98
CA ALA B 160 21.18 -20.69 -9.63
C ALA B 160 20.56 -20.36 -8.30
N MET B 161 21.35 -19.75 -7.42
CA MET B 161 20.88 -19.34 -6.11
C MET B 161 19.60 -18.54 -6.21
N ALA B 162 18.87 -18.48 -5.11
CA ALA B 162 17.68 -17.65 -5.04
C ALA B 162 18.01 -16.20 -5.29
N LEU B 163 16.98 -15.37 -5.31
CA LEU B 163 17.18 -13.95 -5.39
C LEU B 163 16.99 -13.29 -4.04
N THR B 164 17.94 -12.45 -3.66
CA THR B 164 17.70 -11.59 -2.54
C THR B 164 16.59 -10.63 -2.91
N PRO B 165 15.89 -10.08 -1.92
CA PRO B 165 14.81 -9.16 -2.26
C PRO B 165 15.25 -8.02 -3.14
N MET B 166 16.49 -7.52 -2.99
CA MET B 166 16.97 -6.53 -3.95
C MET B 166 17.02 -7.10 -5.36
N GLU B 167 17.93 -8.04 -5.61
CA GLU B 167 18.09 -8.59 -6.95
C GLU B 167 16.76 -9.10 -7.50
N PHE B 168 15.73 -9.13 -6.67
CA PHE B 168 14.41 -9.52 -7.11
C PHE B 168 13.62 -8.32 -7.59
N ALA B 169 13.32 -7.38 -6.70
CA ALA B 169 12.52 -6.23 -7.10
C ALA B 169 13.13 -5.50 -8.29
N ARG B 170 14.42 -5.68 -8.52
CA ARG B 170 15.03 -5.19 -9.74
C ARG B 170 14.70 -6.07 -10.94
N LYS B 171 14.59 -7.37 -10.75
CA LYS B 171 14.26 -8.25 -11.87
C LYS B 171 12.85 -8.02 -12.36
N TYR B 172 11.93 -7.71 -11.44
CA TYR B 172 10.55 -7.46 -11.80
C TYR B 172 10.16 -5.99 -11.73
N ASN B 173 11.13 -5.08 -11.57
CA ASN B 173 10.91 -3.66 -11.78
C ASN B 173 9.79 -3.13 -10.89
N LEU B 174 10.00 -3.28 -9.59
CA LEU B 174 9.01 -2.87 -8.60
C LEU B 174 9.34 -1.53 -7.94
N LEU B 175 10.53 -1.00 -8.17
CA LEU B 175 11.12 0.06 -7.34
C LEU B 175 10.56 1.44 -7.68
N ARG B 176 10.64 2.33 -6.70
CA ARG B 176 10.25 3.71 -6.92
C ARG B 176 10.83 4.55 -5.80
N LYS B 177 11.33 5.73 -6.14
CA LYS B 177 11.89 6.62 -5.14
C LYS B 177 10.75 7.31 -4.41
N ASP B 178 10.64 7.00 -3.12
CA ASP B 178 9.45 7.34 -2.35
C ASP B 178 9.39 8.82 -2.02
N ASP B 179 8.35 9.50 -2.48
CA ASP B 179 8.19 10.90 -2.14
C ASP B 179 7.50 11.06 -0.80
N ALA B 180 8.05 11.96 0.01
CA ALA B 180 7.51 12.18 1.34
C ALA B 180 6.07 12.66 1.26
N LEU B 181 5.41 12.68 2.42
CA LEU B 181 4.00 13.02 2.57
C LEU B 181 3.08 11.97 1.98
N LEU B 182 3.61 11.05 1.19
CA LEU B 182 2.85 9.97 0.60
C LEU B 182 3.20 8.62 1.17
N ASP B 183 4.44 8.45 1.61
CA ASP B 183 4.85 7.28 2.36
C ASP B 183 5.96 7.68 3.31
N ASN B 184 5.60 8.01 4.53
CA ASN B 184 6.51 8.68 5.44
C ASN B 184 7.70 7.78 5.72
N PRO B 185 8.92 8.19 5.38
CA PRO B 185 10.09 7.35 5.63
C PRO B 185 10.54 7.44 7.08
N VAL B 186 11.18 6.37 7.52
CA VAL B 186 11.85 6.41 8.82
C VAL B 186 12.95 7.45 8.76
N PRO B 187 12.98 8.42 9.68
CA PRO B 187 13.88 9.56 9.51
C PRO B 187 15.33 9.18 9.35
N GLY B 188 15.76 8.08 9.94
CA GLY B 188 17.15 7.68 9.80
C GLY B 188 17.49 7.05 8.47
N GLU B 189 16.59 7.07 7.50
CA GLU B 189 16.79 6.38 6.23
C GLU B 189 16.92 7.36 5.09
N GLU B 190 17.96 7.18 4.28
CA GLU B 190 18.08 7.81 2.97
C GLU B 190 18.99 6.94 2.12
N MET B 191 18.96 7.17 0.82
CA MET B 191 19.73 6.38 -0.13
C MET B 191 19.27 4.93 -0.12
N THR B 192 17.96 4.76 -0.29
CA THR B 192 17.27 3.47 -0.34
C THR B 192 16.19 3.53 -1.41
N ALA B 193 15.21 2.64 -1.32
CA ALA B 193 14.20 2.56 -2.35
C ALA B 193 12.81 2.50 -1.76
N GLY B 194 11.85 2.29 -2.63
CA GLY B 194 10.50 1.95 -2.23
C GLY B 194 9.82 1.21 -3.36
N ILE B 195 8.99 0.27 -3.00
CA ILE B 195 8.47 -0.67 -4.00
C ILE B 195 7.01 -0.38 -4.29
N ARG B 196 6.65 -0.54 -5.56
CA ARG B 196 5.31 -0.24 -6.04
C ARG B 196 4.36 -1.34 -5.63
N ARG B 197 3.34 -1.01 -4.86
CA ARG B 197 2.38 -2.03 -4.47
C ARG B 197 1.67 -2.62 -5.68
N GLY B 198 1.25 -1.77 -6.63
CA GLY B 198 0.44 -2.23 -7.74
C GLY B 198 1.08 -3.28 -8.61
N ASP B 199 2.38 -3.21 -8.81
CA ASP B 199 3.06 -4.26 -9.56
C ASP B 199 3.64 -5.33 -8.67
N ALA B 200 3.83 -5.05 -7.39
CA ALA B 200 4.25 -6.11 -6.49
C ALA B 200 3.14 -7.11 -6.28
N LYS B 201 1.93 -6.63 -5.96
CA LYS B 201 0.86 -7.57 -5.67
C LYS B 201 0.52 -8.40 -6.89
N ARG B 202 0.72 -7.85 -8.08
CA ARG B 202 0.54 -8.64 -9.29
C ARG B 202 1.62 -9.69 -9.44
N VAL B 203 2.86 -9.37 -9.11
CA VAL B 203 3.89 -10.36 -9.35
C VAL B 203 3.83 -11.46 -8.29
N PHE B 204 3.39 -11.13 -7.09
CA PHE B 204 3.27 -12.18 -6.08
C PHE B 204 2.07 -13.08 -6.35
N THR B 205 0.90 -12.51 -6.67
CA THR B 205 -0.25 -13.35 -7.02
C THR B 205 0.09 -14.32 -8.10
N MET B 206 0.69 -13.85 -9.17
CA MET B 206 1.08 -14.73 -10.26
C MET B 206 1.92 -15.89 -9.76
N GLN B 207 2.59 -15.75 -8.63
CA GLN B 207 3.40 -16.85 -8.15
C GLN B 207 2.60 -17.91 -7.44
N LEU B 208 1.37 -17.62 -7.05
CA LEU B 208 0.54 -18.72 -6.56
C LEU B 208 0.33 -19.71 -7.69
N GLY B 209 0.34 -20.97 -7.34
CA GLY B 209 0.27 -21.99 -8.34
C GLY B 209 -1.06 -21.97 -9.03
N PRO B 210 -1.23 -22.83 -10.01
CA PRO B 210 -2.55 -23.02 -10.60
C PRO B 210 -3.53 -23.45 -9.53
N TYR B 211 -4.81 -23.42 -9.85
CA TYR B 211 -5.78 -23.92 -8.90
C TYR B 211 -5.59 -25.41 -8.68
N TRP B 212 -6.22 -25.90 -7.62
CA TRP B 212 -6.18 -27.31 -7.28
C TRP B 212 -7.54 -27.92 -7.57
N ASP B 213 -7.60 -28.79 -8.56
CA ASP B 213 -8.84 -29.44 -8.93
C ASP B 213 -8.82 -30.93 -8.76
N GLY B 214 -7.68 -31.58 -8.84
CA GLY B 214 -7.63 -33.01 -8.62
C GLY B 214 -6.22 -33.52 -8.79
N PHE B 215 -5.86 -34.43 -7.90
CA PHE B 215 -4.52 -34.98 -7.94
C PHE B 215 -4.18 -35.51 -9.32
N GLU B 216 -5.15 -36.09 -10.01
CA GLU B 216 -4.90 -36.56 -11.36
C GLU B 216 -4.73 -35.40 -12.33
N ARG B 217 -5.02 -34.18 -11.90
CA ARG B 217 -4.81 -33.00 -12.74
C ARG B 217 -3.78 -32.15 -12.00
N CYS B 218 -2.50 -32.44 -12.20
CA CYS B 218 -1.42 -31.61 -11.68
C CYS B 218 -0.21 -31.80 -12.56
N SER B 219 0.78 -30.95 -12.37
CA SER B 219 2.01 -31.05 -13.13
C SER B 219 2.63 -32.44 -12.93
N PRO B 220 3.17 -33.04 -13.98
CA PRO B 220 3.58 -34.46 -13.87
C PRO B 220 4.67 -34.71 -12.86
N GLN B 221 5.35 -33.67 -12.36
CA GLN B 221 6.22 -33.88 -11.20
C GLN B 221 5.50 -33.62 -9.88
N ALA B 222 4.74 -32.54 -9.77
CA ALA B 222 3.95 -32.29 -8.58
C ALA B 222 3.03 -33.45 -8.24
N TYR B 223 2.89 -34.39 -9.16
CA TYR B 223 2.18 -35.63 -8.96
C TYR B 223 3.06 -36.73 -8.40
N ALA B 224 4.35 -36.54 -8.36
CA ALA B 224 5.24 -37.53 -7.79
C ALA B 224 5.85 -37.07 -6.48
N LEU B 225 5.58 -35.84 -6.09
CA LEU B 225 5.83 -35.39 -4.74
C LEU B 225 4.55 -35.23 -3.94
N SER B 226 3.41 -35.18 -4.60
CA SER B 226 2.20 -35.49 -3.86
C SER B 226 2.27 -36.90 -3.33
N ALA B 227 2.72 -37.83 -4.16
CA ALA B 227 2.68 -39.24 -3.77
C ALA B 227 3.58 -39.51 -2.58
N VAL B 228 4.81 -38.98 -2.59
CA VAL B 228 5.78 -39.34 -1.57
C VAL B 228 5.29 -38.95 -0.20
N PHE B 229 4.80 -37.73 -0.04
CA PHE B 229 4.24 -37.40 1.25
C PHE B 229 3.07 -38.29 1.61
N MET B 230 2.22 -38.62 0.65
CA MET B 230 1.07 -39.44 0.97
C MET B 230 1.48 -40.79 1.51
N ALA B 231 2.45 -41.45 0.87
CA ALA B 231 2.92 -42.71 1.43
C ALA B 231 3.46 -42.51 2.83
N ARG B 232 4.09 -41.36 3.09
CA ARG B 232 4.71 -41.13 4.38
C ARG B 232 3.70 -40.79 5.44
N MET B 233 2.63 -40.06 5.11
CA MET B 233 1.68 -39.73 6.16
C MET B 233 1.15 -40.98 6.82
N ASN B 234 0.81 -41.98 6.03
CA ASN B 234 0.29 -43.24 6.54
C ASN B 234 1.42 -44.21 6.86
N ARG B 235 2.59 -43.66 7.15
CA ARG B 235 3.66 -44.38 7.82
C ARG B 235 4.23 -45.51 6.97
N ASP B 236 3.67 -45.78 5.81
CA ASP B 236 4.07 -46.98 5.07
C ASP B 236 5.34 -46.61 4.32
N ARG B 237 6.42 -46.43 5.06
CA ARG B 237 7.59 -45.73 4.57
C ARG B 237 8.24 -46.38 3.37
N ASP B 238 8.40 -47.70 3.34
CA ASP B 238 9.13 -48.30 2.24
C ASP B 238 8.40 -48.13 0.93
N ALA B 239 7.12 -47.79 0.98
CA ALA B 239 6.44 -47.40 -0.25
C ALA B 239 7.01 -46.09 -0.77
N ALA B 240 7.10 -45.07 0.09
CA ALA B 240 7.60 -43.78 -0.35
C ALA B 240 9.05 -43.88 -0.81
N ASN B 241 9.89 -44.56 -0.03
CA ASN B 241 11.31 -44.53 -0.32
C ASN B 241 11.62 -45.01 -1.72
N ASN B 242 10.95 -46.05 -2.19
CA ASN B 242 11.32 -46.55 -3.52
C ASN B 242 10.86 -45.61 -4.60
N ILE B 243 9.94 -44.69 -4.29
CA ILE B 243 9.61 -43.68 -5.27
C ILE B 243 10.83 -42.82 -5.53
N LEU B 244 11.42 -42.27 -4.48
CA LEU B 244 12.48 -41.29 -4.68
C LEU B 244 13.78 -41.97 -5.13
N LYS B 245 14.00 -43.21 -4.73
CA LYS B 245 15.26 -43.88 -5.05
C LYS B 245 15.39 -44.11 -6.56
N VAL B 246 14.32 -44.54 -7.21
CA VAL B 246 14.38 -44.71 -8.65
C VAL B 246 14.23 -43.36 -9.35
N LEU B 247 13.51 -42.43 -8.73
CA LEU B 247 13.09 -41.25 -9.44
C LEU B 247 14.29 -40.40 -9.88
N ASP B 248 15.38 -40.47 -9.13
CA ASP B 248 16.62 -39.82 -9.56
C ASP B 248 17.30 -40.61 -10.66
N LYS B 249 17.36 -41.94 -10.50
CA LYS B 249 18.12 -42.75 -11.45
C LYS B 249 17.57 -42.59 -12.86
N THR B 250 16.29 -42.31 -13.00
CA THR B 250 15.73 -42.00 -14.31
C THR B 250 16.09 -40.59 -14.75
N PHE B 251 16.25 -39.65 -13.83
CA PHE B 251 16.61 -38.29 -14.21
C PHE B 251 18.09 -38.19 -14.55
N VAL B 252 18.94 -38.78 -13.72
CA VAL B 252 20.37 -38.74 -13.99
C VAL B 252 20.67 -39.39 -15.32
N ASP B 253 19.75 -40.19 -15.86
CA ASP B 253 19.96 -40.84 -17.14
C ASP B 253 18.84 -40.40 -18.07
N GLY B 254 19.08 -39.31 -18.79
CA GLY B 254 18.11 -38.88 -19.79
C GLY B 254 16.97 -38.10 -19.18
N LYS B 255 15.75 -38.55 -19.44
CA LYS B 255 14.56 -37.86 -18.98
C LYS B 255 13.83 -38.70 -17.95
N PRO B 256 13.44 -38.13 -16.82
CA PRO B 256 12.86 -38.93 -15.73
C PRO B 256 11.38 -39.16 -15.94
N ASP B 257 10.90 -40.33 -15.51
CA ASP B 257 9.50 -40.68 -15.68
C ASP B 257 8.82 -40.81 -14.32
N PHE B 258 7.83 -39.96 -14.09
CA PHE B 258 7.10 -39.90 -12.85
C PHE B 258 5.96 -40.90 -12.83
N SER B 259 5.80 -41.67 -13.90
CA SER B 259 4.85 -42.77 -13.90
C SER B 259 5.43 -44.02 -13.27
N VAL B 260 6.43 -43.87 -12.41
CA VAL B 260 6.83 -44.97 -11.52
C VAL B 260 6.15 -44.85 -10.17
N ALA B 261 5.39 -43.78 -9.96
CA ALA B 261 4.67 -43.53 -8.72
C ALA B 261 3.17 -43.40 -8.90
N ARG B 262 2.55 -44.28 -9.68
CA ARG B 262 1.09 -44.41 -9.59
C ARG B 262 0.66 -45.30 -8.44
N PRO B 263 1.07 -46.56 -8.33
CA PRO B 263 0.40 -47.49 -7.42
C PRO B 263 0.44 -47.06 -5.97
N VAL B 264 1.26 -46.08 -5.61
CA VAL B 264 1.06 -45.44 -4.32
C VAL B 264 -0.01 -44.37 -4.44
N MET B 265 -0.01 -43.64 -5.54
CA MET B 265 -0.92 -42.50 -5.63
C MET B 265 -2.37 -42.93 -5.59
N LYS B 266 -2.72 -44.00 -6.29
CA LYS B 266 -4.10 -44.44 -6.25
C LYS B 266 -4.47 -45.09 -4.93
N LYS B 267 -3.50 -45.60 -4.19
CA LYS B 267 -3.91 -46.33 -3.00
C LYS B 267 -4.34 -45.41 -1.88
N TYR B 268 -3.60 -44.34 -1.61
CA TYR B 268 -3.89 -43.48 -0.47
C TYR B 268 -4.59 -42.19 -0.86
N GLN B 269 -5.03 -42.07 -2.12
CA GLN B 269 -5.67 -40.83 -2.56
C GLN B 269 -6.86 -40.47 -1.69
N ASN B 270 -7.34 -41.38 -0.87
CA ASN B 270 -8.47 -41.12 0.00
C ASN B 270 -8.29 -41.70 1.40
N SER B 271 -7.07 -41.79 1.90
CA SER B 271 -6.93 -42.12 3.31
C SER B 271 -7.39 -40.93 4.14
N GLU B 272 -7.76 -41.21 5.39
CA GLU B 272 -8.48 -40.21 6.15
C GLU B 272 -7.62 -38.98 6.42
N LEU B 273 -6.33 -39.16 6.65
CA LEU B 273 -5.48 -38.01 6.93
C LEU B 273 -5.36 -37.11 5.71
N VAL B 274 -5.04 -37.66 4.56
CA VAL B 274 -4.76 -36.84 3.38
C VAL B 274 -5.96 -36.00 3.02
N GLN B 275 -7.13 -36.62 2.97
CA GLN B 275 -8.34 -35.84 2.68
C GLN B 275 -8.52 -34.73 3.70
N GLU B 276 -8.13 -34.97 4.95
CA GLU B 276 -8.17 -33.91 5.95
C GLU B 276 -7.18 -32.80 5.63
N VAL B 277 -5.99 -33.16 5.19
CA VAL B 277 -4.98 -32.16 4.83
C VAL B 277 -5.36 -31.46 3.54
N VAL B 278 -5.92 -32.20 2.59
CA VAL B 278 -6.00 -31.70 1.24
C VAL B 278 -7.32 -31.02 0.93
N ALA B 279 -8.36 -31.27 1.69
CA ALA B 279 -9.60 -30.56 1.41
C ALA B 279 -9.62 -29.20 2.05
N LYS B 280 -8.56 -28.86 2.75
CA LYS B 280 -8.49 -27.71 3.63
C LYS B 280 -7.86 -26.50 2.97
N HIS B 281 -7.16 -26.68 1.86
CA HIS B 281 -6.32 -25.65 1.28
C HIS B 281 -6.90 -25.21 -0.05
N ALA B 282 -6.15 -24.39 -0.78
CA ALA B 282 -6.68 -23.83 -2.00
C ALA B 282 -5.88 -24.16 -3.24
N TYR B 283 -4.63 -23.77 -3.30
CA TYR B 283 -3.85 -23.84 -4.51
C TYR B 283 -2.84 -24.99 -4.44
N VAL B 284 -2.35 -25.41 -5.59
CA VAL B 284 -1.65 -26.67 -5.63
C VAL B 284 -0.24 -26.54 -5.07
N LEU B 285 0.28 -25.32 -4.93
CA LEU B 285 1.50 -25.17 -4.14
C LEU B 285 1.20 -25.29 -2.66
N THR B 286 0.15 -24.63 -2.20
CA THR B 286 -0.14 -24.67 -0.79
C THR B 286 -0.42 -26.09 -0.31
N VAL B 287 -1.21 -26.85 -1.05
CA VAL B 287 -1.44 -28.24 -0.66
C VAL B 287 -0.16 -29.04 -0.67
N ILE B 288 0.57 -29.04 -1.79
CA ILE B 288 1.80 -29.81 -1.81
C ILE B 288 2.73 -29.39 -0.70
N ALA B 289 2.70 -28.13 -0.31
CA ALA B 289 3.47 -27.73 0.86
C ALA B 289 2.84 -28.26 2.12
N SER B 290 1.56 -28.00 2.33
CA SER B 290 0.96 -28.37 3.59
C SER B 290 0.87 -29.87 3.78
N LEU B 291 0.92 -30.63 2.68
CA LEU B 291 1.06 -32.07 2.84
C LEU B 291 2.35 -32.39 3.55
N LEU B 292 3.45 -31.79 3.07
CA LEU B 292 4.75 -32.06 3.66
C LEU B 292 4.75 -31.71 5.14
N GLU B 293 4.19 -30.56 5.48
CA GLU B 293 4.05 -30.17 6.89
C GLU B 293 3.63 -31.34 7.75
N ALA B 294 2.88 -32.28 7.19
CA ALA B 294 2.48 -33.43 7.98
C ALA B 294 3.35 -34.64 7.69
N ALA B 295 3.67 -34.88 6.43
CA ALA B 295 4.42 -36.09 6.11
C ALA B 295 5.79 -36.08 6.72
N ARG B 296 6.24 -34.95 7.19
CA ARG B 296 7.50 -34.87 7.90
C ARG B 296 7.32 -35.19 9.38
N GLU B 297 6.11 -35.07 9.89
CA GLU B 297 5.84 -35.42 11.28
C GLU B 297 5.99 -36.89 11.56
N ASP B 298 6.10 -37.73 10.52
CA ASP B 298 6.35 -39.15 10.73
C ASP B 298 7.82 -39.47 10.58
N GLY B 299 8.68 -38.59 11.08
CA GLY B 299 10.09 -38.80 11.00
C GLY B 299 10.78 -37.58 10.45
N VAL B 300 11.47 -37.73 9.34
CA VAL B 300 12.17 -36.64 8.66
C VAL B 300 11.92 -36.78 7.17
N VAL B 301 11.60 -35.67 6.51
CA VAL B 301 11.64 -35.66 5.04
C VAL B 301 12.54 -34.49 4.66
N PRO B 302 13.85 -34.67 4.75
CA PRO B 302 14.76 -33.55 4.48
C PRO B 302 14.63 -33.11 3.05
N SER B 303 14.62 -31.79 2.86
CA SER B 303 14.41 -31.28 1.53
C SER B 303 15.56 -31.54 0.60
N SER B 304 16.48 -32.41 0.97
CA SER B 304 17.58 -32.76 0.10
C SER B 304 17.26 -33.91 -0.81
N GLU B 305 16.08 -34.49 -0.69
CA GLU B 305 15.70 -35.56 -1.57
C GLU B 305 14.90 -35.06 -2.76
N PHE B 306 14.85 -33.75 -2.94
CA PHE B 306 14.19 -33.17 -4.10
C PHE B 306 15.22 -32.48 -5.00
N LEU B 307 16.40 -33.07 -5.19
CA LEU B 307 17.31 -32.40 -6.09
C LEU B 307 17.10 -32.73 -7.55
N TRP B 308 16.33 -33.75 -7.88
CA TRP B 308 15.87 -33.79 -9.26
C TRP B 308 14.92 -32.65 -9.53
N LEU B 309 14.45 -32.00 -8.47
CA LEU B 309 13.41 -31.01 -8.62
C LEU B 309 13.95 -29.68 -9.08
N LYS B 310 15.20 -29.34 -8.79
CA LYS B 310 15.64 -27.98 -9.03
C LYS B 310 15.62 -27.54 -10.48
N PRO B 311 16.12 -28.30 -11.44
CA PRO B 311 16.00 -27.84 -12.81
C PRO B 311 14.58 -27.99 -13.35
N VAL B 312 13.99 -29.18 -13.21
CA VAL B 312 12.72 -29.45 -13.88
C VAL B 312 11.60 -28.57 -13.37
N ASP B 313 11.77 -27.95 -12.22
CA ASP B 313 10.83 -26.96 -11.74
C ASP B 313 11.55 -26.05 -10.76
N ARG B 314 11.05 -24.84 -10.65
CA ARG B 314 11.65 -23.87 -9.77
C ARG B 314 10.71 -23.40 -8.69
N ARG B 315 9.56 -22.87 -9.07
CA ARG B 315 8.65 -22.32 -8.08
C ARG B 315 8.26 -23.36 -7.04
N LEU B 316 8.29 -24.64 -7.42
CA LEU B 316 8.03 -25.68 -6.44
C LEU B 316 9.21 -25.88 -5.48
N TRP B 317 10.37 -26.23 -6.02
CA TRP B 317 11.59 -26.42 -5.24
C TRP B 317 11.86 -25.30 -4.26
N TYR B 318 11.24 -24.14 -4.42
CA TYR B 318 11.39 -23.20 -3.34
C TYR B 318 10.17 -23.14 -2.45
N MET B 319 9.01 -23.65 -2.88
CA MET B 319 7.95 -23.80 -1.91
C MET B 319 8.22 -24.93 -0.94
N LEU B 320 8.70 -26.07 -1.42
CA LEU B 320 9.01 -27.14 -0.49
C LEU B 320 10.15 -26.73 0.42
N ASN B 321 11.17 -26.10 -0.14
CA ASN B 321 12.35 -25.80 0.65
C ASN B 321 12.12 -24.68 1.65
N CYS B 322 10.96 -24.05 1.64
CA CYS B 322 10.66 -23.08 2.66
C CYS B 322 9.81 -23.63 3.80
N VAL B 323 9.04 -24.65 3.54
CA VAL B 323 8.09 -25.09 4.56
C VAL B 323 8.84 -25.77 5.69
N GLY B 324 8.56 -25.35 6.90
CA GLY B 324 9.38 -25.72 8.02
C GLY B 324 10.13 -24.52 8.56
N ARG B 325 10.42 -23.55 7.71
CA ARG B 325 10.99 -22.30 8.18
C ARG B 325 9.88 -21.38 8.64
N GLN B 326 10.29 -20.19 9.05
CA GLN B 326 9.35 -19.11 9.26
C GLN B 326 9.73 -17.87 8.47
N THR B 327 10.69 -17.98 7.57
CA THR B 327 10.99 -16.96 6.57
C THR B 327 11.18 -17.64 5.23
N PRO B 328 10.53 -17.18 4.19
CA PRO B 328 10.64 -17.87 2.90
C PRO B 328 11.76 -17.30 2.10
N TYR B 329 12.01 -17.80 0.91
CA TYR B 329 12.91 -17.10 0.01
C TYR B 329 12.19 -15.88 -0.52
N SER B 330 12.64 -15.31 -1.62
CA SER B 330 11.76 -14.38 -2.29
C SER B 330 11.33 -14.84 -3.66
N GLU B 331 11.92 -15.91 -4.19
CA GLU B 331 11.30 -16.50 -5.35
C GLU B 331 9.89 -16.98 -5.06
N VAL B 332 9.61 -17.48 -3.86
CA VAL B 332 8.30 -18.01 -3.52
C VAL B 332 7.85 -17.34 -2.23
N ALA B 333 7.29 -16.16 -2.33
CA ALA B 333 6.73 -15.55 -1.15
C ALA B 333 5.23 -15.43 -1.25
N GLY B 334 4.68 -15.53 -2.45
CA GLY B 334 3.25 -15.63 -2.62
C GLY B 334 2.72 -16.85 -1.90
N PRO B 335 3.15 -18.05 -2.30
CA PRO B 335 2.62 -19.23 -1.63
C PRO B 335 2.89 -19.24 -0.14
N PHE B 336 4.04 -18.78 0.30
CA PHE B 336 4.35 -18.89 1.71
C PHE B 336 3.56 -17.89 2.52
N ALA B 337 3.19 -16.76 1.93
CA ALA B 337 2.33 -15.85 2.67
C ALA B 337 0.93 -16.39 2.72
N HIS B 338 0.50 -17.10 1.69
CA HIS B 338 -0.80 -17.76 1.72
C HIS B 338 -0.78 -18.92 2.69
N TRP B 339 0.24 -19.78 2.58
CA TRP B 339 0.26 -21.01 3.37
C TRP B 339 0.17 -20.73 4.84
N LYS B 340 0.64 -19.56 5.28
CA LYS B 340 0.46 -19.16 6.66
C LYS B 340 -0.90 -18.52 6.86
N ALA B 341 -1.41 -17.81 5.86
CA ALA B 341 -2.70 -17.16 6.04
C ALA B 341 -3.80 -18.16 6.31
N GLU B 342 -3.87 -19.24 5.54
CA GLU B 342 -4.91 -20.22 5.72
C GLU B 342 -4.51 -21.35 6.63
N LYS B 343 -3.28 -21.41 7.10
CA LYS B 343 -3.02 -22.22 8.27
C LYS B 343 -3.36 -21.46 9.53
N GLU B 344 -3.71 -20.17 9.38
CA GLU B 344 -4.19 -19.38 10.51
C GLU B 344 -5.70 -19.43 10.62
N MET B 345 -6.41 -19.07 9.55
CA MET B 345 -7.85 -19.09 9.61
C MET B 345 -8.36 -20.49 9.89
N GLY B 346 -7.76 -21.47 9.24
CA GLY B 346 -8.31 -22.81 9.30
C GLY B 346 -9.41 -22.92 8.28
N ARG B 347 -9.14 -22.46 7.07
CA ARG B 347 -10.15 -22.42 6.05
C ARG B 347 -9.49 -22.24 4.70
N ARG B 348 -9.97 -22.96 3.71
CA ARG B 348 -9.50 -22.69 2.38
C ARG B 348 -9.97 -21.30 1.96
N SER B 349 -9.28 -20.72 0.99
CA SER B 349 -9.65 -19.40 0.50
C SER B 349 -9.18 -19.29 -0.92
N LEU B 350 -10.10 -19.40 -1.87
CA LEU B 350 -9.68 -19.45 -3.25
C LEU B 350 -9.09 -18.15 -3.75
N VAL B 351 -9.36 -17.04 -3.07
CA VAL B 351 -8.71 -15.77 -3.48
C VAL B 351 -7.22 -15.90 -3.26
N PRO B 352 -6.41 -14.90 -3.61
CA PRO B 352 -5.10 -14.81 -3.00
C PRO B 352 -5.18 -14.01 -1.71
N MET B 353 -4.42 -14.45 -0.70
CA MET B 353 -4.20 -13.64 0.50
C MET B 353 -2.68 -13.44 0.63
N ILE B 354 -2.15 -12.52 -0.14
CA ILE B 354 -0.75 -12.14 -0.11
C ILE B 354 -0.59 -10.71 0.33
N ASP B 355 -1.52 -10.20 1.11
CA ASP B 355 -1.40 -8.84 1.61
C ASP B 355 -0.28 -8.70 2.61
N GLU B 356 0.39 -9.80 2.95
CA GLU B 356 1.49 -9.72 3.90
C GLU B 356 2.83 -9.85 3.21
N ALA B 357 2.93 -10.69 2.18
CA ALA B 357 4.20 -10.84 1.49
C ALA B 357 4.59 -9.57 0.76
N ILE B 358 3.64 -8.67 0.50
CA ILE B 358 4.02 -7.34 0.05
C ILE B 358 4.71 -6.60 1.19
N ARG B 359 4.09 -6.61 2.36
CA ARG B 359 4.62 -5.83 3.46
C ARG B 359 5.99 -6.31 3.88
N ALA B 360 6.26 -7.60 3.72
CA ALA B 360 7.60 -8.09 4.02
C ALA B 360 8.62 -7.53 3.05
N LEU B 361 8.22 -7.34 1.79
CA LEU B 361 9.19 -6.83 0.83
C LEU B 361 9.54 -5.38 1.10
N GLU B 362 8.60 -4.57 1.56
CA GLU B 362 8.96 -3.20 1.93
C GLU B 362 9.99 -3.20 3.04
N ILE B 363 9.80 -4.04 4.06
CA ILE B 363 10.74 -4.13 5.17
C ILE B 363 12.10 -4.64 4.74
N ALA B 364 12.16 -5.54 3.77
CA ALA B 364 13.43 -6.05 3.30
C ALA B 364 13.94 -5.34 2.06
N VAL B 365 13.41 -4.17 1.75
CA VAL B 365 14.03 -3.31 0.76
C VAL B 365 14.49 -2.00 1.38
N LYS B 366 13.88 -1.57 2.49
CA LYS B 366 14.42 -0.46 3.27
C LYS B 366 15.59 -0.90 4.12
N GLU B 367 16.26 -1.95 3.71
CA GLU B 367 17.40 -2.51 4.40
C GLU B 367 18.69 -2.37 3.61
N VAL B 368 18.61 -2.47 2.29
CA VAL B 368 19.80 -2.30 1.46
C VAL B 368 20.01 -0.83 1.15
N ARG B 369 21.13 -0.29 1.62
CA ARG B 369 21.49 1.10 1.36
C ARG B 369 21.94 1.27 -0.08
N LEU B 370 21.39 2.28 -0.75
CA LEU B 370 21.60 2.48 -2.18
C LEU B 370 22.64 3.56 -2.43
N THR B 371 23.61 3.27 -3.28
CA THR B 371 24.60 4.27 -3.63
C THR B 371 23.94 5.36 -4.47
N PRO B 372 24.38 6.61 -4.31
CA PRO B 372 23.72 7.72 -5.01
C PRO B 372 23.71 7.58 -6.52
N ARG B 373 24.75 6.99 -7.12
CA ARG B 373 24.76 6.89 -8.57
C ARG B 373 23.59 6.06 -9.09
N GLN B 374 23.32 4.93 -8.43
CA GLN B 374 22.16 4.11 -8.76
C GLN B 374 20.91 4.56 -8.02
N MET B 375 21.04 5.49 -7.08
CA MET B 375 19.86 6.14 -6.52
C MET B 375 19.07 6.86 -7.59
N GLU B 376 19.75 7.58 -8.46
CA GLU B 376 19.05 8.48 -9.38
C GLU B 376 18.62 7.81 -10.66
N GLU B 377 18.96 6.55 -10.89
CA GLU B 377 18.49 5.89 -12.11
C GLU B 377 17.02 5.52 -12.02
N LEU B 378 16.55 5.21 -10.82
CA LEU B 378 15.16 4.79 -10.65
C LEU B 378 14.27 6.02 -10.50
N GLU B 379 13.02 5.88 -10.99
CA GLU B 379 12.10 7.01 -11.15
C GLU B 379 10.79 6.78 -10.42
N PRO B 380 10.16 7.84 -9.92
CA PRO B 380 8.93 7.72 -9.15
C PRO B 380 7.72 7.56 -10.03
N ARG C 7 -20.71 -5.23 -28.02
CA ARG C 7 -21.22 -4.13 -27.21
C ARG C 7 -22.05 -4.66 -26.08
N CYS C 8 -21.59 -5.77 -25.50
CA CYS C 8 -22.37 -6.50 -24.50
C CYS C 8 -22.58 -5.62 -23.27
N GLU C 9 -23.32 -6.14 -22.29
CA GLU C 9 -23.54 -5.43 -21.04
C GLU C 9 -22.58 -5.93 -19.99
N LEU C 10 -22.56 -5.24 -18.85
CA LEU C 10 -21.65 -5.56 -17.78
C LEU C 10 -22.33 -6.50 -16.80
N LYS C 11 -21.60 -7.50 -16.34
CA LYS C 11 -22.06 -8.33 -15.26
C LYS C 11 -20.93 -8.46 -14.26
N LEU C 12 -21.20 -8.08 -13.02
CA LEU C 12 -20.13 -8.04 -12.04
C LEU C 12 -19.71 -9.46 -11.71
N ILE C 13 -18.79 -10.00 -12.50
CA ILE C 13 -18.38 -11.39 -12.38
C ILE C 13 -17.35 -11.52 -11.28
N ALA C 14 -17.74 -12.16 -10.18
CA ALA C 14 -16.83 -12.43 -9.07
C ALA C 14 -16.13 -13.75 -9.37
N SER C 15 -15.24 -13.72 -10.35
CA SER C 15 -14.63 -15.00 -10.70
C SER C 15 -13.33 -15.20 -9.94
N PRO C 16 -13.08 -16.40 -9.44
CA PRO C 16 -11.95 -16.58 -8.51
C PRO C 16 -10.60 -16.35 -9.16
N GLY C 17 -10.31 -17.03 -10.25
CA GLY C 17 -8.98 -16.96 -10.82
C GLY C 17 -8.92 -16.39 -12.22
N SER C 18 -9.65 -15.32 -12.49
CA SER C 18 -9.47 -14.63 -13.75
C SER C 18 -8.39 -13.59 -13.70
N TRP C 19 -8.29 -12.84 -12.61
CA TRP C 19 -7.18 -11.90 -12.48
C TRP C 19 -5.84 -12.54 -12.73
N ARG C 20 -5.52 -13.67 -12.08
CA ARG C 20 -4.19 -14.22 -12.29
C ARG C 20 -3.87 -14.29 -13.77
N LEU C 21 -4.80 -14.83 -14.56
CA LEU C 21 -4.55 -14.89 -15.99
C LEU C 21 -4.66 -13.53 -16.65
N TYR C 22 -5.65 -12.72 -16.27
CA TYR C 22 -5.87 -11.47 -16.97
C TYR C 22 -4.66 -10.57 -16.89
N SER C 23 -4.14 -10.32 -15.69
CA SER C 23 -2.89 -9.57 -15.61
C SER C 23 -1.74 -10.30 -16.25
N ALA C 24 -1.67 -11.62 -16.06
CA ALA C 24 -0.54 -12.36 -16.62
C ALA C 24 -0.36 -12.05 -18.09
N ARG C 25 -1.44 -12.08 -18.85
CA ARG C 25 -1.31 -11.73 -20.25
C ARG C 25 -0.82 -10.32 -20.43
N LYS C 26 -1.26 -9.41 -19.57
CA LYS C 26 -1.06 -7.98 -19.78
C LYS C 26 0.42 -7.62 -19.92
N ILE C 27 1.32 -8.40 -19.34
CA ILE C 27 2.73 -8.10 -19.48
C ILE C 27 3.36 -8.79 -20.69
N ASP C 28 2.75 -9.84 -21.20
CA ASP C 28 3.32 -10.50 -22.37
C ASP C 28 3.15 -9.63 -23.61
N GLU C 29 3.62 -10.17 -24.74
CA GLU C 29 3.46 -9.50 -26.01
C GLU C 29 2.27 -10.02 -26.79
N ARG C 30 1.87 -11.27 -26.57
CA ARG C 30 0.72 -11.80 -27.27
C ARG C 30 -0.57 -11.09 -26.86
N PHE C 31 -0.65 -10.67 -25.60
CA PHE C 31 -1.77 -9.82 -25.20
C PHE C 31 -1.44 -8.37 -25.50
N LYS C 32 -0.25 -8.12 -26.06
CA LYS C 32 0.12 -6.76 -26.46
C LYS C 32 0.09 -6.60 -27.97
N SER C 33 0.73 -7.52 -28.71
CA SER C 33 0.64 -7.47 -30.15
C SER C 33 -0.81 -7.37 -30.58
N TYR C 34 -1.68 -8.16 -29.96
CA TYR C 34 -3.10 -8.00 -30.18
C TYR C 34 -3.57 -6.65 -29.68
N GLU C 35 -3.04 -6.21 -28.53
CA GLU C 35 -3.55 -5.01 -27.88
C GLU C 35 -3.51 -3.81 -28.80
N GLN C 36 -2.53 -3.75 -29.69
CA GLN C 36 -2.54 -2.68 -30.68
C GLN C 36 -3.54 -2.98 -31.80
N LYS C 37 -3.64 -4.25 -32.20
CA LYS C 37 -4.52 -4.60 -33.30
C LYS C 37 -5.98 -4.33 -32.98
N ILE C 38 -6.38 -4.59 -31.75
CA ILE C 38 -7.77 -4.47 -31.38
C ILE C 38 -8.15 -3.02 -31.15
N PHE C 39 -7.28 -2.23 -30.55
CA PHE C 39 -7.58 -0.81 -30.40
C PHE C 39 -7.89 -0.15 -31.74
N GLN C 40 -7.07 -0.38 -32.75
CA GLN C 40 -7.30 0.26 -34.04
C GLN C 40 -8.67 -0.07 -34.59
N ARG C 41 -9.06 -1.34 -34.55
CA ARG C 41 -10.36 -1.77 -35.06
C ARG C 41 -11.48 -1.07 -34.31
N ASP C 42 -11.24 -0.68 -33.06
CA ASP C 42 -12.29 -0.14 -32.23
C ASP C 42 -12.08 1.32 -31.88
N ARG C 43 -11.08 1.96 -32.47
CA ARG C 43 -10.94 3.41 -32.35
C ARG C 43 -10.81 3.86 -30.91
N TYR C 44 -10.15 3.05 -30.09
CA TYR C 44 -9.95 3.36 -28.68
C TYR C 44 -11.25 3.65 -27.97
N THR C 45 -12.37 3.29 -28.57
CA THR C 45 -13.68 3.55 -28.00
C THR C 45 -13.95 2.50 -26.95
N CYS C 46 -14.61 2.87 -25.87
CA CYS C 46 -14.99 1.86 -24.89
C CYS C 46 -16.31 1.23 -25.31
N GLN C 47 -16.30 -0.05 -25.64
CA GLN C 47 -17.48 -0.65 -26.25
C GLN C 47 -18.57 -0.90 -25.25
N PHE C 48 -18.25 -0.93 -23.96
CA PHE C 48 -19.29 -1.12 -22.97
C PHE C 48 -20.01 0.18 -22.66
N CYS C 49 -19.26 1.26 -22.41
CA CYS C 49 -19.87 2.49 -21.91
C CYS C 49 -19.70 3.72 -22.79
N GLY C 50 -18.92 3.66 -23.86
CA GLY C 50 -18.82 4.74 -24.81
C GLY C 50 -17.63 5.68 -24.64
N PHE C 51 -16.74 5.41 -23.69
CA PHE C 51 -15.58 6.25 -23.49
C PHE C 51 -14.64 6.15 -24.67
N GLN C 52 -13.86 7.22 -24.90
CA GLN C 52 -13.04 7.34 -26.11
C GLN C 52 -11.79 8.17 -25.82
N ALA C 53 -10.74 7.51 -25.36
CA ALA C 53 -9.53 8.23 -24.97
C ALA C 53 -8.34 7.32 -25.13
N ARG C 54 -7.15 7.91 -25.22
CA ARG C 54 -5.97 7.16 -25.60
C ARG C 54 -5.23 6.54 -24.43
N LEU C 55 -5.24 7.16 -23.28
CA LEU C 55 -4.39 6.72 -22.18
C LEU C 55 -5.20 5.88 -21.22
N TYR C 56 -4.62 4.74 -20.83
CA TYR C 56 -5.18 3.86 -19.79
C TYR C 56 -6.44 3.17 -20.29
N GLN C 57 -6.32 2.43 -21.38
CA GLN C 57 -7.41 1.60 -21.83
C GLN C 57 -6.90 0.20 -22.14
N ASP C 58 -7.65 -0.80 -21.69
CA ASP C 58 -7.19 -2.18 -21.74
C ASP C 58 -8.36 -3.07 -22.13
N ILE C 59 -8.02 -4.24 -22.63
CA ILE C 59 -8.95 -5.08 -23.37
C ILE C 59 -9.42 -6.23 -22.51
N VAL C 60 -10.74 -6.43 -22.46
CA VAL C 60 -11.32 -7.51 -21.69
C VAL C 60 -11.84 -8.56 -22.65
N ASN C 61 -11.91 -9.80 -22.17
CA ASN C 61 -12.45 -10.93 -22.91
C ASN C 61 -13.93 -11.06 -22.58
N LEU C 62 -14.73 -11.38 -23.58
CA LEU C 62 -16.16 -11.44 -23.34
C LEU C 62 -16.62 -12.77 -22.78
N ASP C 63 -15.94 -13.85 -23.14
CA ASP C 63 -16.44 -15.19 -22.89
C ASP C 63 -16.23 -15.66 -21.46
N GLY C 64 -15.65 -14.84 -20.60
CA GLY C 64 -15.34 -15.25 -19.25
C GLY C 64 -14.05 -16.03 -19.11
N ASP C 65 -13.39 -16.36 -20.23
CA ASP C 65 -12.09 -17.01 -20.20
C ASP C 65 -11.04 -16.05 -20.75
N TYR C 66 -9.84 -16.12 -20.20
CA TYR C 66 -8.75 -15.27 -20.65
C TYR C 66 -7.60 -16.05 -21.27
N THR C 67 -7.82 -17.30 -21.66
CA THR C 67 -6.84 -17.97 -22.50
C THR C 67 -7.09 -17.67 -23.97
N ASN C 68 -8.27 -18.03 -24.47
CA ASN C 68 -8.56 -17.87 -25.88
C ASN C 68 -8.59 -16.41 -26.30
N ASN C 69 -7.46 -15.93 -26.81
CA ASN C 69 -7.43 -14.56 -27.28
C ASN C 69 -7.38 -14.63 -28.80
N ARG C 70 -8.56 -14.82 -29.39
CA ARG C 70 -8.73 -14.63 -30.81
C ARG C 70 -9.04 -13.15 -31.05
N LEU C 71 -9.11 -12.74 -32.30
CA LEU C 71 -9.31 -11.32 -32.55
C LEU C 71 -10.76 -10.91 -32.46
N SER C 72 -11.67 -11.85 -32.17
CA SER C 72 -13.09 -11.55 -32.20
C SER C 72 -13.71 -11.51 -30.80
N ASN C 73 -13.25 -12.38 -29.91
CA ASN C 73 -13.79 -12.37 -28.56
C ASN C 73 -13.28 -11.21 -27.74
N LEU C 74 -12.09 -10.70 -28.06
CA LEU C 74 -11.50 -9.61 -27.31
C LEU C 74 -12.24 -8.31 -27.60
N VAL C 75 -12.45 -7.48 -26.58
CA VAL C 75 -13.06 -6.18 -26.81
C VAL C 75 -12.28 -5.16 -25.99
N THR C 76 -12.40 -3.89 -26.36
CA THR C 76 -11.71 -2.80 -25.67
C THR C 76 -12.66 -1.97 -24.82
N ALA C 77 -12.30 -1.81 -23.55
CA ALA C 77 -13.21 -1.22 -22.61
C ALA C 77 -12.45 -0.33 -21.66
N CYS C 78 -13.12 0.72 -21.20
CA CYS C 78 -12.46 1.80 -20.49
C CYS C 78 -11.96 1.33 -19.14
N CYS C 79 -11.42 2.27 -18.38
CA CYS C 79 -10.80 1.90 -17.12
C CYS C 79 -11.83 1.74 -16.02
N PHE C 80 -13.08 2.10 -16.28
CA PHE C 80 -14.08 1.84 -15.23
C PHE C 80 -14.78 0.51 -15.45
N CYS C 81 -14.95 0.08 -16.70
CA CYS C 81 -15.58 -1.19 -16.96
C CYS C 81 -14.65 -2.36 -16.72
N ALA C 82 -13.38 -2.25 -17.10
CA ALA C 82 -12.47 -3.36 -16.90
C ALA C 82 -12.46 -3.84 -15.47
N GLN C 83 -12.25 -2.96 -14.50
CA GLN C 83 -12.32 -3.40 -13.13
C GLN C 83 -13.72 -3.83 -12.72
N CYS C 84 -14.74 -3.46 -13.48
CA CYS C 84 -16.08 -3.94 -13.15
C CYS C 84 -16.24 -5.41 -13.47
N PHE C 85 -15.35 -5.95 -14.29
CA PHE C 85 -15.40 -7.38 -14.59
C PHE C 85 -14.70 -8.22 -13.55
N PHE C 86 -13.97 -7.62 -12.61
CA PHE C 86 -13.28 -8.42 -11.60
C PHE C 86 -13.61 -7.79 -10.27
N VAL C 87 -14.80 -8.05 -9.76
CA VAL C 87 -15.21 -7.41 -8.53
C VAL C 87 -14.59 -8.08 -7.31
N GLU C 88 -13.93 -9.22 -7.49
CA GLU C 88 -13.35 -9.94 -6.35
C GLU C 88 -12.13 -9.25 -5.80
N SER C 89 -11.53 -8.34 -6.56
CA SER C 89 -10.44 -7.52 -6.07
C SER C 89 -10.35 -6.28 -6.96
N VAL C 90 -10.76 -5.15 -6.39
CA VAL C 90 -10.61 -3.85 -7.01
C VAL C 90 -10.50 -2.85 -5.89
N GLY C 91 -9.55 -1.94 -6.00
CA GLY C 91 -9.22 -1.09 -4.89
C GLY C 91 -8.06 -1.66 -4.12
N VAL C 92 -7.60 -2.84 -4.55
CA VAL C 92 -6.36 -3.41 -4.05
C VAL C 92 -5.32 -3.58 -5.14
N GLY C 93 -5.73 -3.86 -6.37
CA GLY C 93 -4.76 -4.24 -7.38
C GLY C 93 -4.04 -3.08 -8.02
N GLY C 94 -3.47 -2.20 -7.20
CA GLY C 94 -2.77 -1.06 -7.74
C GLY C 94 -3.65 0.16 -7.83
N TYR C 95 -4.08 0.51 -9.05
CA TYR C 95 -5.06 1.57 -9.15
C TYR C 95 -6.46 0.99 -9.26
N GLY C 96 -7.40 1.86 -9.57
CA GLY C 96 -8.79 1.43 -9.58
C GLY C 96 -9.36 1.54 -8.20
N GLY C 97 -10.66 1.78 -8.13
CA GLY C 97 -11.35 1.86 -6.85
C GLY C 97 -12.85 1.80 -7.08
N GLY C 98 -13.58 1.73 -5.99
CA GLY C 98 -15.02 1.64 -6.15
C GLY C 98 -15.70 1.56 -4.82
N THR C 99 -17.02 1.57 -4.87
CA THR C 99 -17.83 1.40 -3.68
C THR C 99 -19.18 0.88 -4.12
N LEU C 100 -19.50 -0.35 -3.75
CA LEU C 100 -20.77 -0.92 -4.13
C LEU C 100 -21.89 -0.02 -3.64
N ILE C 101 -22.89 0.16 -4.48
CA ILE C 101 -24.08 0.90 -4.08
C ILE C 101 -25.31 0.24 -4.64
N TYR C 102 -26.44 0.67 -4.12
CA TYR C 102 -27.73 0.09 -4.43
C TYR C 102 -28.53 1.14 -5.18
N LEU C 103 -28.60 1.00 -6.50
CA LEU C 103 -29.40 1.87 -7.31
C LEU C 103 -29.89 1.05 -8.48
N PRO C 104 -31.18 0.95 -8.65
CA PRO C 104 -31.70 0.15 -9.75
C PRO C 104 -32.06 0.99 -10.95
N GLU C 105 -32.10 2.30 -10.77
CA GLU C 105 -32.63 3.18 -11.80
C GLU C 105 -31.70 3.31 -12.99
N LEU C 106 -30.49 2.80 -12.91
CA LEU C 106 -29.50 2.99 -13.95
C LEU C 106 -28.80 1.67 -14.24
N THR C 107 -28.84 1.25 -15.49
CA THR C 107 -28.06 0.09 -15.87
C THR C 107 -26.58 0.39 -15.62
N GLN C 108 -25.82 -0.65 -15.31
CA GLN C 108 -24.42 -0.45 -14.94
C GLN C 108 -23.67 0.33 -16.00
N ALA C 109 -24.00 0.13 -17.28
CA ALA C 109 -23.38 0.98 -18.30
C ALA C 109 -23.80 2.42 -18.12
N GLU C 110 -25.08 2.68 -17.90
CA GLU C 110 -25.52 4.06 -17.72
C GLU C 110 -25.00 4.62 -16.40
N LEU C 111 -24.20 3.86 -15.67
CA LEU C 111 -23.57 4.44 -14.50
C LEU C 111 -22.10 4.67 -14.74
N ASN C 112 -21.44 3.80 -15.47
CA ASN C 112 -20.07 4.13 -15.81
C ASN C 112 -20.04 5.39 -16.66
N SER C 113 -20.82 5.41 -17.74
CA SER C 113 -20.75 6.56 -18.63
C SER C 113 -21.16 7.82 -17.92
N LEU C 114 -22.21 7.76 -17.11
CA LEU C 114 -22.62 8.96 -16.40
C LEU C 114 -21.60 9.36 -15.35
N CYS C 115 -20.70 8.46 -14.99
CA CYS C 115 -19.75 8.87 -13.96
C CYS C 115 -18.51 9.47 -14.59
N HIS C 116 -18.29 9.26 -15.89
CA HIS C 116 -17.24 10.01 -16.57
C HIS C 116 -17.60 11.48 -16.63
N VAL C 117 -18.80 11.78 -17.10
CA VAL C 117 -19.24 13.17 -17.22
C VAL C 117 -19.21 13.86 -15.88
N LEU C 118 -19.34 13.11 -14.79
CA LEU C 118 -19.18 13.76 -13.50
C LEU C 118 -17.71 13.82 -13.08
N PHE C 119 -16.80 13.37 -13.92
CA PHE C 119 -15.40 13.61 -13.61
C PHE C 119 -14.81 14.66 -14.53
N CYS C 120 -15.42 14.87 -15.68
CA CYS C 120 -14.97 15.93 -16.56
C CYS C 120 -15.72 17.22 -16.31
N ALA C 121 -16.60 17.25 -15.32
CA ALA C 121 -17.13 18.52 -14.85
C ALA C 121 -16.80 18.76 -13.40
N ILE C 122 -15.88 17.99 -12.84
CA ILE C 122 -15.29 18.27 -11.55
C ILE C 122 -13.80 18.51 -11.68
N THR C 123 -13.13 17.75 -12.56
CA THR C 123 -11.73 18.06 -12.83
C THR C 123 -11.57 19.37 -13.55
N ASN C 124 -11.95 19.44 -14.81
CA ASN C 124 -11.72 20.66 -15.57
C ASN C 124 -13.01 21.47 -15.53
N ASP C 125 -13.28 22.06 -14.37
CA ASP C 125 -14.49 22.80 -14.11
C ASP C 125 -14.83 23.76 -15.23
N THR C 126 -15.98 23.55 -15.87
CA THR C 126 -16.47 24.47 -16.87
C THR C 126 -17.73 25.18 -16.42
N GLY C 127 -18.00 25.16 -15.12
CA GLY C 127 -19.14 25.82 -14.56
C GLY C 127 -20.10 24.92 -13.82
N TYR C 128 -20.09 23.63 -14.11
CA TYR C 128 -21.04 22.70 -13.53
C TYR C 128 -20.46 21.96 -12.33
N LYS C 129 -19.31 22.41 -11.83
CA LYS C 129 -18.71 21.73 -10.69
C LYS C 129 -19.62 21.75 -9.48
N SER C 130 -20.42 22.79 -9.33
CA SER C 130 -21.34 22.83 -8.20
C SER C 130 -22.32 21.68 -8.26
N SER C 131 -22.84 21.40 -9.45
CA SER C 131 -23.83 20.35 -9.57
C SER C 131 -23.20 18.97 -9.46
N ALA C 132 -22.07 18.76 -10.13
CA ALA C 132 -21.55 17.41 -10.24
C ALA C 132 -21.26 16.81 -8.87
N GLN C 133 -20.68 17.57 -7.96
CA GLN C 133 -20.50 17.06 -6.62
C GLN C 133 -21.82 16.78 -5.94
N ASN C 134 -22.84 17.61 -6.19
CA ASN C 134 -24.13 17.34 -5.57
C ASN C 134 -24.71 16.02 -6.03
N ILE C 135 -24.61 15.71 -7.33
CA ILE C 135 -25.02 14.38 -7.74
C ILE C 135 -24.17 13.34 -7.06
N TYR C 136 -22.85 13.45 -7.24
CA TYR C 136 -21.94 12.43 -6.74
C TYR C 136 -22.07 12.23 -5.25
N ARG C 137 -22.44 13.26 -4.52
CA ARG C 137 -22.76 13.08 -3.12
C ARG C 137 -23.81 12.00 -2.94
N SER C 138 -24.76 11.94 -3.88
CA SER C 138 -25.87 11.03 -3.69
C SER C 138 -25.67 9.71 -4.43
N PHE C 139 -24.50 9.48 -4.99
CA PHE C 139 -24.19 8.11 -5.39
C PHE C 139 -23.41 7.39 -4.30
N LYS C 140 -22.40 8.03 -3.74
CA LYS C 140 -21.64 7.39 -2.67
C LYS C 140 -22.53 7.10 -1.48
N PHE C 141 -23.45 8.00 -1.17
CA PHE C 141 -24.24 7.86 0.04
C PHE C 141 -25.10 6.61 0.02
N ARG C 142 -25.46 6.12 -1.17
CA ARG C 142 -26.29 4.91 -1.22
C ARG C 142 -25.55 3.72 -0.64
N SER C 143 -24.22 3.79 -0.57
CA SER C 143 -23.44 2.63 -0.18
C SER C 143 -23.77 2.16 1.23
N GLN C 144 -24.40 3.01 2.03
CA GLN C 144 -24.65 2.60 3.40
C GLN C 144 -25.83 1.63 3.48
N ILE C 145 -26.56 1.43 2.39
CA ILE C 145 -27.59 0.39 2.39
C ILE C 145 -27.01 -0.96 2.06
N VAL C 146 -26.18 -1.06 1.03
CA VAL C 146 -25.54 -2.34 0.75
C VAL C 146 -24.60 -2.71 1.89
N GLU C 147 -24.38 -1.78 2.82
CA GLU C 147 -23.70 -2.14 4.05
C GLU C 147 -24.66 -2.52 5.16
N GLU C 148 -25.92 -2.10 5.05
CA GLU C 148 -26.89 -2.47 6.07
C GLU C 148 -27.37 -3.90 5.90
N LYS C 149 -27.51 -4.36 4.67
CA LYS C 149 -27.97 -5.72 4.46
C LYS C 149 -26.84 -6.72 4.69
N PHE C 150 -25.67 -6.45 4.12
CA PHE C 150 -24.60 -7.42 4.13
C PHE C 150 -23.64 -7.25 5.30
N GLY C 151 -23.89 -6.30 6.19
CA GLY C 151 -23.05 -6.08 7.33
C GLY C 151 -22.04 -4.98 7.10
N GLU C 152 -21.47 -4.49 8.19
CA GLU C 152 -20.49 -3.42 8.09
C GLU C 152 -19.19 -3.92 7.47
N GLY C 153 -18.43 -3.01 6.89
CA GLY C 153 -17.10 -3.29 6.43
C GLY C 153 -17.03 -4.05 5.13
N THR C 154 -18.17 -4.55 4.64
CA THR C 154 -18.25 -5.20 3.34
C THR C 154 -19.05 -4.38 2.34
N SER C 155 -18.91 -3.07 2.38
CA SER C 155 -19.36 -2.27 1.25
C SER C 155 -18.37 -2.34 0.12
N ASP C 156 -17.08 -2.22 0.40
CA ASP C 156 -16.10 -2.07 -0.65
C ASP C 156 -15.97 -3.36 -1.47
N PRO C 157 -15.99 -3.26 -2.77
CA PRO C 157 -16.05 -4.46 -3.61
C PRO C 157 -14.87 -5.37 -3.39
N ALA C 158 -13.74 -4.80 -2.98
CA ALA C 158 -12.62 -5.64 -2.65
C ALA C 158 -13.02 -6.67 -1.62
N ILE C 159 -13.90 -6.30 -0.69
CA ILE C 159 -14.33 -7.23 0.32
C ILE C 159 -15.56 -8.01 -0.11
N PHE C 160 -16.61 -7.33 -0.52
CA PHE C 160 -17.81 -8.07 -0.90
C PHE C 160 -17.53 -9.09 -1.99
N GLY C 161 -16.50 -8.85 -2.80
CA GLY C 161 -16.05 -9.91 -3.67
C GLY C 161 -15.42 -11.04 -2.89
N GLN C 162 -14.71 -10.70 -1.82
CA GLN C 162 -14.02 -11.72 -1.04
C GLN C 162 -15.02 -12.66 -0.41
N LEU C 163 -16.12 -12.14 0.10
CA LEU C 163 -17.03 -13.01 0.82
C LEU C 163 -17.79 -13.93 -0.12
N MET C 164 -17.69 -13.74 -1.43
CA MET C 164 -18.43 -14.66 -2.29
C MET C 164 -17.66 -15.94 -2.52
N ILE C 165 -16.56 -15.86 -3.28
CA ILE C 165 -15.83 -17.07 -3.65
C ILE C 165 -15.13 -17.70 -2.47
N ASP C 166 -14.90 -16.96 -1.40
CA ASP C 166 -14.50 -17.56 -0.14
C ASP C 166 -15.64 -18.37 0.46
N SER C 167 -16.88 -17.91 0.31
CA SER C 167 -18.04 -18.65 0.77
C SER C 167 -18.64 -19.57 -0.28
N GLY C 168 -18.00 -19.70 -1.43
CA GLY C 168 -18.34 -20.76 -2.35
C GLY C 168 -19.66 -20.62 -3.08
N VAL C 169 -19.77 -19.63 -3.94
CA VAL C 169 -20.92 -19.49 -4.83
C VAL C 169 -20.38 -19.36 -6.24
N ASN C 170 -20.96 -20.09 -7.17
CA ASN C 170 -20.52 -20.10 -8.55
C ASN C 170 -21.65 -19.97 -9.54
N SER C 171 -22.86 -20.34 -9.16
CA SER C 171 -23.96 -20.49 -10.10
C SER C 171 -24.25 -19.17 -10.78
N GLU C 172 -24.59 -19.24 -12.06
CA GLU C 172 -25.05 -18.03 -12.72
C GLU C 172 -26.32 -17.53 -12.07
N GLU C 173 -26.99 -18.37 -11.28
CA GLU C 173 -28.23 -17.93 -10.65
C GLU C 173 -27.96 -17.28 -9.30
N ILE C 174 -27.35 -18.03 -8.38
CA ILE C 174 -27.18 -17.51 -7.04
C ILE C 174 -26.20 -16.35 -7.05
N ARG C 175 -25.36 -16.26 -8.07
CA ARG C 175 -24.57 -15.06 -8.25
C ARG C 175 -25.44 -13.92 -8.75
N GLU C 176 -26.29 -14.19 -9.73
CA GLU C 176 -27.12 -13.12 -10.26
C GLU C 176 -28.06 -12.57 -9.23
N LYS C 177 -28.83 -13.41 -8.56
CA LYS C 177 -29.80 -12.90 -7.62
C LYS C 177 -29.15 -12.15 -6.48
N LEU C 178 -27.86 -12.35 -6.26
CA LEU C 178 -27.15 -11.73 -5.16
C LEU C 178 -26.60 -10.37 -5.56
N PHE C 179 -26.20 -10.23 -6.82
CA PHE C 179 -25.74 -8.98 -7.38
C PHE C 179 -26.87 -8.18 -7.98
N LYS C 180 -28.11 -8.58 -7.76
CA LYS C 180 -29.23 -7.85 -8.33
C LYS C 180 -29.25 -6.46 -7.75
N ASN C 181 -29.42 -5.48 -8.61
CA ASN C 181 -29.68 -4.13 -8.16
C ASN C 181 -28.51 -3.62 -7.32
N ILE C 182 -27.30 -3.99 -7.73
CA ILE C 182 -26.05 -3.47 -7.17
C ILE C 182 -25.19 -2.99 -8.32
N ARG C 183 -24.77 -1.74 -8.26
CA ARG C 183 -23.93 -1.16 -9.29
C ARG C 183 -22.64 -0.65 -8.67
N LEU C 184 -21.55 -0.77 -9.42
CA LEU C 184 -20.20 -0.48 -8.92
C LEU C 184 -19.86 0.95 -9.27
N LEU C 185 -19.98 1.82 -8.29
CA LEU C 185 -19.71 3.25 -8.47
C LEU C 185 -18.22 3.53 -8.39
N PRO C 186 -17.58 3.96 -9.47
CA PRO C 186 -16.14 4.19 -9.41
C PRO C 186 -15.82 5.48 -8.68
N SER C 187 -14.98 5.39 -7.66
CA SER C 187 -14.77 6.50 -6.74
C SER C 187 -13.77 7.47 -7.32
N ARG C 188 -14.03 8.76 -7.14
CA ARG C 188 -13.16 9.76 -7.71
C ARG C 188 -11.80 9.74 -7.05
N ALA C 189 -11.76 9.74 -5.72
CA ALA C 189 -10.54 10.05 -5.01
C ALA C 189 -9.45 9.01 -5.22
N LYS C 190 -9.76 7.85 -5.79
CA LYS C 190 -8.70 6.91 -6.12
C LYS C 190 -8.38 6.89 -7.60
N PHE C 191 -9.23 7.47 -8.44
CA PHE C 191 -8.94 7.67 -9.84
C PHE C 191 -8.41 9.05 -10.13
N ARG C 192 -7.64 9.62 -9.21
CA ARG C 192 -7.19 10.97 -9.44
C ARG C 192 -5.95 11.01 -10.31
N LYS C 193 -5.08 10.02 -10.23
CA LYS C 193 -3.94 10.01 -11.12
C LYS C 193 -4.39 9.87 -12.57
N GLN C 194 -5.63 9.47 -12.79
CA GLN C 194 -6.11 9.36 -14.16
C GLN C 194 -6.98 10.56 -14.55
N ILE C 195 -8.09 10.80 -13.84
CA ILE C 195 -9.07 11.76 -14.31
C ILE C 195 -8.44 13.12 -14.48
N GLU C 196 -7.21 13.30 -14.03
CA GLU C 196 -6.49 14.51 -14.38
C GLU C 196 -5.55 14.27 -15.53
N LYS C 197 -4.99 13.07 -15.62
CA LYS C 197 -4.12 12.78 -16.76
C LYS C 197 -4.91 12.78 -18.06
N TRP C 198 -6.12 12.22 -18.06
CA TRP C 198 -6.94 12.33 -19.25
C TRP C 198 -7.30 13.78 -19.53
N ALA C 199 -7.73 14.51 -18.51
CA ALA C 199 -8.17 15.89 -18.74
C ALA C 199 -7.02 16.75 -19.20
N ALA C 200 -5.93 16.77 -18.44
CA ALA C 200 -4.81 17.64 -18.80
C ALA C 200 -4.23 17.25 -20.15
N SER C 201 -4.29 15.97 -20.52
CA SER C 201 -3.87 15.62 -21.86
C SER C 201 -4.88 16.10 -22.88
N ALA C 202 -6.13 16.25 -22.49
CA ALA C 202 -7.12 16.74 -23.44
C ALA C 202 -6.95 18.22 -23.69
N LEU C 203 -6.79 19.01 -22.65
CA LEU C 203 -6.70 20.45 -22.81
C LEU C 203 -5.35 20.89 -23.35
N GLU C 204 -4.43 19.97 -23.58
CA GLU C 204 -3.18 20.36 -24.19
C GLU C 204 -3.12 20.08 -25.68
N GLU C 205 -3.81 19.05 -26.15
CA GLU C 205 -3.97 18.92 -27.59
C GLU C 205 -4.72 20.11 -28.17
N ILE C 206 -5.85 20.47 -27.57
CA ILE C 206 -6.69 21.50 -28.14
C ILE C 206 -6.03 22.85 -28.01
N ALA C 207 -5.82 23.29 -26.78
CA ALA C 207 -5.28 24.61 -26.48
C ALA C 207 -3.77 24.50 -26.46
N ASP C 208 -3.14 24.84 -27.57
CA ASP C 208 -1.70 24.75 -27.65
C ASP C 208 -1.06 26.08 -27.28
N SER D 11 -8.85 8.84 -38.31
CA SER D 11 -9.51 9.99 -38.89
C SER D 11 -9.49 11.15 -37.90
N GLN D 12 -8.55 11.09 -36.96
CA GLN D 12 -8.17 12.23 -36.14
C GLN D 12 -9.34 12.71 -35.28
N TRP D 13 -9.70 11.86 -34.32
CA TRP D 13 -10.85 12.12 -33.45
C TRP D 13 -10.45 13.04 -32.32
N LEU D 14 -11.33 13.19 -31.34
CA LEU D 14 -11.10 14.08 -30.22
C LEU D 14 -11.50 13.38 -28.92
N SER D 15 -10.60 13.40 -27.95
CA SER D 15 -10.80 12.65 -26.71
C SER D 15 -12.07 13.07 -26.01
N THR D 16 -12.77 12.09 -25.47
CA THR D 16 -14.10 12.39 -24.95
C THR D 16 -14.04 13.09 -23.61
N TYR D 17 -12.84 13.29 -23.06
CA TYR D 17 -12.69 14.32 -22.04
C TYR D 17 -12.56 15.68 -22.69
N GLY D 18 -11.99 15.72 -23.88
CA GLY D 18 -11.94 16.98 -24.60
C GLY D 18 -13.29 17.40 -25.11
N THR D 19 -13.99 16.49 -25.80
CA THR D 19 -15.24 16.87 -26.46
C THR D 19 -16.26 17.34 -25.45
N ILE D 20 -16.25 16.80 -24.24
CA ILE D 20 -17.12 17.35 -23.21
C ILE D 20 -16.70 18.78 -22.91
N THR D 21 -15.42 19.01 -22.67
CA THR D 21 -14.98 20.36 -22.33
C THR D 21 -14.93 21.28 -23.54
N ALA D 22 -14.46 20.78 -24.67
CA ALA D 22 -14.36 21.64 -25.84
C ALA D 22 -15.72 22.05 -26.36
N GLU D 23 -16.71 21.17 -26.27
CA GLU D 23 -18.06 21.56 -26.61
C GLU D 23 -18.66 22.48 -25.57
N ARG D 24 -18.58 22.12 -24.30
CA ARG D 24 -19.34 22.86 -23.30
C ARG D 24 -18.86 24.28 -23.15
N ILE D 25 -17.62 24.58 -23.52
CA ILE D 25 -17.21 25.97 -23.55
C ILE D 25 -17.99 26.72 -24.62
N LEU D 26 -18.04 26.15 -25.82
CA LEU D 26 -18.82 26.76 -26.89
C LEU D 26 -20.26 26.94 -26.47
N GLY D 27 -20.77 26.03 -25.65
CA GLY D 27 -22.11 26.21 -25.14
C GLY D 27 -22.28 27.51 -24.39
N ARG D 28 -21.30 27.87 -23.56
CA ARG D 28 -21.42 29.12 -22.82
C ARG D 28 -21.47 30.30 -23.78
N TYR D 29 -20.81 30.20 -24.93
CA TYR D 29 -20.78 31.26 -25.92
C TYR D 29 -21.96 31.21 -26.84
N ASN D 30 -22.76 30.17 -26.78
CA ASN D 30 -23.98 30.07 -27.56
C ASN D 30 -23.71 30.04 -29.05
N ILE D 31 -22.50 29.67 -29.44
CA ILE D 31 -22.14 29.55 -30.85
C ILE D 31 -21.92 28.09 -31.20
N SER D 32 -23.01 27.37 -31.43
CA SER D 32 -22.92 25.99 -31.88
C SER D 32 -23.23 25.91 -33.35
N LEU D 33 -22.68 26.83 -34.13
CA LEU D 33 -22.86 26.76 -35.58
C LEU D 33 -22.48 25.41 -36.15
N PRO D 34 -21.37 24.79 -35.77
CA PRO D 34 -21.05 23.49 -36.37
C PRO D 34 -21.87 22.38 -35.74
N GLN D 35 -22.29 21.45 -36.59
CA GLN D 35 -22.94 20.22 -36.15
C GLN D 35 -21.96 19.06 -36.08
N ASP D 36 -21.32 18.73 -37.20
CA ASP D 36 -20.35 17.64 -37.23
C ASP D 36 -18.94 18.12 -37.51
N GLU D 37 -18.74 19.35 -37.96
CA GLU D 37 -17.41 19.88 -38.17
C GLU D 37 -16.65 20.05 -36.86
N ILE D 38 -17.34 20.01 -35.73
CA ILE D 38 -16.68 20.10 -34.43
C ILE D 38 -15.60 19.04 -34.33
N LEU D 39 -15.73 17.95 -35.06
CA LEU D 39 -14.60 17.06 -35.11
C LEU D 39 -13.43 17.70 -35.86
N GLU D 40 -13.71 18.41 -36.96
CA GLU D 40 -12.61 18.94 -37.76
C GLU D 40 -12.31 20.40 -37.51
N ALA D 41 -13.14 21.11 -36.76
CA ALA D 41 -12.88 22.52 -36.57
C ALA D 41 -11.97 22.77 -35.39
N ILE D 42 -12.39 22.41 -34.20
CA ILE D 42 -11.65 22.75 -33.00
C ILE D 42 -10.47 21.83 -32.88
N ASN D 43 -10.18 21.09 -33.95
CA ASN D 43 -8.93 20.36 -34.03
C ASN D 43 -7.93 20.95 -35.02
N ILE D 44 -8.37 21.47 -36.15
CA ILE D 44 -7.45 21.89 -37.20
C ILE D 44 -6.67 23.08 -36.67
N PRO D 45 -5.37 23.16 -36.89
CA PRO D 45 -4.58 24.15 -36.16
C PRO D 45 -4.83 25.57 -36.61
N SER D 46 -5.08 25.76 -37.89
CA SER D 46 -5.30 27.10 -38.43
C SER D 46 -6.79 27.43 -38.44
N SER D 47 -7.46 27.12 -37.35
CA SER D 47 -8.92 27.22 -37.30
C SER D 47 -9.32 28.65 -36.98
N PHE D 48 -10.56 28.80 -36.54
CA PHE D 48 -10.98 30.03 -35.89
C PHE D 48 -11.73 29.76 -34.60
N TYR D 49 -12.51 28.70 -34.54
CA TYR D 49 -13.11 28.35 -33.26
C TYR D 49 -12.05 27.93 -32.27
N ARG D 50 -10.89 27.50 -32.75
CA ARG D 50 -9.81 27.17 -31.83
C ARG D 50 -9.33 28.41 -31.11
N HIS D 51 -9.16 29.52 -31.81
CA HIS D 51 -8.69 30.72 -31.15
C HIS D 51 -9.72 31.30 -30.20
N LEU D 52 -11.00 31.27 -30.58
CA LEU D 52 -12.05 31.70 -29.66
C LEU D 52 -12.08 30.82 -28.44
N LEU D 53 -11.39 29.69 -28.49
CA LEU D 53 -11.38 28.68 -27.46
C LEU D 53 -10.11 28.69 -26.63
N GLN D 54 -9.04 29.27 -27.12
CA GLN D 54 -7.75 29.06 -26.48
C GLN D 54 -7.53 29.94 -25.27
N ILE D 55 -8.38 30.93 -25.06
CA ILE D 55 -8.30 31.76 -23.86
C ILE D 55 -9.05 31.13 -22.70
N PRO D 56 -10.27 30.62 -22.87
CA PRO D 56 -10.93 29.97 -21.75
C PRO D 56 -10.40 28.59 -21.47
N LEU D 57 -9.86 27.90 -22.47
CA LEU D 57 -9.28 26.60 -22.16
C LEU D 57 -8.13 26.72 -21.18
N LYS D 58 -7.14 27.57 -21.48
CA LYS D 58 -6.01 27.65 -20.58
C LYS D 58 -6.47 28.02 -19.18
N ASN D 59 -7.50 28.86 -19.06
CA ASN D 59 -8.07 29.11 -17.74
C ASN D 59 -8.37 27.81 -17.04
N VAL D 60 -8.97 26.86 -17.76
CA VAL D 60 -9.33 25.60 -17.13
C VAL D 60 -8.07 24.83 -16.76
N LEU D 61 -7.00 25.00 -17.53
CA LEU D 61 -5.76 24.31 -17.20
C LEU D 61 -5.16 24.84 -15.90
N ASN D 62 -5.24 26.14 -15.68
CA ASN D 62 -4.94 26.65 -14.35
C ASN D 62 -6.07 26.32 -13.39
N GLY D 63 -7.17 25.82 -13.92
CA GLY D 63 -8.28 25.47 -13.06
C GLY D 63 -8.03 24.19 -12.29
N ILE D 64 -7.00 23.43 -12.68
CA ILE D 64 -6.70 22.25 -11.89
C ILE D 64 -5.44 22.46 -11.05
N VAL D 65 -4.46 23.21 -11.54
CA VAL D 65 -3.26 23.39 -10.73
C VAL D 65 -3.60 24.18 -9.47
N ILE D 66 -4.35 25.27 -9.60
CA ILE D 66 -4.81 25.90 -8.39
C ILE D 66 -5.87 25.06 -7.73
N GLN D 67 -6.08 23.84 -8.19
CA GLN D 67 -6.85 22.91 -7.39
C GLN D 67 -5.94 21.91 -6.69
N GLN D 68 -4.89 21.46 -7.37
CA GLN D 68 -3.97 20.54 -6.69
C GLN D 68 -3.28 21.21 -5.53
N ALA D 69 -2.80 22.43 -5.73
CA ALA D 69 -2.18 23.13 -4.61
C ALA D 69 -3.16 23.32 -3.48
N SER D 70 -4.38 23.73 -3.78
CA SER D 70 -5.33 23.94 -2.71
C SER D 70 -5.80 22.64 -2.10
N ASP D 71 -5.16 21.52 -2.43
CA ASP D 71 -5.35 20.32 -1.64
C ASP D 71 -4.30 20.20 -0.56
N TYR D 72 -3.04 20.50 -0.88
CA TYR D 72 -2.03 20.60 0.16
C TYR D 72 -2.46 21.61 1.20
N HIS D 73 -2.89 22.77 0.74
CA HIS D 73 -3.32 23.82 1.66
C HIS D 73 -4.44 23.34 2.55
N VAL D 74 -5.34 22.52 2.03
CA VAL D 74 -6.39 21.98 2.87
C VAL D 74 -5.81 20.98 3.84
N TYR D 75 -4.88 20.15 3.38
CA TYR D 75 -4.25 19.21 4.31
C TYR D 75 -3.37 19.94 5.31
N ALA D 76 -2.72 21.02 4.87
CA ALA D 76 -1.82 21.72 5.78
C ALA D 76 -2.56 22.32 6.95
N GLN D 77 -3.74 22.88 6.71
CA GLN D 77 -4.46 23.44 7.84
C GLN D 77 -4.93 22.36 8.79
N LYS D 78 -5.14 21.16 8.29
CA LYS D 78 -5.63 20.12 9.19
C LYS D 78 -4.57 19.69 10.18
N LEU D 79 -3.33 19.52 9.71
CA LEU D 79 -2.26 19.11 10.62
C LEU D 79 -2.16 20.07 11.78
N LEU D 80 -2.30 21.36 11.52
CA LEU D 80 -2.24 22.33 12.60
C LEU D 80 -3.53 22.35 13.41
N ILE D 81 -4.68 22.19 12.77
CA ILE D 81 -5.92 22.24 13.52
C ILE D 81 -5.99 21.12 14.54
N ASP D 82 -5.47 19.94 14.18
CA ASP D 82 -5.35 18.90 15.20
C ASP D 82 -4.43 19.33 16.32
N TYR D 83 -3.25 19.87 15.98
CA TYR D 83 -2.31 20.31 16.98
C TYR D 83 -2.92 21.36 17.88
N LEU D 84 -3.48 22.41 17.29
CA LEU D 84 -3.89 23.56 18.08
C LEU D 84 -5.06 23.27 18.98
N LEU D 85 -5.77 22.16 18.74
CA LEU D 85 -6.89 21.85 19.61
C LEU D 85 -6.49 21.02 20.82
N SER D 86 -5.34 20.38 20.81
CA SER D 86 -5.13 19.45 21.91
C SER D 86 -3.99 19.81 22.84
N GLY D 87 -2.75 19.85 22.36
CA GLY D 87 -1.57 19.83 23.21
C GLY D 87 -0.69 21.05 23.10
N GLU D 88 -1.30 22.22 23.13
CA GLU D 88 -0.57 23.45 22.86
C GLU D 88 0.07 24.04 24.10
N SER D 89 -0.67 24.10 25.20
CA SER D 89 -0.21 24.78 26.41
C SER D 89 0.27 23.82 27.48
N SER D 90 -0.03 22.52 27.33
CA SER D 90 0.32 21.55 28.37
C SER D 90 1.82 21.35 28.46
N LYS D 91 2.58 21.91 27.52
CA LYS D 91 4.03 21.90 27.57
C LYS D 91 4.48 23.20 28.22
N GLU D 92 5.11 23.10 29.39
CA GLU D 92 5.57 24.28 30.07
C GLU D 92 6.67 24.94 29.25
N PRO D 93 6.78 26.26 29.33
CA PRO D 93 8.00 26.93 28.84
C PRO D 93 9.20 26.41 29.62
N ASP D 94 10.32 26.33 28.91
CA ASP D 94 11.56 25.76 29.46
C ASP D 94 11.42 24.26 29.72
N SER D 95 11.14 23.51 28.67
CA SER D 95 11.07 22.05 28.73
C SER D 95 11.57 21.49 27.41
N GLN D 96 11.33 20.20 27.19
CA GLN D 96 11.38 19.69 25.83
C GLN D 96 10.14 20.09 25.06
N GLY D 97 9.08 20.51 25.77
CA GLY D 97 7.88 20.93 25.09
C GLY D 97 8.09 22.12 24.19
N ALA D 98 8.75 23.17 24.68
CA ALA D 98 9.08 24.31 23.84
C ALA D 98 10.33 24.07 22.99
N GLY D 99 10.89 22.86 23.03
CA GLY D 99 12.10 22.58 22.29
C GLY D 99 11.96 22.79 20.79
N THR D 100 10.85 22.35 20.22
CA THR D 100 10.51 22.68 18.84
C THR D 100 9.16 23.36 18.71
N ARG D 101 8.39 23.45 19.79
CA ARG D 101 7.08 24.08 19.70
C ARG D 101 7.17 25.51 19.17
N GLU D 102 8.14 26.29 19.64
CA GLU D 102 8.32 27.62 19.06
C GLU D 102 8.57 27.53 17.57
N SER D 103 9.35 26.53 17.14
CA SER D 103 9.57 26.36 15.72
C SER D 103 8.29 25.95 15.01
N LEU D 104 7.28 25.51 15.75
CA LEU D 104 5.98 25.30 15.13
C LEU D 104 5.18 26.58 15.08
N GLU D 105 5.13 27.33 16.18
CA GLU D 105 4.34 28.55 16.21
C GLU D 105 4.91 29.59 15.25
N ASP D 106 6.11 29.36 14.74
CA ASP D 106 6.48 29.99 13.48
C ASP D 106 5.55 29.55 12.36
N GLU D 107 5.44 28.23 12.14
CA GLU D 107 4.82 27.72 10.93
C GLU D 107 3.36 28.10 10.86
N ARG D 108 2.71 28.20 12.01
CA ARG D 108 1.36 28.72 11.97
C ARG D 108 1.33 30.08 11.31
N GLN D 109 2.34 30.91 11.56
CA GLN D 109 2.36 32.21 10.89
C GLN D 109 2.59 32.07 9.40
N ARG D 110 3.46 31.15 9.00
CA ARG D 110 3.70 31.02 7.57
C ARG D 110 2.50 30.41 6.87
N LEU D 111 1.76 29.55 7.55
CA LEU D 111 0.58 28.97 6.90
C LEU D 111 -0.59 29.93 6.94
N VAL D 112 -0.49 31.00 7.73
CA VAL D 112 -1.61 31.93 7.78
C VAL D 112 -1.38 33.06 6.80
N GLN D 113 -0.16 33.24 6.31
CA GLN D 113 0.03 34.20 5.22
C GLN D 113 -0.15 33.53 3.88
N LEU D 114 0.41 32.34 3.69
CA LEU D 114 0.14 31.63 2.46
C LEU D 114 -1.34 31.34 2.31
N GLY D 115 -2.09 31.37 3.41
CA GLY D 115 -3.53 31.30 3.31
C GLY D 115 -4.15 32.54 2.69
N ASP D 116 -3.71 33.72 3.10
CA ASP D 116 -4.36 34.93 2.62
C ASP D 116 -3.60 35.55 1.47
N GLU D 117 -2.53 34.90 1.01
CA GLU D 117 -2.00 35.29 -0.29
C GLU D 117 -2.50 34.38 -1.38
N PHE D 118 -2.41 33.07 -1.17
CA PHE D 118 -3.03 32.13 -2.09
C PHE D 118 -4.48 32.46 -2.31
N HIS D 119 -5.21 32.78 -1.26
CA HIS D 119 -6.60 33.13 -1.49
C HIS D 119 -6.72 34.33 -2.42
N LYS D 120 -5.73 35.22 -2.43
CA LYS D 120 -5.81 36.32 -3.39
C LYS D 120 -5.61 35.80 -4.79
N LEU D 121 -5.07 34.59 -4.92
CA LEU D 121 -4.90 34.02 -6.24
C LEU D 121 -6.22 33.52 -6.80
N GLU D 122 -7.01 32.82 -5.98
CA GLU D 122 -8.32 32.39 -6.43
C GLU D 122 -9.16 33.56 -6.87
N LEU D 123 -9.10 34.66 -6.15
CA LEU D 123 -9.95 35.78 -6.50
C LEU D 123 -9.47 36.47 -7.77
N GLU D 124 -8.18 36.40 -8.07
CA GLU D 124 -7.75 36.94 -9.35
C GLU D 124 -8.11 36.01 -10.48
N GLN D 125 -7.97 34.69 -10.27
CA GLN D 125 -8.52 33.73 -11.19
C GLN D 125 -9.98 34.02 -11.48
N ASP D 126 -10.83 34.00 -10.45
CA ASP D 126 -12.26 34.15 -10.67
C ASP D 126 -12.57 35.46 -11.36
N ASN D 127 -11.71 36.46 -11.23
CA ASN D 127 -11.89 37.63 -12.06
C ASN D 127 -11.42 37.37 -13.48
N LEU D 128 -10.31 36.65 -13.64
CA LEU D 128 -9.79 36.44 -14.98
C LEU D 128 -10.79 35.70 -15.85
N ILE D 129 -11.32 34.59 -15.34
CA ILE D 129 -12.36 33.89 -16.07
C ILE D 129 -13.54 34.80 -16.35
N ALA D 130 -14.02 35.49 -15.32
CA ALA D 130 -15.13 36.40 -15.50
C ALA D 130 -14.79 37.46 -16.53
N SER D 131 -13.66 38.14 -16.34
CA SER D 131 -13.32 39.20 -17.27
C SER D 131 -13.17 38.66 -18.67
N SER D 132 -12.56 37.49 -18.81
CA SER D 132 -12.36 36.93 -20.14
C SER D 132 -13.69 36.54 -20.78
N GLN D 133 -14.37 35.56 -20.20
CA GLN D 133 -15.62 35.10 -20.80
C GLN D 133 -16.55 36.26 -21.08
N ALA D 134 -16.61 37.24 -20.17
CA ALA D 134 -17.53 38.35 -20.35
C ALA D 134 -17.29 39.04 -21.68
N SER D 135 -16.06 38.96 -22.18
CA SER D 135 -15.81 39.56 -23.47
C SER D 135 -16.02 38.56 -24.59
N LEU D 136 -15.38 37.40 -24.52
CA LEU D 136 -15.46 36.49 -25.65
C LEU D 136 -16.89 36.16 -26.00
N MET D 137 -17.79 36.17 -25.01
CA MET D 137 -19.21 36.11 -25.31
C MET D 137 -19.66 37.32 -26.11
N LYS D 138 -19.21 38.51 -25.71
CA LYS D 138 -19.57 39.71 -26.46
C LYS D 138 -18.97 39.69 -27.86
N ILE D 139 -18.02 38.79 -28.09
CA ILE D 139 -17.42 38.68 -29.42
C ILE D 139 -18.21 37.72 -30.29
N SER D 140 -18.58 36.56 -29.74
CA SER D 140 -19.20 35.53 -30.57
C SER D 140 -20.59 35.95 -31.02
N ILE D 141 -21.40 36.47 -30.11
CA ILE D 141 -22.75 36.83 -30.52
C ILE D 141 -22.69 37.94 -31.55
N ASP D 142 -21.77 38.91 -31.39
CA ASP D 142 -21.69 39.99 -32.35
C ASP D 142 -21.13 39.49 -33.67
N TRP D 143 -20.50 38.32 -33.64
CA TRP D 143 -20.18 37.64 -34.89
C TRP D 143 -21.42 37.04 -35.51
N ASN D 144 -22.25 36.36 -34.70
CA ASN D 144 -23.45 35.72 -35.22
C ASN D 144 -24.33 36.73 -35.93
N THR D 145 -24.66 37.82 -35.25
CA THR D 145 -25.46 38.86 -35.88
C THR D 145 -24.79 39.37 -37.15
N LYS D 146 -23.51 39.75 -37.06
CA LYS D 146 -22.84 40.24 -38.25
C LYS D 146 -22.65 39.14 -39.27
N LEU D 147 -22.64 37.89 -38.86
CA LEU D 147 -22.68 36.81 -39.84
C LEU D 147 -24.03 36.74 -40.52
N GLU D 148 -25.10 37.02 -39.78
CA GLU D 148 -26.42 36.97 -40.38
C GLU D 148 -26.57 38.01 -41.47
N THR D 149 -26.01 39.19 -41.27
CA THR D 149 -26.18 40.24 -42.26
C THR D 149 -25.41 39.94 -43.53
N THR D 150 -24.15 39.53 -43.40
CA THR D 150 -23.44 39.04 -44.57
C THR D 150 -24.16 37.87 -45.20
N LEU D 151 -24.64 36.93 -44.36
CA LEU D 151 -25.47 35.83 -44.83
C LEU D 151 -26.48 36.29 -45.88
N SER D 152 -27.41 37.16 -45.48
CA SER D 152 -28.39 37.66 -46.43
C SER D 152 -27.71 38.45 -47.54
N LYS D 153 -26.77 39.33 -47.19
CA LYS D 153 -26.18 40.20 -48.19
C LYS D 153 -25.34 39.41 -49.18
N LEU D 154 -24.52 38.48 -48.69
CA LEU D 154 -23.77 37.66 -49.63
C LEU D 154 -24.70 36.93 -50.59
N ASN D 155 -25.89 36.56 -50.13
CA ASN D 155 -26.86 35.96 -51.02
C ASN D 155 -27.25 36.93 -52.12
N SER D 156 -27.62 38.15 -51.76
CA SER D 156 -28.06 39.10 -52.77
C SER D 156 -26.95 39.37 -53.77
N LEU D 157 -25.70 39.15 -53.37
CA LEU D 157 -24.59 39.17 -54.31
C LEU D 157 -24.45 37.85 -55.03
N TYR D 158 -25.08 36.81 -54.55
CA TYR D 158 -25.00 35.52 -55.22
C TYR D 158 -26.33 35.07 -55.81
N LYS D 159 -27.45 35.55 -55.29
CA LYS D 159 -28.70 35.31 -55.99
C LYS D 159 -28.69 36.01 -57.35
N ASN D 160 -27.99 37.14 -57.47
CA ASN D 160 -27.85 37.79 -58.75
C ASN D 160 -27.06 36.96 -59.75
N THR D 161 -26.34 35.96 -59.27
CA THR D 161 -25.48 35.20 -60.15
C THR D 161 -26.31 34.46 -61.19
N ASN D 162 -25.87 34.53 -62.44
CA ASN D 162 -26.36 33.59 -63.42
C ASN D 162 -26.05 32.15 -62.99
N SER D 163 -25.03 31.95 -62.17
CA SER D 163 -24.68 30.64 -61.64
C SER D 163 -25.55 30.40 -60.40
N LYS D 164 -26.45 29.43 -60.49
CA LYS D 164 -27.44 29.22 -59.46
C LYS D 164 -26.85 28.48 -58.27
N ILE D 165 -26.85 29.12 -57.10
CA ILE D 165 -26.38 28.51 -55.87
C ILE D 165 -27.41 28.76 -54.78
N LYS D 166 -27.43 27.87 -53.80
CA LYS D 166 -28.40 27.92 -52.73
C LYS D 166 -27.96 28.93 -51.68
N LYS D 167 -28.61 28.88 -50.53
CA LYS D 167 -28.25 29.72 -49.40
C LYS D 167 -27.47 28.94 -48.35
N ASN D 168 -28.07 27.89 -47.79
CA ASN D 168 -27.36 27.09 -46.80
C ASN D 168 -26.12 26.44 -47.38
N ALA D 169 -26.10 26.22 -48.70
CA ALA D 169 -24.87 25.74 -49.32
C ALA D 169 -23.75 26.75 -49.17
N ILE D 170 -24.05 28.04 -49.34
CA ILE D 170 -23.00 29.03 -49.20
C ILE D 170 -22.60 29.22 -47.75
N ARG D 171 -23.52 29.14 -46.80
CA ARG D 171 -23.13 29.28 -45.40
C ARG D 171 -22.18 28.16 -45.00
N LYS D 172 -22.47 26.93 -45.41
CA LYS D 172 -21.51 25.87 -45.17
C LYS D 172 -20.24 26.10 -45.96
N ALA D 173 -20.30 26.89 -47.03
CA ALA D 173 -19.09 27.15 -47.79
C ALA D 173 -18.16 28.09 -47.04
N LEU D 174 -18.71 29.17 -46.47
CA LEU D 174 -17.89 30.14 -45.77
C LEU D 174 -17.25 29.55 -44.53
N ILE D 175 -18.04 28.89 -43.69
CA ILE D 175 -17.52 28.35 -42.44
C ILE D 175 -16.26 27.53 -42.72
N LYS D 176 -16.23 26.82 -43.84
CA LYS D 176 -15.04 26.05 -44.18
C LYS D 176 -13.88 26.96 -44.60
N ALA D 177 -14.14 28.23 -44.88
CA ALA D 177 -13.04 29.12 -45.23
C ALA D 177 -12.32 29.62 -43.99
N PHE D 178 -13.04 29.70 -42.87
CA PHE D 178 -12.38 30.02 -41.61
C PHE D 178 -11.77 28.80 -40.94
N ILE D 179 -12.08 27.59 -41.42
CA ILE D 179 -11.64 26.37 -40.78
C ILE D 179 -10.54 25.74 -41.63
N HIS D 180 -10.46 26.14 -42.88
CA HIS D 180 -9.37 25.63 -43.71
C HIS D 180 -8.23 26.63 -43.81
N CYS D 181 -8.50 27.90 -43.55
CA CYS D 181 -7.46 28.91 -43.38
C CYS D 181 -7.81 29.77 -42.17
N ASP D 182 -6.80 30.40 -41.58
CA ASP D 182 -7.03 31.31 -40.46
C ASP D 182 -6.89 32.74 -40.91
N LEU D 183 -7.67 33.61 -40.28
CA LEU D 183 -7.53 35.04 -40.43
C LEU D 183 -7.58 35.74 -39.09
N VAL D 184 -7.27 35.01 -38.02
CA VAL D 184 -7.33 35.58 -36.69
C VAL D 184 -6.01 36.24 -36.34
N LYS D 185 -4.89 35.61 -36.68
CA LYS D 185 -3.57 36.11 -36.29
C LYS D 185 -2.73 36.52 -37.49
N ASP D 186 -2.45 35.63 -38.43
CA ASP D 186 -1.79 36.07 -39.65
C ASP D 186 -2.83 36.73 -40.53
N GLN D 187 -3.04 38.02 -40.29
CA GLN D 187 -3.98 38.80 -41.08
C GLN D 187 -3.21 39.70 -42.04
N SER D 188 -3.75 39.90 -43.23
CA SER D 188 -3.08 40.70 -44.25
C SER D 188 -4.10 41.18 -45.27
N GLN D 189 -3.61 41.65 -46.41
CA GLN D 189 -4.46 41.93 -47.56
C GLN D 189 -4.29 40.90 -48.65
N LYS D 190 -3.35 39.96 -48.51
CA LYS D 190 -3.33 38.87 -49.47
C LYS D 190 -4.02 37.63 -48.90
N ASN D 191 -3.88 37.42 -47.58
CA ASN D 191 -4.51 36.26 -46.96
C ASN D 191 -6.01 36.21 -47.18
N LYS D 192 -6.69 37.35 -47.18
CA LYS D 192 -8.12 37.33 -47.46
C LYS D 192 -8.38 36.73 -48.83
N TYR D 193 -7.48 36.95 -49.78
CA TYR D 193 -7.67 36.38 -51.11
C TYR D 193 -7.50 34.88 -51.12
N GLN D 194 -6.63 34.33 -50.29
CA GLN D 194 -6.60 32.87 -50.18
C GLN D 194 -7.91 32.35 -49.64
N LEU D 195 -8.47 33.01 -48.61
CA LEU D 195 -9.83 32.74 -48.19
C LEU D 195 -10.84 32.94 -49.32
N ILE D 196 -10.83 34.12 -49.94
CA ILE D 196 -11.79 34.36 -51.01
C ILE D 196 -11.63 33.33 -52.11
N ASP D 197 -10.41 32.91 -52.40
CA ASP D 197 -10.26 31.84 -53.36
C ASP D 197 -10.51 30.49 -52.72
N LYS D 198 -10.73 30.47 -51.41
CA LYS D 198 -11.13 29.21 -50.78
C LYS D 198 -12.64 29.12 -50.62
N LEU D 199 -13.32 30.25 -50.44
CA LEU D 199 -14.77 30.20 -50.51
C LEU D 199 -15.24 29.89 -51.91
N ASN D 200 -14.63 30.49 -52.93
CA ASN D 200 -15.04 30.17 -54.29
C ASN D 200 -14.84 28.71 -54.63
N GLN D 201 -13.70 28.11 -54.27
CA GLN D 201 -13.41 26.73 -54.67
C GLN D 201 -14.24 25.71 -53.93
N THR D 202 -14.66 26.01 -52.69
CA THR D 202 -15.58 25.11 -52.01
C THR D 202 -16.90 25.05 -52.75
N LEU D 203 -17.48 26.20 -53.08
CA LEU D 203 -18.52 26.19 -54.06
C LEU D 203 -17.93 25.78 -55.40
N ALA D 204 -18.79 25.46 -56.35
CA ALA D 204 -18.28 24.88 -57.58
C ALA D 204 -17.35 25.84 -58.32
N VAL D 205 -17.90 26.95 -58.82
CA VAL D 205 -17.16 27.87 -59.68
C VAL D 205 -17.75 29.27 -59.50
N SER D 206 -16.88 30.27 -59.56
CA SER D 206 -17.29 31.66 -59.72
C SER D 206 -16.07 32.40 -60.26
N VAL D 207 -16.27 33.54 -60.91
CA VAL D 207 -15.16 34.43 -61.22
C VAL D 207 -15.28 35.75 -60.47
N GLY D 208 -16.24 36.58 -60.85
CA GLY D 208 -16.45 37.87 -60.22
C GLY D 208 -15.22 38.69 -59.92
N ALA D 209 -14.53 39.18 -60.96
CA ALA D 209 -13.32 39.99 -60.74
C ALA D 209 -13.66 41.29 -60.01
N GLU D 210 -14.60 42.09 -60.52
CA GLU D 210 -15.14 43.16 -59.71
C GLU D 210 -15.87 42.63 -58.50
N LEU D 211 -16.45 41.43 -58.62
CA LEU D 211 -17.14 40.83 -57.49
C LEU D 211 -16.16 40.37 -56.43
N LYS D 212 -14.90 40.11 -56.80
CA LYS D 212 -13.89 39.88 -55.80
C LYS D 212 -13.66 41.15 -54.98
N GLU D 213 -13.75 42.32 -55.61
CA GLU D 213 -13.88 43.55 -54.84
C GLU D 213 -15.26 43.67 -54.23
N SER D 214 -16.30 43.29 -54.95
CA SER D 214 -17.67 43.51 -54.49
C SER D 214 -17.99 42.69 -53.27
N ILE D 215 -17.15 41.69 -52.94
CA ILE D 215 -17.36 40.97 -51.69
C ILE D 215 -16.44 41.44 -50.58
N LEU D 216 -15.24 41.92 -50.91
CA LEU D 216 -14.30 42.36 -49.88
C LEU D 216 -14.92 43.38 -48.96
N THR D 217 -15.73 44.27 -49.51
CA THR D 217 -16.42 45.21 -48.62
C THR D 217 -17.39 44.49 -47.70
N ASN D 218 -17.88 43.32 -48.07
CA ASN D 218 -18.90 42.67 -47.26
C ASN D 218 -18.31 41.77 -46.19
N LEU D 219 -17.21 41.10 -46.49
CA LEU D 219 -16.56 40.31 -45.46
C LEU D 219 -15.88 41.16 -44.42
N SER D 220 -15.99 42.48 -44.52
CA SER D 220 -15.34 43.35 -43.55
C SER D 220 -15.80 43.04 -42.14
N GLU D 221 -17.11 43.05 -41.92
CA GLU D 221 -17.61 42.97 -40.56
C GLU D 221 -17.22 41.65 -39.90
N LEU D 222 -17.00 40.61 -40.68
CA LEU D 222 -16.34 39.48 -40.10
C LEU D 222 -14.91 39.83 -39.69
N PHE D 223 -14.12 40.38 -40.61
CA PHE D 223 -12.70 40.56 -40.36
C PHE D 223 -12.43 41.52 -39.23
N GLN D 224 -13.17 42.62 -39.18
CA GLN D 224 -13.12 43.47 -38.01
C GLN D 224 -13.40 42.66 -36.75
N ILE D 225 -14.61 42.11 -36.65
CA ILE D 225 -15.02 41.40 -35.45
C ILE D 225 -14.13 40.21 -35.21
N LEU D 226 -13.58 39.64 -36.27
CA LEU D 226 -12.50 38.69 -36.08
C LEU D 226 -11.33 39.34 -35.37
N GLU D 227 -10.97 40.57 -35.74
CA GLU D 227 -9.73 41.13 -35.23
C GLU D 227 -9.80 41.38 -33.74
N ALA D 228 -10.95 41.86 -33.24
CA ALA D 228 -11.08 42.07 -31.80
C ALA D 228 -10.96 40.75 -31.05
N LEU D 229 -10.69 39.66 -31.75
CA LEU D 229 -10.25 38.47 -31.06
C LEU D 229 -8.74 38.47 -30.88
N ASN D 230 -7.98 38.97 -31.86
CA ASN D 230 -6.54 39.01 -31.66
C ASN D 230 -6.15 39.96 -30.54
N THR D 231 -6.64 41.20 -30.60
CA THR D 231 -6.25 42.18 -29.59
C THR D 231 -6.81 41.84 -28.22
N LYS D 232 -7.95 41.17 -28.16
CA LYS D 232 -8.40 40.69 -26.86
C LYS D 232 -7.78 39.33 -26.55
N LEU D 233 -7.13 38.72 -27.53
CA LEU D 233 -6.21 37.64 -27.20
C LEU D 233 -4.82 38.20 -26.98
N ASP D 234 -4.65 39.50 -27.24
CA ASP D 234 -3.41 40.16 -26.87
C ASP D 234 -3.25 40.22 -25.37
N GLU D 235 -4.27 40.70 -24.66
CA GLU D 235 -4.22 40.66 -23.22
C GLU D 235 -4.18 39.24 -22.69
N PHE D 236 -5.30 38.54 -22.81
CA PHE D 236 -5.62 37.49 -21.85
C PHE D 236 -4.53 36.45 -21.78
N THR D 237 -3.86 36.17 -22.89
CA THR D 237 -2.74 35.25 -22.79
C THR D 237 -1.64 35.83 -21.92
N ASP D 238 -1.45 37.15 -21.97
CA ASP D 238 -0.38 37.73 -21.17
C ASP D 238 -0.72 37.67 -19.68
N ARG D 239 -2.00 37.79 -19.34
CA ARG D 239 -2.36 37.62 -17.94
C ARG D 239 -2.36 36.17 -17.50
N THR D 240 -2.62 35.24 -18.41
CA THR D 240 -2.78 33.85 -18.00
C THR D 240 -1.45 33.19 -17.64
N ASN D 241 -0.36 33.50 -18.34
CA ASN D 241 0.91 32.91 -17.98
C ASN D 241 1.38 33.38 -16.60
N HIS D 242 1.28 34.68 -16.35
CA HIS D 242 1.39 35.19 -14.98
C HIS D 242 0.56 34.35 -14.02
N LEU D 243 -0.75 34.33 -14.23
CA LEU D 243 -1.63 33.73 -13.24
C LEU D 243 -1.38 32.24 -13.15
N SER D 244 -0.62 31.70 -14.09
CA SER D 244 -0.23 30.29 -13.98
C SER D 244 1.14 30.17 -13.36
N GLN D 245 2.07 31.07 -13.68
CA GLN D 245 3.36 31.01 -13.02
C GLN D 245 3.22 31.23 -11.53
N GLN D 246 2.39 32.20 -11.14
CA GLN D 246 2.13 32.41 -9.73
C GLN D 246 1.51 31.18 -9.11
N ALA D 247 0.60 30.53 -9.82
CA ALA D 247 -0.11 29.40 -9.26
C ALA D 247 0.76 28.17 -9.13
N LYS D 248 1.59 27.88 -10.14
CA LYS D 248 2.51 26.77 -10.03
C LYS D 248 3.40 26.92 -8.79
N SER D 249 3.79 28.15 -8.48
CA SER D 249 4.57 28.38 -7.27
C SER D 249 3.84 27.90 -6.05
N PHE D 250 2.58 28.30 -5.89
CA PHE D 250 1.86 28.01 -4.67
C PHE D 250 1.69 26.51 -4.48
N ARG D 251 1.88 25.72 -5.53
CA ARG D 251 1.88 24.29 -5.32
C ARG D 251 3.20 23.82 -4.73
N THR D 252 4.29 24.52 -5.02
CA THR D 252 5.54 24.17 -4.37
C THR D 252 5.54 24.57 -2.91
N GLN D 253 5.44 25.86 -2.63
CA GLN D 253 5.63 26.30 -1.25
C GLN D 253 4.45 26.01 -0.36
N PHE D 254 3.43 25.29 -0.83
CA PHE D 254 2.63 24.52 0.11
C PHE D 254 3.22 23.15 0.32
N TYR D 255 3.77 22.54 -0.72
CA TYR D 255 4.36 21.23 -0.53
C TYR D 255 5.51 21.30 0.46
N GLU D 256 6.06 22.49 0.67
CA GLU D 256 7.07 22.61 1.71
C GLU D 256 6.45 22.75 3.08
N VAL D 257 5.55 23.69 3.26
CA VAL D 257 4.95 23.88 4.57
C VAL D 257 4.24 22.61 5.01
N ILE D 258 3.75 21.83 4.05
CA ILE D 258 3.11 20.57 4.41
C ILE D 258 4.17 19.50 4.66
N LEU D 259 5.40 19.74 4.22
CA LEU D 259 6.44 18.76 4.47
C LEU D 259 7.21 19.09 5.74
N ARG D 260 7.56 20.36 5.90
CA ARG D 260 8.26 20.78 7.11
C ARG D 260 7.46 20.42 8.35
N ILE D 261 6.14 20.57 8.30
CA ILE D 261 5.34 20.30 9.48
C ILE D 261 5.34 18.81 9.80
N ILE D 262 5.38 17.96 8.79
CA ILE D 262 5.20 16.55 9.06
C ILE D 262 6.43 15.97 9.78
N GLU D 263 7.55 16.67 9.77
CA GLU D 263 8.69 16.21 10.55
C GLU D 263 8.93 17.05 11.79
N LEU D 264 8.62 18.34 11.73
CA LEU D 264 8.65 19.17 12.93
C LEU D 264 7.65 18.68 13.97
N ILE D 265 6.39 18.50 13.57
CA ILE D 265 5.41 17.97 14.49
C ILE D 265 5.68 16.51 14.82
N LYS D 266 6.41 15.79 13.96
CA LYS D 266 6.72 14.41 14.24
C LYS D 266 7.47 14.24 15.55
N LEU D 267 8.32 15.20 15.89
CA LEU D 267 9.23 15.06 17.01
C LEU D 267 8.70 15.71 18.27
N LEU D 268 7.43 15.67 18.49
CA LEU D 268 6.99 16.01 19.83
C LEU D 268 7.13 14.79 20.72
N PRO D 269 7.31 14.95 22.02
CA PRO D 269 7.38 13.79 22.90
C PRO D 269 6.03 13.16 23.21
N GLU D 270 5.02 14.00 23.46
CA GLU D 270 3.76 13.55 24.04
C GLU D 270 2.55 13.78 23.14
N TYR D 271 2.75 13.89 21.84
CA TYR D 271 1.67 14.07 20.88
C TYR D 271 2.01 13.28 19.63
N LYS D 272 0.98 12.83 18.92
CA LYS D 272 1.22 12.23 17.61
C LYS D 272 -0.03 12.33 16.78
N ILE D 273 0.13 12.15 15.48
CA ILE D 273 -0.98 12.08 14.54
C ILE D 273 -1.27 10.60 14.26
N ASP D 274 -2.49 10.17 14.59
CA ASP D 274 -2.78 8.74 14.52
C ASP D 274 -2.96 8.30 13.08
N PRO D 275 -2.68 7.05 12.75
CA PRO D 275 -2.94 6.55 11.40
C PRO D 275 -4.41 6.46 11.04
N ALA D 276 -5.31 6.84 11.94
CA ALA D 276 -6.74 6.80 11.67
C ALA D 276 -7.22 8.00 10.88
N GLN D 277 -7.08 9.20 11.45
CA GLN D 277 -7.44 10.40 10.72
C GLN D 277 -6.46 10.70 9.59
N ASP D 278 -5.18 10.40 9.78
CA ASP D 278 -4.24 10.69 8.72
C ASP D 278 -4.55 9.90 7.46
N ALA D 279 -4.86 8.61 7.60
CA ALA D 279 -5.10 7.79 6.42
C ALA D 279 -6.33 8.25 5.66
N ILE D 280 -7.23 8.98 6.33
CA ILE D 280 -8.38 9.53 5.62
C ILE D 280 -8.15 10.98 5.19
N ASN D 281 -7.39 11.77 5.93
CA ASN D 281 -6.98 13.08 5.42
C ASN D 281 -6.07 12.94 4.23
N ARG D 282 -5.25 11.90 4.19
CA ARG D 282 -4.30 11.71 3.12
C ARG D 282 -4.89 11.04 1.91
N GLU D 283 -6.21 10.97 1.82
CA GLU D 283 -6.81 10.41 0.62
C GLU D 283 -6.73 11.36 -0.58
N PRO D 284 -7.15 12.61 -0.49
CA PRO D 284 -7.08 13.47 -1.68
C PRO D 284 -5.69 14.00 -1.93
N LEU D 285 -4.66 13.34 -1.44
CA LEU D 285 -3.31 13.78 -1.71
C LEU D 285 -2.52 12.77 -2.51
N TYR D 286 -3.15 12.07 -3.45
CA TYR D 286 -2.48 11.05 -4.23
C TYR D 286 -2.37 11.41 -5.70
N PHE D 287 -2.50 12.68 -6.02
CA PHE D 287 -2.40 13.09 -7.40
C PHE D 287 -0.95 13.17 -7.82
N ASP D 288 -0.73 13.77 -8.97
CA ASP D 288 0.61 14.04 -9.44
C ASP D 288 0.87 15.51 -9.25
N ARG D 289 2.14 15.89 -9.24
CA ARG D 289 2.44 17.31 -9.14
C ARG D 289 2.77 17.92 -10.48
N THR D 290 3.47 17.19 -11.33
CA THR D 290 4.06 17.77 -12.52
C THR D 290 3.06 17.77 -13.68
N ILE D 291 1.97 18.50 -13.51
CA ILE D 291 0.92 18.50 -14.54
C ILE D 291 0.82 19.84 -15.27
N GLY D 292 1.46 20.88 -14.76
CA GLY D 292 1.64 22.08 -15.55
C GLY D 292 3.11 22.24 -15.88
N GLU D 293 3.47 21.95 -17.13
CA GLU D 293 4.88 21.90 -17.54
C GLU D 293 5.67 20.92 -16.69
N THR E 5 -8.61 17.32 27.53
CA THR E 5 -8.33 18.72 27.83
C THR E 5 -9.09 19.65 26.87
N LEU E 6 -9.77 20.65 27.43
CA LEU E 6 -10.45 21.64 26.62
C LEU E 6 -9.44 22.70 26.20
N PRO E 7 -9.21 22.90 24.90
CA PRO E 7 -8.20 23.86 24.46
C PRO E 7 -8.53 25.28 24.93
N THR E 8 -7.48 26.05 25.22
CA THR E 8 -7.67 27.38 25.76
C THR E 8 -7.95 28.40 24.65
N ARG E 9 -8.61 29.48 25.03
CA ARG E 9 -9.17 30.48 24.12
C ARG E 9 -8.13 30.94 23.11
N ASP E 10 -6.89 31.14 23.54
CA ASP E 10 -5.85 31.62 22.62
C ASP E 10 -5.47 30.54 21.62
N ALA E 11 -5.25 29.31 22.10
CA ALA E 11 -5.03 28.22 21.16
C ALA E 11 -6.17 28.13 20.19
N LEU E 12 -7.37 28.42 20.65
CA LEU E 12 -8.54 28.23 19.80
C LEU E 12 -8.64 29.33 18.75
N LEU E 13 -8.38 30.58 19.13
CA LEU E 13 -8.37 31.63 18.12
C LEU E 13 -7.25 31.43 17.13
N LYS E 14 -6.11 30.92 17.58
CA LYS E 14 -5.07 30.60 16.61
C LYS E 14 -5.57 29.54 15.64
N ALA E 15 -6.23 28.51 16.15
CA ALA E 15 -6.79 27.50 15.27
C ALA E 15 -7.82 28.09 14.32
N MET E 16 -8.60 29.08 14.77
CA MET E 16 -9.50 29.73 13.84
C MET E 16 -8.72 30.41 12.73
N GLN E 17 -7.75 31.24 13.10
CA GLN E 17 -7.07 32.05 12.09
C GLN E 17 -6.30 31.20 11.09
N VAL E 18 -5.84 30.01 11.45
CA VAL E 18 -5.20 29.16 10.44
C VAL E 18 -6.23 28.53 9.53
N GLY E 19 -7.52 28.72 9.81
CA GLY E 19 -8.53 28.13 8.97
C GLY E 19 -9.57 29.13 8.50
N GLU E 20 -9.13 30.34 8.17
CA GLU E 20 -10.04 31.37 7.72
C GLU E 20 -10.06 31.49 6.21
N THR E 21 -9.32 30.64 5.51
CA THR E 21 -9.28 30.77 4.07
C THR E 21 -10.28 29.84 3.40
N SER E 22 -10.07 28.54 3.54
CA SER E 22 -10.78 27.56 2.76
C SER E 22 -11.98 27.03 3.52
N ILE E 23 -13.06 26.72 2.79
CA ILE E 23 -14.26 26.22 3.44
C ILE E 23 -13.98 24.90 4.14
N GLU E 24 -13.20 24.04 3.48
CA GLU E 24 -12.99 22.69 3.98
C GLU E 24 -12.31 22.71 5.34
N ALA E 25 -11.28 23.53 5.50
CA ALA E 25 -10.55 23.55 6.76
C ALA E 25 -11.40 24.10 7.90
N ALA E 26 -12.16 25.17 7.65
CA ALA E 26 -13.00 25.71 8.71
C ALA E 26 -14.09 24.72 9.11
N GLU E 27 -14.68 24.05 8.14
CA GLU E 27 -15.67 23.04 8.48
C GLU E 27 -15.03 21.88 9.23
N TYR E 28 -13.80 21.51 8.86
CA TYR E 28 -13.11 20.43 9.55
C TYR E 28 -12.81 20.78 11.00
N MET E 29 -12.42 22.02 11.25
CA MET E 29 -12.22 22.43 12.63
C MET E 29 -13.54 22.42 13.40
N ALA E 30 -14.63 22.84 12.76
CA ALA E 30 -15.93 22.74 13.43
C ALA E 30 -16.25 21.32 13.82
N THR E 31 -16.10 20.38 12.88
CA THR E 31 -16.34 18.98 13.18
C THR E 31 -15.43 18.49 14.28
N ARG E 32 -14.15 18.84 14.23
CA ARG E 32 -13.23 18.36 15.25
C ARG E 32 -13.62 18.82 16.63
N PHE E 33 -13.97 20.09 16.77
CA PHE E 33 -14.24 20.53 18.12
C PHE E 33 -15.57 19.98 18.62
N GLU E 34 -16.56 19.83 17.73
CA GLU E 34 -17.76 19.09 18.12
C GLU E 34 -17.40 17.69 18.60
N GLN E 35 -16.55 17.00 17.85
CA GLN E 35 -16.22 15.61 18.13
C GLN E 35 -15.54 15.49 19.48
N ILE E 36 -14.49 16.27 19.72
CA ILE E 36 -13.78 16.14 20.98
C ILE E 36 -14.44 16.94 22.09
N LEU E 37 -15.60 17.52 21.85
CA LEU E 37 -16.43 17.87 22.99
C LEU E 37 -17.36 16.74 23.38
N THR E 38 -18.03 16.12 22.41
CA THR E 38 -18.98 15.06 22.75
C THR E 38 -18.28 13.80 23.27
N LYS E 39 -17.14 13.43 22.70
CA LYS E 39 -16.35 12.35 23.29
C LYS E 39 -16.01 12.66 24.73
N ALA E 40 -15.51 13.85 24.98
CA ALA E 40 -15.18 14.37 26.30
C ALA E 40 -16.46 14.89 26.95
N LYS E 41 -16.28 15.78 27.94
CA LYS E 41 -17.36 16.36 28.72
C LYS E 41 -18.65 16.63 27.95
N LEU E 42 -18.59 17.49 26.94
CA LEU E 42 -19.79 18.01 26.28
C LEU E 42 -20.69 18.72 27.30
N LEU E 43 -20.10 19.64 28.05
CA LEU E 43 -20.88 20.47 28.94
C LEU E 43 -21.78 21.40 28.14
N PRO E 44 -22.85 21.90 28.77
CA PRO E 44 -23.57 23.03 28.17
C PRO E 44 -22.67 24.19 27.83
N GLU E 45 -21.68 24.50 28.68
CA GLU E 45 -20.69 25.50 28.30
C GLU E 45 -19.92 25.04 27.06
N CYS E 46 -19.53 23.78 27.04
CA CYS E 46 -18.95 23.22 25.83
C CYS E 46 -19.95 23.28 24.69
N ASN E 47 -21.23 23.06 24.98
CA ASN E 47 -22.24 23.17 23.93
C ASN E 47 -22.26 24.57 23.34
N ASP E 48 -22.08 25.60 24.17
CA ASP E 48 -22.07 26.96 23.66
C ASP E 48 -20.81 27.26 22.86
N MET E 49 -19.65 26.81 23.34
CA MET E 49 -18.44 26.98 22.53
C MET E 49 -18.63 26.32 21.17
N LEU E 50 -19.28 25.17 21.16
CA LEU E 50 -19.57 24.50 19.90
C LEU E 50 -20.45 25.37 19.03
N GLU E 51 -21.48 26.00 19.62
CA GLU E 51 -22.35 26.84 18.81
C GLU E 51 -21.57 27.98 18.19
N LYS E 52 -20.65 28.55 18.96
CA LYS E 52 -19.85 29.66 18.44
C LYS E 52 -19.04 29.23 17.23
N ILE E 53 -18.36 28.09 17.31
CA ILE E 53 -17.56 27.79 16.13
C ILE E 53 -18.40 27.18 15.01
N LYS E 54 -19.60 26.69 15.30
CA LYS E 54 -20.52 26.37 14.22
C LYS E 54 -20.88 27.63 13.44
N GLU E 55 -21.16 28.71 14.16
CA GLU E 55 -21.35 30.00 13.52
C GLU E 55 -20.15 30.36 12.68
N TYR E 56 -18.96 30.17 13.24
CA TYR E 56 -17.74 30.40 12.49
C TYR E 56 -17.73 29.66 11.16
N ALA E 57 -17.96 28.36 11.18
CA ALA E 57 -17.86 27.59 9.95
C ALA E 57 -18.88 28.08 8.93
N GLN E 58 -20.12 28.32 9.39
CA GLN E 58 -21.11 28.86 8.49
C GLN E 58 -20.62 30.16 7.89
N PHE E 59 -19.97 31.00 8.69
CA PHE E 59 -19.64 32.33 8.19
C PHE E 59 -18.45 32.29 7.23
N VAL E 60 -17.54 31.34 7.40
CA VAL E 60 -16.48 31.17 6.40
C VAL E 60 -17.08 30.74 5.08
N LYS E 61 -17.88 29.67 5.10
CA LYS E 61 -18.50 29.22 3.86
C LYS E 61 -19.40 30.30 3.27
N PHE E 62 -19.80 31.22 4.11
CA PHE E 62 -20.76 32.26 3.87
C PHE E 62 -20.12 33.51 3.29
N LYS E 63 -18.81 33.68 3.50
CA LYS E 63 -18.09 34.80 2.91
C LYS E 63 -16.92 34.38 2.02
N LEU E 64 -16.86 33.12 1.58
CA LEU E 64 -15.85 32.75 0.59
C LEU E 64 -16.38 32.20 -0.72
N LEU E 65 -17.67 32.29 -1.02
CA LEU E 65 -18.20 31.62 -2.21
C LEU E 65 -19.44 32.31 -2.76
N SER E 66 -19.27 33.17 -3.76
CA SER E 66 -20.36 33.54 -4.67
C SER E 66 -19.80 33.41 -6.08
N SER E 67 -19.76 32.19 -6.58
CA SER E 67 -19.36 31.99 -7.97
C SER E 67 -20.25 32.76 -8.92
N ALA E 68 -21.53 32.88 -8.58
CA ALA E 68 -22.45 33.75 -9.30
C ALA E 68 -22.39 33.46 -10.80
N GLN E 69 -22.24 32.18 -11.13
CA GLN E 69 -22.02 31.74 -12.50
C GLN E 69 -20.90 32.55 -13.15
N VAL E 70 -19.74 32.54 -12.50
CA VAL E 70 -18.62 33.32 -13.00
C VAL E 70 -18.28 32.91 -14.42
N TRP E 71 -18.31 31.61 -14.72
CA TRP E 71 -18.12 31.20 -16.09
C TRP E 71 -19.15 31.75 -17.05
N SER E 72 -20.36 32.01 -16.58
CA SER E 72 -21.35 32.46 -17.53
C SER E 72 -21.04 33.85 -18.03
N GLY E 73 -20.07 34.52 -17.43
CA GLY E 73 -19.66 35.84 -17.88
C GLY E 73 -19.96 36.96 -16.92
N GLN E 74 -20.66 36.72 -15.82
CA GLN E 74 -20.81 37.75 -14.80
C GLN E 74 -19.51 37.84 -14.00
N GLU E 75 -19.54 38.53 -12.87
CA GLU E 75 -18.35 38.68 -12.05
C GLU E 75 -18.69 38.56 -10.58
N ARG E 76 -17.67 38.21 -9.78
CA ARG E 76 -17.86 38.05 -8.31
C ARG E 76 -17.76 39.43 -7.73
N PRO E 77 -18.84 40.02 -7.18
CA PRO E 77 -18.76 41.38 -6.73
C PRO E 77 -17.58 41.28 -5.78
N THR E 78 -16.61 42.19 -5.89
CA THR E 78 -15.41 42.02 -5.05
C THR E 78 -15.46 42.79 -3.73
N SER E 79 -16.48 43.63 -3.49
CA SER E 79 -16.56 44.26 -2.14
C SER E 79 -17.11 43.18 -1.22
N ASP E 80 -16.32 42.67 -0.29
CA ASP E 80 -16.73 41.45 0.39
C ASP E 80 -17.88 41.65 1.37
N TYR E 81 -18.43 42.85 1.50
CA TYR E 81 -19.72 42.99 2.16
C TYR E 81 -20.84 42.43 1.27
N GLN E 82 -20.86 42.81 0.00
CA GLN E 82 -21.93 42.35 -0.90
C GLN E 82 -21.83 40.87 -1.19
N ASN E 83 -20.62 40.36 -1.38
CA ASN E 83 -20.48 38.93 -1.58
C ASN E 83 -21.14 38.15 -0.46
N THR E 84 -20.83 38.54 0.77
CA THR E 84 -21.40 37.85 1.94
C THR E 84 -22.90 38.03 2.00
N GLN E 85 -23.40 39.25 1.78
CA GLN E 85 -24.84 39.46 1.91
C GLN E 85 -25.61 38.74 0.81
N GLU E 86 -25.04 38.59 -0.38
CA GLU E 86 -25.75 37.84 -1.40
C GLU E 86 -25.74 36.36 -1.10
N ASN E 87 -24.65 35.83 -0.53
CA ASN E 87 -24.75 34.44 -0.11
C ASN E 87 -25.68 34.28 1.07
N LYS E 88 -25.83 35.31 1.88
CA LYS E 88 -26.87 35.32 2.92
C LYS E 88 -28.21 35.08 2.26
N ALA E 89 -28.64 36.06 1.46
CA ALA E 89 -29.87 35.94 0.70
C ALA E 89 -30.04 34.54 0.13
N GLU E 90 -29.01 34.03 -0.54
CA GLU E 90 -29.14 32.73 -1.18
C GLU E 90 -29.44 31.63 -0.18
N PHE E 91 -28.62 31.51 0.87
CA PHE E 91 -28.80 30.40 1.81
C PHE E 91 -30.15 30.48 2.52
N LEU E 92 -30.47 31.65 3.07
CA LEU E 92 -31.68 31.75 3.89
C LEU E 92 -32.93 31.67 3.03
N ALA E 93 -33.00 32.42 1.94
CA ALA E 93 -34.16 32.35 1.08
C ALA E 93 -34.20 31.01 0.34
N SER E 94 -33.14 30.21 0.46
CA SER E 94 -33.08 28.92 -0.20
C SER E 94 -33.62 27.80 0.67
N HIS E 95 -32.97 27.51 1.79
CA HIS E 95 -33.28 26.29 2.54
C HIS E 95 -33.68 26.50 4.00
N LEU E 96 -34.10 27.69 4.39
CA LEU E 96 -34.62 27.89 5.75
C LEU E 96 -35.87 28.73 5.78
N GLU E 97 -36.51 28.98 4.63
CA GLU E 97 -37.61 29.93 4.56
C GLU E 97 -38.76 29.34 3.74
N GLY E 98 -39.89 29.11 4.41
CA GLY E 98 -41.16 28.99 3.72
C GLY E 98 -42.30 29.52 4.56
N LEU E 99 -42.98 30.57 4.06
CA LEU E 99 -44.08 31.24 4.76
C LEU E 99 -43.78 31.48 6.24
N PRO E 100 -42.91 32.45 6.59
CA PRO E 100 -42.74 32.82 8.01
C PRO E 100 -43.91 33.62 8.55
N SER E 101 -44.39 34.55 7.73
CA SER E 101 -45.69 35.20 7.91
C SER E 101 -46.10 35.74 6.55
N GLY E 102 -47.11 35.12 5.94
CA GLY E 102 -47.43 35.43 4.56
C GLY E 102 -47.87 36.86 4.31
N LEU E 103 -47.03 37.63 3.62
CA LEU E 103 -47.38 38.95 3.11
C LEU E 103 -47.64 39.95 4.25
N LYS E 104 -46.55 40.31 4.92
CA LYS E 104 -46.53 41.44 5.86
C LYS E 104 -45.27 42.24 5.65
N LEU E 105 -45.39 43.57 5.53
CA LEU E 105 -44.22 44.41 5.34
C LEU E 105 -44.55 45.84 5.78
N GLU E 106 -43.99 46.26 6.90
CA GLU E 106 -44.10 47.64 7.38
C GLU E 106 -42.69 48.12 7.72
N VAL E 107 -41.97 48.63 6.73
CA VAL E 107 -40.66 49.25 6.92
C VAL E 107 -40.81 50.73 6.59
N ALA E 108 -41.09 51.54 7.60
CA ALA E 108 -41.50 52.92 7.38
C ALA E 108 -40.34 53.74 6.85
N ILE E 109 -40.60 55.03 6.66
CA ILE E 109 -39.60 55.99 6.19
C ILE E 109 -39.61 57.14 7.18
N GLY E 110 -38.82 57.02 8.25
CA GLY E 110 -38.65 58.07 9.22
C GLY E 110 -39.94 58.66 9.74
N ASP E 111 -40.69 57.88 10.51
CA ASP E 111 -41.96 58.30 11.10
C ASP E 111 -42.98 58.69 10.02
N ASP E 112 -42.87 58.09 8.84
CA ASP E 112 -43.90 58.18 7.81
C ASP E 112 -44.22 56.77 7.36
N ALA E 113 -45.51 56.44 7.32
CA ALA E 113 -45.94 55.09 7.02
C ALA E 113 -46.23 54.86 5.54
N LYS E 114 -45.98 55.86 4.69
CA LYS E 114 -46.34 55.75 3.28
C LYS E 114 -45.40 54.82 2.53
N ILE E 115 -44.10 55.14 2.51
CA ILE E 115 -43.16 54.35 1.75
C ILE E 115 -42.90 53.03 2.47
N LEU E 116 -43.72 52.02 2.16
CA LEU E 116 -43.62 50.73 2.81
C LEU E 116 -43.59 49.63 1.75
N ARG E 117 -42.89 48.55 2.06
CA ARG E 117 -42.76 47.43 1.14
C ARG E 117 -44.11 46.76 0.92
N GLY E 118 -44.30 46.23 -0.28
CA GLY E 118 -45.58 45.68 -0.64
C GLY E 118 -45.88 44.31 -0.06
N PHE E 119 -44.92 43.70 0.62
CA PHE E 119 -45.09 42.36 1.19
C PHE E 119 -45.44 41.35 0.10
N SER E 120 -44.47 41.12 -0.78
CA SER E 120 -44.64 40.16 -1.86
C SER E 120 -44.24 38.77 -1.39
N SER E 121 -44.20 37.82 -2.31
CA SER E 121 -43.74 36.49 -1.99
C SER E 121 -42.23 36.49 -1.83
N ASN E 122 -41.74 35.49 -1.08
CA ASN E 122 -40.33 35.41 -0.73
C ASN E 122 -39.52 34.55 -1.70
N GLY E 123 -39.97 34.46 -2.94
CA GLY E 123 -39.26 33.65 -3.91
C GLY E 123 -37.92 34.25 -4.29
N LYS E 124 -37.09 33.42 -4.93
CA LYS E 124 -35.78 33.86 -5.36
C LYS E 124 -35.90 35.05 -6.28
N MET E 125 -35.30 36.17 -5.87
CA MET E 125 -35.34 37.45 -6.60
C MET E 125 -36.77 37.98 -6.69
N VAL E 126 -37.71 37.27 -6.08
CA VAL E 126 -39.09 37.76 -6.03
C VAL E 126 -39.25 38.73 -4.87
N GLU E 127 -39.02 38.25 -3.64
CA GLU E 127 -38.87 39.17 -2.52
C GLU E 127 -37.68 40.08 -2.73
N GLY E 128 -36.65 39.60 -3.43
CA GLY E 128 -35.56 40.47 -3.80
C GLY E 128 -36.01 41.64 -4.66
N ASP E 129 -36.86 41.35 -5.65
CA ASP E 129 -37.41 42.43 -6.47
C ASP E 129 -38.32 43.35 -5.67
N GLN E 130 -39.14 42.77 -4.78
CA GLN E 130 -40.02 43.59 -3.95
C GLN E 130 -39.21 44.53 -3.07
N LEU E 131 -38.14 44.01 -2.47
CA LEU E 131 -37.29 44.84 -1.63
C LEU E 131 -36.51 45.87 -2.46
N LYS E 132 -36.12 45.53 -3.69
CA LYS E 132 -35.47 46.51 -4.55
C LYS E 132 -36.40 47.66 -4.88
N THR E 133 -37.64 47.35 -5.24
CA THR E 133 -38.61 48.41 -5.52
C THR E 133 -38.91 49.22 -4.27
N MET E 134 -39.04 48.55 -3.12
CA MET E 134 -39.31 49.24 -1.87
C MET E 134 -38.16 50.13 -1.45
N ASP E 135 -36.92 49.66 -1.64
CA ASP E 135 -35.76 50.49 -1.32
C ASP E 135 -35.66 51.66 -2.29
N GLY E 136 -35.99 51.45 -3.57
CA GLY E 136 -36.02 52.56 -4.49
C GLY E 136 -37.03 53.61 -4.09
N LEU E 137 -38.23 53.18 -3.69
CA LEU E 137 -39.24 54.11 -3.22
C LEU E 137 -38.80 54.81 -1.94
N LEU E 138 -38.13 54.07 -1.05
CA LEU E 138 -37.59 54.70 0.16
C LEU E 138 -36.56 55.74 -0.21
N GLU E 139 -35.78 55.49 -1.25
CA GLU E 139 -34.86 56.50 -1.75
C GLU E 139 -35.63 57.69 -2.31
N GLY E 140 -36.75 57.43 -2.97
CA GLY E 140 -37.58 58.51 -3.47
C GLY E 140 -38.08 59.40 -2.34
N TRP E 141 -38.47 58.77 -1.24
CA TRP E 141 -38.82 59.53 -0.05
C TRP E 141 -37.62 60.28 0.50
N LEU E 142 -36.45 59.63 0.51
CA LEU E 142 -35.20 60.25 0.93
C LEU E 142 -34.07 59.38 0.39
N ALA E 143 -33.28 59.91 -0.55
CA ALA E 143 -32.30 59.10 -1.26
C ALA E 143 -31.13 58.74 -0.33
N LYS E 144 -30.18 57.99 -0.89
CA LYS E 144 -29.06 57.45 -0.11
C LYS E 144 -28.23 58.55 0.50
N ASN E 145 -28.32 58.71 1.82
CA ASN E 145 -27.52 59.70 2.53
C ASN E 145 -26.08 59.24 2.60
N SER E 146 -25.16 60.11 2.18
CA SER E 146 -23.74 59.77 2.14
C SER E 146 -23.23 59.66 3.56
N LEU E 147 -23.13 58.44 4.06
CA LEU E 147 -22.63 58.21 5.42
C LEU E 147 -21.14 57.90 5.43
N ALA E 148 -20.72 56.83 4.78
CA ALA E 148 -19.34 56.39 4.78
C ALA E 148 -19.23 55.26 3.76
N ILE E 149 -18.10 54.55 3.81
CA ILE E 149 -17.83 53.43 2.91
C ILE E 149 -16.95 52.41 3.64
N SER E 150 -16.78 51.26 3.00
CA SER E 150 -15.79 50.28 3.40
C SER E 150 -15.55 49.41 2.17
N GLY E 151 -14.51 49.74 1.41
CA GLY E 151 -14.53 49.33 0.01
C GLY E 151 -15.70 50.05 -0.63
N GLY E 152 -16.54 49.30 -1.33
CA GLY E 152 -17.75 49.91 -1.85
C GLY E 152 -18.90 49.73 -0.87
N ALA E 153 -19.19 50.76 -0.07
CA ALA E 153 -20.29 50.68 0.89
C ALA E 153 -20.97 52.02 1.03
N VAL E 154 -22.30 51.98 1.17
CA VAL E 154 -23.10 53.17 1.39
C VAL E 154 -24.10 52.85 2.48
N VAL E 155 -24.33 53.80 3.36
CA VAL E 155 -24.99 53.53 4.62
C VAL E 155 -26.10 54.52 4.90
N LYS E 156 -27.16 54.01 5.54
CA LYS E 156 -28.11 54.78 6.32
C LYS E 156 -28.11 54.10 7.68
N ILE E 157 -27.17 54.48 8.55
CA ILE E 157 -26.90 53.72 9.76
C ILE E 157 -28.16 53.63 10.62
N ASP E 158 -28.64 54.77 11.11
CA ASP E 158 -29.92 54.82 11.80
C ASP E 158 -31.04 55.08 10.79
N ASN E 159 -31.17 54.15 9.85
CA ASN E 159 -32.21 54.23 8.85
C ASN E 159 -33.58 54.08 9.50
N THR E 160 -34.62 54.17 8.69
CA THR E 160 -35.98 54.27 9.19
C THR E 160 -36.44 53.08 10.01
N GLY E 161 -36.59 51.91 9.39
CA GLY E 161 -37.14 50.76 10.07
C GLY E 161 -36.45 49.48 9.65
N ASN E 162 -36.34 48.55 10.60
CA ASN E 162 -35.59 47.32 10.38
C ASN E 162 -36.47 46.13 10.03
N GLN E 163 -37.56 45.92 10.76
CA GLN E 163 -38.35 44.70 10.65
C GLN E 163 -39.50 44.88 9.67
N THR E 164 -39.61 43.95 8.71
CA THR E 164 -40.65 44.00 7.69
C THR E 164 -41.60 42.82 7.77
N LYS E 165 -41.10 41.60 7.66
CA LYS E 165 -41.92 40.38 7.74
C LYS E 165 -41.35 39.55 8.88
N VAL E 166 -41.88 39.75 10.09
CA VAL E 166 -41.21 39.29 11.30
C VAL E 166 -42.06 38.26 12.03
N ASP E 167 -41.38 37.42 12.78
CA ASP E 167 -41.92 36.29 13.53
C ASP E 167 -40.78 35.69 14.34
N PRO E 168 -41.07 34.82 15.32
CA PRO E 168 -39.96 34.19 16.06
C PRO E 168 -39.01 33.39 15.18
N GLN E 169 -39.54 32.69 14.17
CA GLN E 169 -38.72 31.92 13.25
C GLN E 169 -38.47 32.66 11.94
N GLU E 170 -38.70 33.96 11.92
CA GLU E 170 -38.54 34.74 10.70
C GLU E 170 -37.13 35.26 10.52
N ILE E 171 -36.15 34.55 11.08
CA ILE E 171 -34.76 34.91 10.84
C ILE E 171 -34.46 34.89 9.35
N ARG E 172 -34.90 33.82 8.66
CA ARG E 172 -34.66 33.71 7.24
C ARG E 172 -35.23 34.91 6.49
N GLN E 173 -36.49 35.24 6.77
CA GLN E 173 -37.15 36.32 6.03
C GLN E 173 -36.52 37.68 6.31
N LEU E 174 -36.34 38.01 7.60
CA LEU E 174 -35.80 39.31 7.95
C LEU E 174 -34.38 39.48 7.40
N ILE E 175 -33.57 38.43 7.48
CA ILE E 175 -32.21 38.52 6.98
C ILE E 175 -32.20 38.62 5.46
N ASN E 176 -33.09 37.90 4.78
CA ASN E 176 -33.15 38.01 3.33
C ASN E 176 -33.51 39.43 2.93
N ASP E 177 -34.48 40.04 3.62
CA ASP E 177 -34.87 41.41 3.30
C ASP E 177 -33.71 42.37 3.55
N SER E 178 -33.01 42.20 4.67
CA SER E 178 -31.86 43.04 4.94
C SER E 178 -30.82 42.91 3.85
N GLU E 179 -30.59 41.70 3.35
CA GLU E 179 -29.58 41.51 2.32
C GLU E 179 -29.98 42.18 1.01
N LYS E 180 -31.22 41.96 0.57
CA LYS E 180 -31.63 42.52 -0.71
C LYS E 180 -31.81 44.03 -0.66
N GLY E 181 -31.96 44.61 0.53
CA GLY E 181 -31.95 46.06 0.65
C GLY E 181 -30.57 46.64 0.88
N VAL E 182 -29.67 45.86 1.49
CA VAL E 182 -28.32 46.33 1.77
C VAL E 182 -27.37 46.02 0.62
N ALA E 183 -27.85 45.36 -0.43
CA ALA E 183 -27.06 45.31 -1.65
C ALA E 183 -26.66 46.73 -2.07
N LYS E 184 -27.53 47.70 -1.84
CA LYS E 184 -27.23 49.10 -2.06
C LYS E 184 -27.25 49.93 -0.77
N TYR E 185 -28.36 49.93 -0.03
CA TYR E 185 -28.50 50.78 1.16
C TYR E 185 -28.43 49.90 2.40
N PHE E 186 -27.33 50.00 3.14
CA PHE E 186 -27.07 49.18 4.32
C PHE E 186 -27.07 50.04 5.57
N ALA E 187 -27.83 49.62 6.58
CA ALA E 187 -27.79 50.27 7.88
C ALA E 187 -26.61 49.81 8.70
N ASP E 188 -25.64 49.17 8.07
CA ASP E 188 -24.40 48.70 8.70
C ASP E 188 -24.69 47.61 9.73
N LYS E 189 -25.36 46.54 9.28
CA LYS E 189 -25.42 45.30 10.05
C LYS E 189 -24.29 44.40 9.56
N GLY E 190 -23.06 44.88 9.75
CA GLY E 190 -21.87 44.19 9.29
C GLY E 190 -20.78 44.11 10.34
N VAL E 191 -20.36 42.88 10.64
CA VAL E 191 -19.42 42.61 11.73
C VAL E 191 -18.39 41.59 11.27
N GLY E 192 -17.63 41.05 12.21
CA GLY E 192 -16.63 40.04 11.89
C GLY E 192 -15.94 39.43 13.08
ZN ZN F . -16.06 1.78 -20.06
#